data_1IDA
# 
_entry.id   1IDA 
# 
_audit_conform.dict_name       mmcif_pdbx.dic 
_audit_conform.dict_version    5.386 
_audit_conform.dict_location   http://mmcif.pdb.org/dictionaries/ascii/mmcif_pdbx.dic 
# 
loop_
_database_2.database_id 
_database_2.database_code 
_database_2.pdbx_database_accession 
_database_2.pdbx_DOI 
PDB   1IDA         pdb_00001ida 10.2210/pdb1ida/pdb 
WWPDB D_1000174106 ?            ?                   
# 
loop_
_pdbx_audit_revision_history.ordinal 
_pdbx_audit_revision_history.data_content_type 
_pdbx_audit_revision_history.major_revision 
_pdbx_audit_revision_history.minor_revision 
_pdbx_audit_revision_history.revision_date 
1 'Structure model' 1 0 1995-01-26 
2 'Structure model' 1 1 2008-05-22 
3 'Structure model' 1 2 2011-07-13 
4 'Structure model' 1 3 2012-12-12 
5 'Structure model' 1 4 2019-07-17 
6 'Structure model' 1 5 2019-08-14 
7 'Structure model' 1 6 2024-02-07 
# 
_pdbx_audit_revision_details.ordinal             1 
_pdbx_audit_revision_details.revision_ordinal    1 
_pdbx_audit_revision_details.data_content_type   'Structure model' 
_pdbx_audit_revision_details.provider            repository 
_pdbx_audit_revision_details.type                'Initial release' 
_pdbx_audit_revision_details.description         ? 
_pdbx_audit_revision_details.details             ? 
# 
loop_
_pdbx_audit_revision_group.ordinal 
_pdbx_audit_revision_group.revision_ordinal 
_pdbx_audit_revision_group.data_content_type 
_pdbx_audit_revision_group.group 
1  2 'Structure model' 'Version format compliance' 
2  3 'Structure model' 'Atomic model'              
3  3 'Structure model' 'Database references'       
4  3 'Structure model' 'Derived calculations'      
5  3 'Structure model' 'Non-polymer description'   
6  3 'Structure model' 'Source and taxonomy'       
7  3 'Structure model' 'Structure summary'         
8  3 'Structure model' 'Version format compliance' 
9  4 'Structure model' Other                       
10 5 'Structure model' 'Data collection'           
11 5 'Structure model' Other                       
12 5 'Structure model' 'Refinement description'    
13 6 'Structure model' 'Data collection'           
14 6 'Structure model' 'Refinement description'    
15 7 'Structure model' 'Data collection'           
16 7 'Structure model' 'Database references'       
17 7 'Structure model' 'Derived calculations'      
# 
loop_
_pdbx_audit_revision_category.ordinal 
_pdbx_audit_revision_category.revision_ordinal 
_pdbx_audit_revision_category.data_content_type 
_pdbx_audit_revision_category.category 
1 5 'Structure model' pdbx_database_status 
2 5 'Structure model' software             
3 6 'Structure model' software             
4 7 'Structure model' chem_comp_atom       
5 7 'Structure model' chem_comp_bond       
6 7 'Structure model' database_2           
7 7 'Structure model' struct_site          
# 
loop_
_pdbx_audit_revision_item.ordinal 
_pdbx_audit_revision_item.revision_ordinal 
_pdbx_audit_revision_item.data_content_type 
_pdbx_audit_revision_item.item 
1 5 'Structure model' '_pdbx_database_status.process_site'  
2 5 'Structure model' '_software.classification'            
3 6 'Structure model' '_software.classification'            
4 7 'Structure model' '_database_2.pdbx_DOI'                
5 7 'Structure model' '_database_2.pdbx_database_accession' 
6 7 'Structure model' '_struct_site.pdbx_auth_asym_id'      
7 7 'Structure model' '_struct_site.pdbx_auth_comp_id'      
8 7 'Structure model' '_struct_site.pdbx_auth_seq_id'       
# 
_pdbx_database_status.status_code                     REL 
_pdbx_database_status.entry_id                        1IDA 
_pdbx_database_status.recvd_initial_deposition_date   1994-10-19 
_pdbx_database_status.deposit_site                    ? 
_pdbx_database_status.process_site                    BNL 
_pdbx_database_status.SG_entry                        . 
_pdbx_database_status.status_code_sf                  ? 
_pdbx_database_status.status_code_mr                  ? 
_pdbx_database_status.pdb_format_compatible           Y 
_pdbx_database_status.status_code_cs                  ? 
_pdbx_database_status.methods_development_category    ? 
_pdbx_database_status.status_code_nmr_data            ? 
# 
_pdbx_database_related.db_name        PDB 
_pdbx_database_related.db_id          1IDB 
_pdbx_database_related.details        . 
_pdbx_database_related.content_type   unspecified 
# 
loop_
_audit_author.name 
_audit_author.pdbx_ordinal 
'Tong, L.'       1 
'Anderson, P.C.' 2 
# 
loop_
_citation.id 
_citation.title 
_citation.journal_abbrev 
_citation.journal_volume 
_citation.page_first 
_citation.page_last 
_citation.year 
_citation.journal_id_ASTM 
_citation.country 
_citation.journal_id_ISSN 
_citation.journal_id_CSD 
_citation.book_publisher 
_citation.pdbx_database_id_PubMed 
_citation.pdbx_database_id_DOI 
primary 'Crystal structures of HIV-2 protease in complex with inhibitors containing the hydroxyethylamine dipeptide isostere.' 
Structure              3  33   40 1995 STRUE6 UK 0969-2126 2005 ? 7743130 '10.1016/S0969-2126(01)00133-2' 
1       
;Crystal Structure of Human Immunodeficiency Virus (HIV) Type 2 Protease in Complex with a Reduced Amide Inhibitor and Comparison with HIV-1 Protease Structures
;
Proc.Natl.Acad.Sci.USA 90 8387 ?  1993 PNASA6 US 0027-8424 0040 ? ?       ?                               
# 
loop_
_citation_author.citation_id 
_citation_author.name 
_citation_author.ordinal 
_citation_author.identifier_ORCID 
primary 'Tong, L.'       1  ? 
primary 'Pav, S.'        2  ? 
primary 'Mui, S.'        3  ? 
primary 'Lamarre, D.'    4  ? 
primary 'Yoakim, C.'     5  ? 
primary 'Beaulieu, P.'   6  ? 
primary 'Anderson, P.C.' 7  ? 
1       'Tong, L.'       8  ? 
1       'Pav, S.'        9  ? 
1       'Pargellis, C.'  10 ? 
1       'Do, F.'         11 ? 
1       'Lamarre, D.'    12 ? 
1       'Anderson, P.C.' 13 ? 
# 
loop_
_entity.id 
_entity.type 
_entity.src_method 
_entity.pdbx_description 
_entity.formula_weight 
_entity.pdbx_number_of_molecules 
_entity.pdbx_ec 
_entity.pdbx_mutation 
_entity.pdbx_fragment 
_entity.details 
1 polymer     man Protease 10728.337 2   3.4.23.47 ? 'rsidues 514-622' ? 
2 non-polymer syn 
;N-[(1R)-1-{[(1S,2S)-1-benzyl-3-{(2R,4S)-2-(tert-butylcarbamoyl)-4-[(pyridin-3-ylmethyl)sulfanyl]piperidin-1-yl}-2-hydroxypropyl]carbamoyl}-2-methylpropyl]quinoline-2-carboxamide
;
724.954   1   ?         ? ?                 ? 
3 water       nat water 18.015    113 ?         ? ?                 ? 
# 
_entity_name_com.entity_id   1 
_entity_name_com.name        'Retropepsin, PR' 
# 
_entity_poly.entity_id                      1 
_entity_poly.type                           'polypeptide(L)' 
_entity_poly.nstd_linkage                   no 
_entity_poly.nstd_monomer                   no 
_entity_poly.pdbx_seq_one_letter_code       
;PQFSLWKRPVVTAYIEGQPVEVLLDTGADDSIVAGIELGNNYSPKIVGGIGGFINTKEYKNVEIEVLNKKVRATIMTGDT
PINIFGRNILTALGMSLNL
;
_entity_poly.pdbx_seq_one_letter_code_can   
;PQFSLWKRPVVTAYIEGQPVEVLLDTGADDSIVAGIELGNNYSPKIVGGIGGFINTKEYKNVEIEVLNKKVRATIMTGDT
PINIFGRNILTALGMSLNL
;
_entity_poly.pdbx_strand_id                 A,B 
_entity_poly.pdbx_target_identifier         ? 
# 
loop_
_pdbx_entity_nonpoly.entity_id 
_pdbx_entity_nonpoly.name 
_pdbx_entity_nonpoly.comp_id 
2 
;N-[(1R)-1-{[(1S,2S)-1-benzyl-3-{(2R,4S)-2-(tert-butylcarbamoyl)-4-[(pyridin-3-ylmethyl)sulfanyl]piperidin-1-yl}-2-hydroxypropyl]carbamoyl}-2-methylpropyl]quinoline-2-carboxamide
;
0PO 
3 water HOH 
# 
loop_
_entity_poly_seq.entity_id 
_entity_poly_seq.num 
_entity_poly_seq.mon_id 
_entity_poly_seq.hetero 
1 1  PRO n 
1 2  GLN n 
1 3  PHE n 
1 4  SER n 
1 5  LEU n 
1 6  TRP n 
1 7  LYS n 
1 8  ARG n 
1 9  PRO n 
1 10 VAL n 
1 11 VAL n 
1 12 THR n 
1 13 ALA n 
1 14 TYR n 
1 15 ILE n 
1 16 GLU n 
1 17 GLY n 
1 18 GLN n 
1 19 PRO n 
1 20 VAL n 
1 21 GLU n 
1 22 VAL n 
1 23 LEU n 
1 24 LEU n 
1 25 ASP n 
1 26 THR n 
1 27 GLY n 
1 28 ALA n 
1 29 ASP n 
1 30 ASP n 
1 31 SER n 
1 32 ILE n 
1 33 VAL n 
1 34 ALA n 
1 35 GLY n 
1 36 ILE n 
1 37 GLU n 
1 38 LEU n 
1 39 GLY n 
1 40 ASN n 
1 41 ASN n 
1 42 TYR n 
1 43 SER n 
1 44 PRO n 
1 45 LYS n 
1 46 ILE n 
1 47 VAL n 
1 48 GLY n 
1 49 GLY n 
1 50 ILE n 
1 51 GLY n 
1 52 GLY n 
1 53 PHE n 
1 54 ILE n 
1 55 ASN n 
1 56 THR n 
1 57 LYS n 
1 58 GLU n 
1 59 TYR n 
1 60 LYS n 
1 61 ASN n 
1 62 VAL n 
1 63 GLU n 
1 64 ILE n 
1 65 GLU n 
1 66 VAL n 
1 67 LEU n 
1 68 ASN n 
1 69 LYS n 
1 70 LYS n 
1 71 VAL n 
1 72 ARG n 
1 73 ALA n 
1 74 THR n 
1 75 ILE n 
1 76 MET n 
1 77 THR n 
1 78 GLY n 
1 79 ASP n 
1 80 THR n 
1 81 PRO n 
1 82 ILE n 
1 83 ASN n 
1 84 ILE n 
1 85 PHE n 
1 86 GLY n 
1 87 ARG n 
1 88 ASN n 
1 89 ILE n 
1 90 LEU n 
1 91 THR n 
1 92 ALA n 
1 93 LEU n 
1 94 GLY n 
1 95 MET n 
1 96 SER n 
1 97 LEU n 
1 98 ASN n 
1 99 LEU n 
# 
_entity_src_gen.entity_id                          1 
_entity_src_gen.pdbx_src_id                        1 
_entity_src_gen.pdbx_alt_source_flag               sample 
_entity_src_gen.pdbx_seq_type                      ? 
_entity_src_gen.pdbx_beg_seq_num                   ? 
_entity_src_gen.pdbx_end_seq_num                   ? 
_entity_src_gen.gene_src_common_name               HIV-2 
_entity_src_gen.gene_src_genus                     Lentivirus 
_entity_src_gen.pdbx_gene_src_gene                 gag-pol 
_entity_src_gen.gene_src_species                   ? 
_entity_src_gen.gene_src_strain                    ? 
_entity_src_gen.gene_src_tissue                    ? 
_entity_src_gen.gene_src_tissue_fraction           ? 
_entity_src_gen.gene_src_details                   ? 
_entity_src_gen.pdbx_gene_src_fragment             ? 
_entity_src_gen.pdbx_gene_src_scientific_name      'Human immunodeficiency virus type 2' 
_entity_src_gen.pdbx_gene_src_ncbi_taxonomy_id     11709 
_entity_src_gen.pdbx_gene_src_variant              ? 
_entity_src_gen.pdbx_gene_src_cell_line            ? 
_entity_src_gen.pdbx_gene_src_atcc                 ? 
_entity_src_gen.pdbx_gene_src_organ                ? 
_entity_src_gen.pdbx_gene_src_organelle            ? 
_entity_src_gen.pdbx_gene_src_cell                 ? 
_entity_src_gen.pdbx_gene_src_cellular_location    ? 
_entity_src_gen.host_org_common_name               ? 
_entity_src_gen.pdbx_host_org_scientific_name      'Escherichia coli' 
_entity_src_gen.pdbx_host_org_ncbi_taxonomy_id     562 
_entity_src_gen.host_org_genus                     Escherichia 
_entity_src_gen.pdbx_host_org_gene                 ? 
_entity_src_gen.pdbx_host_org_organ                ? 
_entity_src_gen.host_org_species                   ? 
_entity_src_gen.pdbx_host_org_tissue               ? 
_entity_src_gen.pdbx_host_org_tissue_fraction      ? 
_entity_src_gen.pdbx_host_org_strain               ? 
_entity_src_gen.pdbx_host_org_variant              ? 
_entity_src_gen.pdbx_host_org_cell_line            ? 
_entity_src_gen.pdbx_host_org_atcc                 ? 
_entity_src_gen.pdbx_host_org_culture_collection   ? 
_entity_src_gen.pdbx_host_org_cell                 ? 
_entity_src_gen.pdbx_host_org_organelle            ? 
_entity_src_gen.pdbx_host_org_cellular_location    ? 
_entity_src_gen.pdbx_host_org_vector_type          ? 
_entity_src_gen.pdbx_host_org_vector               ? 
_entity_src_gen.host_org_details                   ? 
_entity_src_gen.expression_system_id               ? 
_entity_src_gen.plasmid_name                       ? 
_entity_src_gen.plasmid_details                    ? 
_entity_src_gen.pdbx_description                   ? 
# 
loop_
_chem_comp.id 
_chem_comp.type 
_chem_comp.mon_nstd_flag 
_chem_comp.name 
_chem_comp.pdbx_synonyms 
_chem_comp.formula 
_chem_comp.formula_weight 
0PO peptide-like        . 
;N-[(1R)-1-{[(1S,2S)-1-benzyl-3-{(2R,4S)-2-(tert-butylcarbamoyl)-4-[(pyridin-3-ylmethyl)sulfanyl]piperidin-1-yl}-2-hydroxypropyl]carbamoyl}-2-methylpropyl]quinoline-2-carboxamide
;
? 'C41 H52 N6 O4 S' 724.954 
ALA 'L-peptide linking' y ALANINE ? 'C3 H7 N O2'      89.093  
ARG 'L-peptide linking' y ARGININE ? 'C6 H15 N4 O2 1'  175.209 
ASN 'L-peptide linking' y ASPARAGINE ? 'C4 H8 N2 O3'     132.118 
ASP 'L-peptide linking' y 'ASPARTIC ACID' ? 'C4 H7 N O4'      133.103 
GLN 'L-peptide linking' y GLUTAMINE ? 'C5 H10 N2 O3'    146.144 
GLU 'L-peptide linking' y 'GLUTAMIC ACID' ? 'C5 H9 N O4'      147.129 
GLY 'peptide linking'   y GLYCINE ? 'C2 H5 N O2'      75.067  
HOH non-polymer         . WATER ? 'H2 O'            18.015  
ILE 'L-peptide linking' y ISOLEUCINE ? 'C6 H13 N O2'     131.173 
LEU 'L-peptide linking' y LEUCINE ? 'C6 H13 N O2'     131.173 
LYS 'L-peptide linking' y LYSINE ? 'C6 H15 N2 O2 1'  147.195 
MET 'L-peptide linking' y METHIONINE ? 'C5 H11 N O2 S'   149.211 
PHE 'L-peptide linking' y PHENYLALANINE ? 'C9 H11 N O2'     165.189 
PRO 'L-peptide linking' y PROLINE ? 'C5 H9 N O2'      115.130 
SER 'L-peptide linking' y SERINE ? 'C3 H7 N O3'      105.093 
THR 'L-peptide linking' y THREONINE ? 'C4 H9 N O3'      119.119 
TRP 'L-peptide linking' y TRYPTOPHAN ? 'C11 H12 N2 O2'   204.225 
TYR 'L-peptide linking' y TYROSINE ? 'C9 H11 N O3'     181.189 
VAL 'L-peptide linking' y VALINE ? 'C5 H11 N O2'     117.146 
# 
loop_
_pdbx_poly_seq_scheme.asym_id 
_pdbx_poly_seq_scheme.entity_id 
_pdbx_poly_seq_scheme.seq_id 
_pdbx_poly_seq_scheme.mon_id 
_pdbx_poly_seq_scheme.ndb_seq_num 
_pdbx_poly_seq_scheme.pdb_seq_num 
_pdbx_poly_seq_scheme.auth_seq_num 
_pdbx_poly_seq_scheme.pdb_mon_id 
_pdbx_poly_seq_scheme.auth_mon_id 
_pdbx_poly_seq_scheme.pdb_strand_id 
_pdbx_poly_seq_scheme.pdb_ins_code 
_pdbx_poly_seq_scheme.hetero 
A 1 1  PRO 1  1  1  PRO PRO A . n 
A 1 2  GLN 2  2  2  GLN GLN A . n 
A 1 3  PHE 3  3  3  PHE PHE A . n 
A 1 4  SER 4  4  4  SER SER A . n 
A 1 5  LEU 5  5  5  LEU LEU A . n 
A 1 6  TRP 6  6  6  TRP TRP A . n 
A 1 7  LYS 7  7  7  LYS LYS A . n 
A 1 8  ARG 8  8  8  ARG ARG A . n 
A 1 9  PRO 9  9  9  PRO PRO A . n 
A 1 10 VAL 10 10 10 VAL VAL A . n 
A 1 11 VAL 11 11 11 VAL VAL A . n 
A 1 12 THR 12 12 12 THR THR A . n 
A 1 13 ALA 13 13 13 ALA ALA A . n 
A 1 14 TYR 14 14 14 TYR TYR A . n 
A 1 15 ILE 15 15 15 ILE ILE A . n 
A 1 16 GLU 16 16 16 GLU GLU A . n 
A 1 17 GLY 17 17 17 GLY GLY A . n 
A 1 18 GLN 18 18 18 GLN GLN A . n 
A 1 19 PRO 19 19 19 PRO PRO A . n 
A 1 20 VAL 20 20 20 VAL VAL A . n 
A 1 21 GLU 21 21 21 GLU GLU A . n 
A 1 22 VAL 22 22 22 VAL VAL A . n 
A 1 23 LEU 23 23 23 LEU LEU A . n 
A 1 24 LEU 24 24 24 LEU LEU A . n 
A 1 25 ASP 25 25 25 ASP ASP A . n 
A 1 26 THR 26 26 26 THR THR A . n 
A 1 27 GLY 27 27 27 GLY GLY A . n 
A 1 28 ALA 28 28 28 ALA ALA A . n 
A 1 29 ASP 29 29 29 ASP ASP A . n 
A 1 30 ASP 30 30 30 ASP ASP A . n 
A 1 31 SER 31 31 31 SER SER A . n 
A 1 32 ILE 32 32 32 ILE ILE A . n 
A 1 33 VAL 33 33 33 VAL VAL A . n 
A 1 34 ALA 34 34 34 ALA ALA A . n 
A 1 35 GLY 35 35 35 GLY GLY A . n 
A 1 36 ILE 36 36 36 ILE ILE A . n 
A 1 37 GLU 37 37 37 GLU GLU A . n 
A 1 38 LEU 38 38 38 LEU LEU A . n 
A 1 39 GLY 39 39 39 GLY GLY A . n 
A 1 40 ASN 40 40 40 ASN ASN A . n 
A 1 41 ASN 41 41 41 ASN ASN A . n 
A 1 42 TYR 42 42 42 TYR TYR A . n 
A 1 43 SER 43 43 43 SER SER A . n 
A 1 44 PRO 44 44 44 PRO PRO A . n 
A 1 45 LYS 45 45 45 LYS LYS A . n 
A 1 46 ILE 46 46 46 ILE ILE A . n 
A 1 47 VAL 47 47 47 VAL VAL A . n 
A 1 48 GLY 48 48 48 GLY GLY A . n 
A 1 49 GLY 49 49 49 GLY GLY A . n 
A 1 50 ILE 50 50 50 ILE ILE A . n 
A 1 51 GLY 51 51 51 GLY GLY A . n 
A 1 52 GLY 52 52 52 GLY GLY A . n 
A 1 53 PHE 53 53 53 PHE PHE A . n 
A 1 54 ILE 54 54 54 ILE ILE A . n 
A 1 55 ASN 55 55 55 ASN ASN A . n 
A 1 56 THR 56 56 56 THR THR A . n 
A 1 57 LYS 57 57 57 LYS LYS A . n 
A 1 58 GLU 58 58 58 GLU GLU A . n 
A 1 59 TYR 59 59 59 TYR TYR A . n 
A 1 60 LYS 60 60 60 LYS LYS A . n 
A 1 61 ASN 61 61 61 ASN ASN A . n 
A 1 62 VAL 62 62 62 VAL VAL A . n 
A 1 63 GLU 63 63 63 GLU GLU A . n 
A 1 64 ILE 64 64 64 ILE ILE A . n 
A 1 65 GLU 65 65 65 GLU GLU A . n 
A 1 66 VAL 66 66 66 VAL VAL A . n 
A 1 67 LEU 67 67 67 LEU LEU A . n 
A 1 68 ASN 68 68 68 ASN ASN A . n 
A 1 69 LYS 69 69 69 LYS LYS A . n 
A 1 70 LYS 70 70 70 LYS LYS A . n 
A 1 71 VAL 71 71 71 VAL VAL A . n 
A 1 72 ARG 72 72 72 ARG ARG A . n 
A 1 73 ALA 73 73 73 ALA ALA A . n 
A 1 74 THR 74 74 74 THR THR A . n 
A 1 75 ILE 75 75 75 ILE ILE A . n 
A 1 76 MET 76 76 76 MET MET A . n 
A 1 77 THR 77 77 77 THR THR A . n 
A 1 78 GLY 78 78 78 GLY GLY A . n 
A 1 79 ASP 79 79 79 ASP ASP A . n 
A 1 80 THR 80 80 80 THR THR A . n 
A 1 81 PRO 81 81 81 PRO PRO A . n 
A 1 82 ILE 82 82 82 ILE ILE A . n 
A 1 83 ASN 83 83 83 ASN ASN A . n 
A 1 84 ILE 84 84 84 ILE ILE A . n 
A 1 85 PHE 85 85 85 PHE PHE A . n 
A 1 86 GLY 86 86 86 GLY GLY A . n 
A 1 87 ARG 87 87 87 ARG ARG A . n 
A 1 88 ASN 88 88 88 ASN ASN A . n 
A 1 89 ILE 89 89 89 ILE ILE A . n 
A 1 90 LEU 90 90 90 LEU LEU A . n 
A 1 91 THR 91 91 91 THR THR A . n 
A 1 92 ALA 92 92 92 ALA ALA A . n 
A 1 93 LEU 93 93 93 LEU LEU A . n 
A 1 94 GLY 94 94 94 GLY GLY A . n 
A 1 95 MET 95 95 95 MET MET A . n 
A 1 96 SER 96 96 96 SER SER A . n 
A 1 97 LEU 97 97 97 LEU LEU A . n 
A 1 98 ASN 98 98 98 ASN ASN A . n 
A 1 99 LEU 99 99 99 LEU LEU A . n 
B 1 1  PRO 1  1  1  PRO PRO B . n 
B 1 2  GLN 2  2  2  GLN GLN B . n 
B 1 3  PHE 3  3  3  PHE PHE B . n 
B 1 4  SER 4  4  4  SER SER B . n 
B 1 5  LEU 5  5  5  LEU LEU B . n 
B 1 6  TRP 6  6  6  TRP TRP B . n 
B 1 7  LYS 7  7  7  LYS LYS B . n 
B 1 8  ARG 8  8  8  ARG ARG B . n 
B 1 9  PRO 9  9  9  PRO PRO B . n 
B 1 10 VAL 10 10 10 VAL VAL B . n 
B 1 11 VAL 11 11 11 VAL VAL B . n 
B 1 12 THR 12 12 12 THR THR B . n 
B 1 13 ALA 13 13 13 ALA ALA B . n 
B 1 14 TYR 14 14 14 TYR TYR B . n 
B 1 15 ILE 15 15 15 ILE ILE B . n 
B 1 16 GLU 16 16 16 GLU GLU B . n 
B 1 17 GLY 17 17 17 GLY GLY B . n 
B 1 18 GLN 18 18 18 GLN GLN B . n 
B 1 19 PRO 19 19 19 PRO PRO B . n 
B 1 20 VAL 20 20 20 VAL VAL B . n 
B 1 21 GLU 21 21 21 GLU GLU B . n 
B 1 22 VAL 22 22 22 VAL VAL B . n 
B 1 23 LEU 23 23 23 LEU LEU B . n 
B 1 24 LEU 24 24 24 LEU LEU B . n 
B 1 25 ASP 25 25 25 ASP ASP B . n 
B 1 26 THR 26 26 26 THR THR B . n 
B 1 27 GLY 27 27 27 GLY GLY B . n 
B 1 28 ALA 28 28 28 ALA ALA B . n 
B 1 29 ASP 29 29 29 ASP ASP B . n 
B 1 30 ASP 30 30 30 ASP ASP B . n 
B 1 31 SER 31 31 31 SER SER B . n 
B 1 32 ILE 32 32 32 ILE ILE B . n 
B 1 33 VAL 33 33 33 VAL VAL B . n 
B 1 34 ALA 34 34 34 ALA ALA B . n 
B 1 35 GLY 35 35 35 GLY GLY B . n 
B 1 36 ILE 36 36 36 ILE ILE B . n 
B 1 37 GLU 37 37 37 GLU GLU B . n 
B 1 38 LEU 38 38 38 LEU LEU B . n 
B 1 39 GLY 39 39 39 GLY GLY B . n 
B 1 40 ASN 40 40 40 ASN ASN B . n 
B 1 41 ASN 41 41 41 ASN ASN B . n 
B 1 42 TYR 42 42 42 TYR TYR B . n 
B 1 43 SER 43 43 43 SER SER B . n 
B 1 44 PRO 44 44 44 PRO PRO B . n 
B 1 45 LYS 45 45 45 LYS LYS B . n 
B 1 46 ILE 46 46 46 ILE ILE B . n 
B 1 47 VAL 47 47 47 VAL VAL B . n 
B 1 48 GLY 48 48 48 GLY GLY B . n 
B 1 49 GLY 49 49 49 GLY GLY B . n 
B 1 50 ILE 50 50 50 ILE ILE B . n 
B 1 51 GLY 51 51 51 GLY GLY B . n 
B 1 52 GLY 52 52 52 GLY GLY B . n 
B 1 53 PHE 53 53 53 PHE PHE B . n 
B 1 54 ILE 54 54 54 ILE ILE B . n 
B 1 55 ASN 55 55 55 ASN ASN B . n 
B 1 56 THR 56 56 56 THR THR B . n 
B 1 57 LYS 57 57 57 LYS LYS B . n 
B 1 58 GLU 58 58 58 GLU GLU B . n 
B 1 59 TYR 59 59 59 TYR TYR B . n 
B 1 60 LYS 60 60 60 LYS LYS B . n 
B 1 61 ASN 61 61 61 ASN ASN B . n 
B 1 62 VAL 62 62 62 VAL VAL B . n 
B 1 63 GLU 63 63 63 GLU GLU B . n 
B 1 64 ILE 64 64 64 ILE ILE B . n 
B 1 65 GLU 65 65 65 GLU GLU B . n 
B 1 66 VAL 66 66 66 VAL VAL B . n 
B 1 67 LEU 67 67 67 LEU LEU B . n 
B 1 68 ASN 68 68 68 ASN ASN B . n 
B 1 69 LYS 69 69 69 LYS LYS B . n 
B 1 70 LYS 70 70 70 LYS LYS B . n 
B 1 71 VAL 71 71 71 VAL VAL B . n 
B 1 72 ARG 72 72 72 ARG ARG B . n 
B 1 73 ALA 73 73 73 ALA ALA B . n 
B 1 74 THR 74 74 74 THR THR B . n 
B 1 75 ILE 75 75 75 ILE ILE B . n 
B 1 76 MET 76 76 76 MET MET B . n 
B 1 77 THR 77 77 77 THR THR B . n 
B 1 78 GLY 78 78 78 GLY GLY B . n 
B 1 79 ASP 79 79 79 ASP ASP B . n 
B 1 80 THR 80 80 80 THR THR B . n 
B 1 81 PRO 81 81 81 PRO PRO B . n 
B 1 82 ILE 82 82 82 ILE ILE B . n 
B 1 83 ASN 83 83 83 ASN ASN B . n 
B 1 84 ILE 84 84 84 ILE ILE B . n 
B 1 85 PHE 85 85 85 PHE PHE B . n 
B 1 86 GLY 86 86 86 GLY GLY B . n 
B 1 87 ARG 87 87 87 ARG ARG B . n 
B 1 88 ASN 88 88 88 ASN ASN B . n 
B 1 89 ILE 89 89 89 ILE ILE B . n 
B 1 90 LEU 90 90 90 LEU LEU B . n 
B 1 91 THR 91 91 91 THR THR B . n 
B 1 92 ALA 92 92 92 ALA ALA B . n 
B 1 93 LEU 93 93 93 LEU LEU B . n 
B 1 94 GLY 94 94 94 GLY GLY B . n 
B 1 95 MET 95 95 95 MET MET B . n 
B 1 96 SER 96 96 96 SER SER B . n 
B 1 97 LEU 97 97 97 LEU LEU B . n 
B 1 98 ASN 98 98 98 ASN ASN B . n 
B 1 99 LEU 99 99 99 LEU LEU B . n 
# 
loop_
_pdbx_nonpoly_scheme.asym_id 
_pdbx_nonpoly_scheme.entity_id 
_pdbx_nonpoly_scheme.mon_id 
_pdbx_nonpoly_scheme.ndb_seq_num 
_pdbx_nonpoly_scheme.pdb_seq_num 
_pdbx_nonpoly_scheme.auth_seq_num 
_pdbx_nonpoly_scheme.pdb_mon_id 
_pdbx_nonpoly_scheme.auth_mon_id 
_pdbx_nonpoly_scheme.pdb_strand_id 
_pdbx_nonpoly_scheme.pdb_ins_code 
C 2 0PO 1  100 1   0PO QND B . 
D 3 HOH 1  302 302 HOH HOH A . 
D 3 HOH 2  308 308 HOH HOH A . 
D 3 HOH 3  309 309 HOH HOH A . 
D 3 HOH 4  310 310 HOH HOH A . 
D 3 HOH 5  313 313 HOH HOH A . 
D 3 HOH 6  316 316 HOH HOH A . 
D 3 HOH 7  317 317 HOH HOH A . 
D 3 HOH 8  321 321 HOH HOH A . 
D 3 HOH 9  323 323 HOH HOH A . 
D 3 HOH 10 326 326 HOH HOH A . 
D 3 HOH 11 327 327 HOH HOH A . 
D 3 HOH 12 331 331 HOH HOH A . 
D 3 HOH 13 332 332 HOH HOH A . 
D 3 HOH 14 333 333 HOH HOH A . 
D 3 HOH 15 335 335 HOH HOH A . 
D 3 HOH 16 336 336 HOH HOH A . 
D 3 HOH 17 339 339 HOH HOH A . 
D 3 HOH 18 342 342 HOH HOH A . 
D 3 HOH 19 343 343 HOH HOH A . 
D 3 HOH 20 346 346 HOH HOH A . 
D 3 HOH 21 347 347 HOH HOH A . 
D 3 HOH 22 348 348 HOH HOH A . 
D 3 HOH 23 356 356 HOH HOH A . 
D 3 HOH 24 358 358 HOH HOH A . 
D 3 HOH 25 359 359 HOH HOH A . 
D 3 HOH 26 360 360 HOH HOH A . 
D 3 HOH 27 363 363 HOH HOH A . 
D 3 HOH 28 365 365 HOH HOH A . 
D 3 HOH 29 366 366 HOH HOH A . 
D 3 HOH 30 367 367 HOH HOH A . 
D 3 HOH 31 371 371 HOH HOH A . 
D 3 HOH 32 374 374 HOH HOH A . 
D 3 HOH 33 375 375 HOH HOH A . 
D 3 HOH 34 376 376 HOH HOH A . 
D 3 HOH 35 379 379 HOH HOH A . 
D 3 HOH 36 381 381 HOH HOH A . 
D 3 HOH 37 384 384 HOH HOH A . 
D 3 HOH 38 385 385 HOH HOH A . 
D 3 HOH 39 387 387 HOH HOH A . 
D 3 HOH 40 390 390 HOH HOH A . 
D 3 HOH 41 394 394 HOH HOH A . 
D 3 HOH 42 395 395 HOH HOH A . 
D 3 HOH 43 398 398 HOH HOH A . 
D 3 HOH 44 401 401 HOH HOH A . 
D 3 HOH 45 408 408 HOH HOH A . 
D 3 HOH 46 410 410 HOH HOH A . 
D 3 HOH 47 412 412 HOH HOH A . 
D 3 HOH 48 415 415 HOH HOH A . 
E 3 HOH 1  301 301 HOH HOH B . 
E 3 HOH 2  303 303 HOH HOH B . 
E 3 HOH 3  304 304 HOH HOH B . 
E 3 HOH 4  305 305 HOH HOH B . 
E 3 HOH 5  306 306 HOH HOH B . 
E 3 HOH 6  307 307 HOH HOH B . 
E 3 HOH 7  311 311 HOH HOH B . 
E 3 HOH 8  312 312 HOH HOH B . 
E 3 HOH 9  314 314 HOH HOH B . 
E 3 HOH 10 315 315 HOH HOH B . 
E 3 HOH 11 318 318 HOH HOH B . 
E 3 HOH 12 319 319 HOH HOH B . 
E 3 HOH 13 320 320 HOH HOH B . 
E 3 HOH 14 322 322 HOH HOH B . 
E 3 HOH 15 324 324 HOH HOH B . 
E 3 HOH 16 325 325 HOH HOH B . 
E 3 HOH 17 328 328 HOH HOH B . 
E 3 HOH 18 329 329 HOH HOH B . 
E 3 HOH 19 330 330 HOH HOH B . 
E 3 HOH 20 334 334 HOH HOH B . 
E 3 HOH 21 337 337 HOH HOH B . 
E 3 HOH 22 338 338 HOH HOH B . 
E 3 HOH 23 340 340 HOH HOH B . 
E 3 HOH 24 341 341 HOH HOH B . 
E 3 HOH 25 344 344 HOH HOH B . 
E 3 HOH 26 345 345 HOH HOH B . 
E 3 HOH 27 349 349 HOH HOH B . 
E 3 HOH 28 350 350 HOH HOH B . 
E 3 HOH 29 351 351 HOH HOH B . 
E 3 HOH 30 352 352 HOH HOH B . 
E 3 HOH 31 353 353 HOH HOH B . 
E 3 HOH 32 354 354 HOH HOH B . 
E 3 HOH 33 355 355 HOH HOH B . 
E 3 HOH 34 357 357 HOH HOH B . 
E 3 HOH 35 361 361 HOH HOH B . 
E 3 HOH 36 362 362 HOH HOH B . 
E 3 HOH 37 364 364 HOH HOH B . 
E 3 HOH 38 368 368 HOH HOH B . 
E 3 HOH 39 369 369 HOH HOH B . 
E 3 HOH 40 370 370 HOH HOH B . 
E 3 HOH 41 372 372 HOH HOH B . 
E 3 HOH 42 373 373 HOH HOH B . 
E 3 HOH 43 377 377 HOH HOH B . 
E 3 HOH 44 378 378 HOH HOH B . 
E 3 HOH 45 380 380 HOH HOH B . 
E 3 HOH 46 382 382 HOH HOH B . 
E 3 HOH 47 383 383 HOH HOH B . 
E 3 HOH 48 386 386 HOH HOH B . 
E 3 HOH 49 388 388 HOH HOH B . 
E 3 HOH 50 389 389 HOH HOH B . 
E 3 HOH 51 391 391 HOH HOH B . 
E 3 HOH 52 392 392 HOH HOH B . 
E 3 HOH 53 393 393 HOH HOH B . 
E 3 HOH 54 396 396 HOH HOH B . 
E 3 HOH 55 399 399 HOH HOH B . 
E 3 HOH 56 402 402 HOH HOH B . 
E 3 HOH 57 403 403 HOH HOH B . 
E 3 HOH 58 404 404 HOH HOH B . 
E 3 HOH 59 405 405 HOH HOH B . 
E 3 HOH 60 406 406 HOH HOH B . 
E 3 HOH 61 407 407 HOH HOH B . 
E 3 HOH 62 409 409 HOH HOH B . 
E 3 HOH 63 411 411 HOH HOH B . 
E 3 HOH 64 413 413 HOH HOH B . 
E 3 HOH 65 414 414 HOH HOH B . 
# 
loop_
_software.name 
_software.classification 
_software.version 
_software.citation_id 
_software.pdbx_ordinal 
X-PLOR 'model building' . ? 1 
TNT    refinement       . ? 2 
X-PLOR refinement       . ? 3 
X-PLOR phasing          . ? 4 
# 
_cell.entry_id           1IDA 
_cell.length_a           62.600 
_cell.length_b           62.600 
_cell.length_c           115.800 
_cell.angle_alpha        90.00 
_cell.angle_beta         90.00 
_cell.angle_gamma        90.00 
_cell.Z_PDB              16 
_cell.pdbx_unique_axis   ? 
_cell.length_a_esd       ? 
_cell.length_b_esd       ? 
_cell.length_c_esd       ? 
_cell.angle_alpha_esd    ? 
_cell.angle_beta_esd     ? 
_cell.angle_gamma_esd    ? 
# 
_symmetry.entry_id                         1IDA 
_symmetry.space_group_name_H-M             'P 43 21 2' 
_symmetry.pdbx_full_space_group_name_H-M   ? 
_symmetry.cell_setting                     ? 
_symmetry.Int_Tables_number                96 
_symmetry.space_group_name_Hall            ? 
# 
_exptl.entry_id          1IDA 
_exptl.method            'X-RAY DIFFRACTION' 
_exptl.crystals_number   ? 
# 
_exptl_crystal.id                    1 
_exptl_crystal.density_meas          ? 
_exptl_crystal.density_Matthews      2.64 
_exptl_crystal.density_percent_sol   53.45 
_exptl_crystal.description           ? 
_exptl_crystal.F_000                 ? 
_exptl_crystal.preparation           ? 
# 
_diffrn.id                     1 
_diffrn.ambient_temp           ? 
_diffrn.ambient_temp_details   ? 
_diffrn.crystal_id             1 
# 
_diffrn_radiation.diffrn_id                        1 
_diffrn_radiation.wavelength_id                    1 
_diffrn_radiation.pdbx_monochromatic_or_laue_m_l   ? 
_diffrn_radiation.monochromator                    ? 
_diffrn_radiation.pdbx_diffrn_protocol             ? 
_diffrn_radiation.pdbx_scattering_type             x-ray 
# 
_diffrn_radiation_wavelength.id           1 
_diffrn_radiation_wavelength.wavelength   . 
_diffrn_radiation_wavelength.wt           1.0 
# 
_refine.entry_id                                 1IDA 
_refine.ls_number_reflns_obs                     22017 
_refine.ls_number_reflns_all                     ? 
_refine.pdbx_ls_sigma_I                          ? 
_refine.pdbx_ls_sigma_F                          2.0 
_refine.pdbx_data_cutoff_high_absF               ? 
_refine.pdbx_data_cutoff_low_absF                ? 
_refine.pdbx_data_cutoff_high_rms_absF           ? 
_refine.ls_d_res_low                             6.0 
_refine.ls_d_res_high                            1.7 
_refine.ls_percent_reflns_obs                    ? 
_refine.ls_R_factor_obs                          0.1960000 
_refine.ls_R_factor_all                          ? 
_refine.ls_R_factor_R_work                       0.1960000 
_refine.ls_R_factor_R_free                       ? 
_refine.ls_R_factor_R_free_error                 ? 
_refine.ls_R_factor_R_free_error_details         ? 
_refine.ls_percent_reflns_R_free                 ? 
_refine.ls_number_reflns_R_free                  ? 
_refine.ls_number_parameters                     ? 
_refine.ls_number_restraints                     ? 
_refine.occupancy_min                            ? 
_refine.occupancy_max                            ? 
_refine.B_iso_mean                               ? 
_refine.aniso_B[1][1]                            ? 
_refine.aniso_B[2][2]                            ? 
_refine.aniso_B[3][3]                            ? 
_refine.aniso_B[1][2]                            ? 
_refine.aniso_B[1][3]                            ? 
_refine.aniso_B[2][3]                            ? 
_refine.solvent_model_details                    ? 
_refine.solvent_model_param_ksol                 ? 
_refine.solvent_model_param_bsol                 ? 
_refine.pdbx_ls_cross_valid_method               ? 
_refine.details                                  ? 
_refine.pdbx_starting_model                      ? 
_refine.pdbx_method_to_determine_struct          ? 
_refine.pdbx_isotropic_thermal_model             ? 
_refine.pdbx_stereochemistry_target_values       ? 
_refine.pdbx_stereochem_target_val_spec_case     ? 
_refine.pdbx_R_Free_selection_details            ? 
_refine.pdbx_overall_ESU_R_Free                  ? 
_refine.overall_SU_ML                            ? 
_refine.overall_SU_B                             ? 
_refine.pdbx_refine_id                           'X-RAY DIFFRACTION' 
_refine.ls_redundancy_reflns_obs                 ? 
_refine.pdbx_overall_ESU_R                       ? 
_refine.pdbx_overall_phase_error                 ? 
_refine.B_iso_min                                ? 
_refine.B_iso_max                                ? 
_refine.correlation_coeff_Fo_to_Fc               ? 
_refine.correlation_coeff_Fo_to_Fc_free          ? 
_refine.pdbx_solvent_vdw_probe_radii             ? 
_refine.pdbx_solvent_ion_probe_radii             ? 
_refine.pdbx_solvent_shrinkage_radii             ? 
_refine.overall_SU_R_Cruickshank_DPI             ? 
_refine.overall_SU_R_free                        ? 
_refine.ls_wR_factor_R_free                      ? 
_refine.ls_wR_factor_R_work                      ? 
_refine.overall_FOM_free_R_set                   ? 
_refine.overall_FOM_work_R_set                   ? 
_refine.pdbx_diffrn_id                           1 
_refine.pdbx_TLS_residual_ADP_flag               ? 
_refine.pdbx_overall_SU_R_free_Cruickshank_DPI   ? 
_refine.pdbx_overall_SU_R_Blow_DPI               ? 
_refine.pdbx_overall_SU_R_free_Blow_DPI          ? 
# 
_refine_hist.pdbx_refine_id                   'X-RAY DIFFRACTION' 
_refine_hist.cycle_id                         LAST 
_refine_hist.pdbx_number_atoms_protein        1510 
_refine_hist.pdbx_number_atoms_nucleic_acid   0 
_refine_hist.pdbx_number_atoms_ligand         52 
_refine_hist.number_atoms_solvent             113 
_refine_hist.number_atoms_total               1675 
_refine_hist.d_res_high                       1.7 
_refine_hist.d_res_low                        6.0 
# 
loop_
_refine_ls_restr.type 
_refine_ls_restr.dev_ideal 
_refine_ls_restr.dev_ideal_target 
_refine_ls_restr.weight 
_refine_ls_restr.number 
_refine_ls_restr.pdbx_refine_id 
_refine_ls_restr.pdbx_restraint_function 
x_bond_d                0.017 ? ? ? 'X-RAY DIFFRACTION' ? 
x_bond_d_na             ?     ? ? ? 'X-RAY DIFFRACTION' ? 
x_bond_d_prot           ?     ? ? ? 'X-RAY DIFFRACTION' ? 
x_angle_d               ?     ? ? ? 'X-RAY DIFFRACTION' ? 
x_angle_d_na            ?     ? ? ? 'X-RAY DIFFRACTION' ? 
x_angle_d_prot          ?     ? ? ? 'X-RAY DIFFRACTION' ? 
x_angle_deg             2.6   ? ? ? 'X-RAY DIFFRACTION' ? 
x_angle_deg_na          ?     ? ? ? 'X-RAY DIFFRACTION' ? 
x_angle_deg_prot        ?     ? ? ? 'X-RAY DIFFRACTION' ? 
x_dihedral_angle_d      ?     ? ? ? 'X-RAY DIFFRACTION' ? 
x_dihedral_angle_d_na   ?     ? ? ? 'X-RAY DIFFRACTION' ? 
x_dihedral_angle_d_prot ?     ? ? ? 'X-RAY DIFFRACTION' ? 
x_improper_angle_d      ?     ? ? ? 'X-RAY DIFFRACTION' ? 
x_improper_angle_d_na   ?     ? ? ? 'X-RAY DIFFRACTION' ? 
x_improper_angle_d_prot ?     ? ? ? 'X-RAY DIFFRACTION' ? 
x_mcbond_it             ?     ? ? ? 'X-RAY DIFFRACTION' ? 
x_mcangle_it            ?     ? ? ? 'X-RAY DIFFRACTION' ? 
x_scbond_it             ?     ? ? ? 'X-RAY DIFFRACTION' ? 
x_scangle_it            ?     ? ? ? 'X-RAY DIFFRACTION' ? 
# 
_struct.entry_id                  1IDA 
_struct.title                     
'CRYSTAL STRUCTURES OF HIV-2 PROTEASE IN COMPLEX WITH INHIBITORS CONTAINING THE HYDROXYETHYLAMINE DIPEPTIDE ISOSTERE' 
_struct.pdbx_model_details        ? 
_struct.pdbx_CASP_flag            ? 
_struct.pdbx_model_type_details   ? 
# 
_struct_keywords.entry_id        1IDA 
_struct_keywords.pdbx_keywords   'HYDROLASE/HYDROLASE INHIBITOR' 
_struct_keywords.text            'ACID PROTEINASE, AIDS, Protease, HYDROLASE-HYDROLASE INHIBITOR complex' 
# 
loop_
_struct_asym.id 
_struct_asym.pdbx_blank_PDB_chainid_flag 
_struct_asym.pdbx_modified 
_struct_asym.entity_id 
_struct_asym.details 
A N N 1 ? 
B N N 1 ? 
C N N 2 ? 
D N N 3 ? 
E N N 3 ? 
# 
_struct_ref.id                         1 
_struct_ref.db_name                    UNP 
_struct_ref.db_code                    POL_HV2RO 
_struct_ref.pdbx_db_accession          P04584 
_struct_ref.entity_id                  1 
_struct_ref.pdbx_seq_one_letter_code   
;PQFSLWKRPVVTAYIEGQPVEVLLDTGADDSIVAGIELGNNYSPKIVGGIGGFINTKEYKNVEIEVLNKKVRATIMTGDT
PINIFGRNILTALGMSLNL
;
_struct_ref.pdbx_align_begin           514 
_struct_ref.pdbx_db_isoform            ? 
# 
loop_
_struct_ref_seq.align_id 
_struct_ref_seq.ref_id 
_struct_ref_seq.pdbx_PDB_id_code 
_struct_ref_seq.pdbx_strand_id 
_struct_ref_seq.seq_align_beg 
_struct_ref_seq.pdbx_seq_align_beg_ins_code 
_struct_ref_seq.seq_align_end 
_struct_ref_seq.pdbx_seq_align_end_ins_code 
_struct_ref_seq.pdbx_db_accession 
_struct_ref_seq.db_align_beg 
_struct_ref_seq.pdbx_db_align_beg_ins_code 
_struct_ref_seq.db_align_end 
_struct_ref_seq.pdbx_db_align_end_ins_code 
_struct_ref_seq.pdbx_auth_seq_align_beg 
_struct_ref_seq.pdbx_auth_seq_align_end 
1 1 1IDA A 1 ? 99 ? P04584 514 ? 612 ? 1 99 
2 1 1IDA B 1 ? 99 ? P04584 514 ? 612 ? 1 99 
# 
_pdbx_struct_assembly.id                   1 
_pdbx_struct_assembly.details              author_and_software_defined_assembly 
_pdbx_struct_assembly.method_details       PISA 
_pdbx_struct_assembly.oligomeric_details   dimeric 
_pdbx_struct_assembly.oligomeric_count     2 
# 
loop_
_pdbx_struct_assembly_prop.biol_id 
_pdbx_struct_assembly_prop.type 
_pdbx_struct_assembly_prop.value 
_pdbx_struct_assembly_prop.details 
1 'ABSA (A^2)' 5480 ? 
1 MORE         -15  ? 
1 'SSA (A^2)'  9200 ? 
# 
_pdbx_struct_assembly_gen.assembly_id       1 
_pdbx_struct_assembly_gen.oper_expression   1 
_pdbx_struct_assembly_gen.asym_id_list      A,B,C,D,E 
# 
_pdbx_struct_oper_list.id                   1 
_pdbx_struct_oper_list.type                 'identity operation' 
_pdbx_struct_oper_list.name                 1_555 
_pdbx_struct_oper_list.symmetry_operation   x,y,z 
_pdbx_struct_oper_list.matrix[1][1]         1.0000000000 
_pdbx_struct_oper_list.matrix[1][2]         0.0000000000 
_pdbx_struct_oper_list.matrix[1][3]         0.0000000000 
_pdbx_struct_oper_list.vector[1]            0.0000000000 
_pdbx_struct_oper_list.matrix[2][1]         0.0000000000 
_pdbx_struct_oper_list.matrix[2][2]         1.0000000000 
_pdbx_struct_oper_list.matrix[2][3]         0.0000000000 
_pdbx_struct_oper_list.vector[2]            0.0000000000 
_pdbx_struct_oper_list.matrix[3][1]         0.0000000000 
_pdbx_struct_oper_list.matrix[3][2]         0.0000000000 
_pdbx_struct_oper_list.matrix[3][3]         1.0000000000 
_pdbx_struct_oper_list.vector[3]            0.0000000000 
# 
_struct_biol.id        1 
_struct_biol.details   ? 
# 
loop_
_struct_conf.conf_type_id 
_struct_conf.id 
_struct_conf.pdbx_PDB_helix_id 
_struct_conf.beg_label_comp_id 
_struct_conf.beg_label_asym_id 
_struct_conf.beg_label_seq_id 
_struct_conf.pdbx_beg_PDB_ins_code 
_struct_conf.end_label_comp_id 
_struct_conf.end_label_asym_id 
_struct_conf.end_label_seq_id 
_struct_conf.pdbx_end_PDB_ins_code 
_struct_conf.beg_auth_comp_id 
_struct_conf.beg_auth_asym_id 
_struct_conf.beg_auth_seq_id 
_struct_conf.end_auth_comp_id 
_struct_conf.end_auth_asym_id 
_struct_conf.end_auth_seq_id 
_struct_conf.pdbx_PDB_helix_class 
_struct_conf.details 
_struct_conf.pdbx_PDB_helix_length 
HELX_P HELX_P1 1 GLY A 86 ? GLY A 94 ? GLY A 86 GLY A 94 1 ? 9 
HELX_P HELX_P2 2 GLY B 86 ? GLY B 94 ? GLY B 86 GLY B 94 1 ? 9 
# 
_struct_conf_type.id          HELX_P 
_struct_conf_type.criteria    ? 
_struct_conf_type.reference   ? 
# 
_struct_sheet.id               A 
_struct_sheet.type             ? 
_struct_sheet.number_strands   4 
_struct_sheet.details          ? 
# 
loop_
_struct_sheet_order.sheet_id 
_struct_sheet_order.range_id_1 
_struct_sheet_order.range_id_2 
_struct_sheet_order.offset 
_struct_sheet_order.sense 
A 1 2 ? anti-parallel 
A 2 3 ? anti-parallel 
A 3 4 ? anti-parallel 
# 
loop_
_struct_sheet_range.sheet_id 
_struct_sheet_range.id 
_struct_sheet_range.beg_label_comp_id 
_struct_sheet_range.beg_label_asym_id 
_struct_sheet_range.beg_label_seq_id 
_struct_sheet_range.pdbx_beg_PDB_ins_code 
_struct_sheet_range.end_label_comp_id 
_struct_sheet_range.end_label_asym_id 
_struct_sheet_range.end_label_seq_id 
_struct_sheet_range.pdbx_end_PDB_ins_code 
_struct_sheet_range.beg_auth_comp_id 
_struct_sheet_range.beg_auth_asym_id 
_struct_sheet_range.beg_auth_seq_id 
_struct_sheet_range.end_auth_comp_id 
_struct_sheet_range.end_auth_asym_id 
_struct_sheet_range.end_auth_seq_id 
A 1 GLN A 2  ? SER A 4  ? GLN A 2  SER A 4  
A 2 SER B 96 ? ASN B 98 ? SER B 96 ASN B 98 
A 3 SER A 96 ? ASN A 98 ? SER A 96 ASN A 98 
A 4 GLN B 2  ? PHE B 3  ? GLN B 2  PHE B 3  
# 
loop_
_pdbx_struct_sheet_hbond.sheet_id 
_pdbx_struct_sheet_hbond.range_id_1 
_pdbx_struct_sheet_hbond.range_id_2 
_pdbx_struct_sheet_hbond.range_1_label_atom_id 
_pdbx_struct_sheet_hbond.range_1_label_comp_id 
_pdbx_struct_sheet_hbond.range_1_label_asym_id 
_pdbx_struct_sheet_hbond.range_1_label_seq_id 
_pdbx_struct_sheet_hbond.range_1_PDB_ins_code 
_pdbx_struct_sheet_hbond.range_1_auth_atom_id 
_pdbx_struct_sheet_hbond.range_1_auth_comp_id 
_pdbx_struct_sheet_hbond.range_1_auth_asym_id 
_pdbx_struct_sheet_hbond.range_1_auth_seq_id 
_pdbx_struct_sheet_hbond.range_2_label_atom_id 
_pdbx_struct_sheet_hbond.range_2_label_comp_id 
_pdbx_struct_sheet_hbond.range_2_label_asym_id 
_pdbx_struct_sheet_hbond.range_2_label_seq_id 
_pdbx_struct_sheet_hbond.range_2_PDB_ins_code 
_pdbx_struct_sheet_hbond.range_2_auth_atom_id 
_pdbx_struct_sheet_hbond.range_2_auth_comp_id 
_pdbx_struct_sheet_hbond.range_2_auth_asym_id 
_pdbx_struct_sheet_hbond.range_2_auth_seq_id 
A 1 2 N PHE A 3  ? N PHE A 3  O LEU B 97 ? O LEU B 97 
A 2 3 N ASN B 98 ? N ASN B 98 O SER A 96 ? O SER A 96 
A 3 4 O LEU A 97 ? O LEU A 97 N PHE B 3  ? N PHE B 3  
# 
_struct_site.id                   AC1 
_struct_site.pdbx_evidence_code   Software 
_struct_site.pdbx_auth_asym_id    B 
_struct_site.pdbx_auth_comp_id    0PO 
_struct_site.pdbx_auth_seq_id     100 
_struct_site.pdbx_auth_ins_code   ? 
_struct_site.pdbx_num_residues    17 
_struct_site.details              'BINDING SITE FOR RESIDUE 0PO B 100' 
# 
loop_
_struct_site_gen.id 
_struct_site_gen.site_id 
_struct_site_gen.pdbx_num_res 
_struct_site_gen.label_comp_id 
_struct_site_gen.label_asym_id 
_struct_site_gen.label_seq_id 
_struct_site_gen.pdbx_auth_ins_code 
_struct_site_gen.auth_comp_id 
_struct_site_gen.auth_asym_id 
_struct_site_gen.auth_seq_id 
_struct_site_gen.label_atom_id 
_struct_site_gen.label_alt_id 
_struct_site_gen.symmetry 
_struct_site_gen.details 
1  AC1 17 ARG A 8  ? ARG A 8   . ? 1_555 ? 
2  AC1 17 ASP A 25 ? ASP A 25  . ? 1_555 ? 
3  AC1 17 ASP A 30 ? ASP A 30  . ? 1_555 ? 
4  AC1 17 GLY A 48 ? GLY A 48  . ? 1_555 ? 
5  AC1 17 GLY A 49 ? GLY A 49  . ? 1_555 ? 
6  AC1 17 PRO A 81 ? PRO A 81  . ? 1_555 ? 
7  AC1 17 ASP B 25 ? ASP B 25  . ? 1_555 ? 
8  AC1 17 GLY B 27 ? GLY B 27  . ? 1_555 ? 
9  AC1 17 ALA B 28 ? ALA B 28  . ? 1_555 ? 
10 AC1 17 ASP B 29 ? ASP B 29  . ? 1_555 ? 
11 AC1 17 GLY B 48 ? GLY B 48  . ? 1_555 ? 
12 AC1 17 ILE B 50 ? ILE B 50  . ? 1_555 ? 
13 AC1 17 PRO B 81 ? PRO B 81  . ? 1_555 ? 
14 AC1 17 ILE B 82 ? ILE B 82  . ? 1_555 ? 
15 AC1 17 ILE B 84 ? ILE B 84  . ? 1_555 ? 
16 AC1 17 HOH E .  ? HOH B 301 . ? 1_555 ? 
17 AC1 17 HOH E .  ? HOH B 311 . ? 1_555 ? 
# 
loop_
_pdbx_validate_rmsd_bond.id 
_pdbx_validate_rmsd_bond.PDB_model_num 
_pdbx_validate_rmsd_bond.auth_atom_id_1 
_pdbx_validate_rmsd_bond.auth_asym_id_1 
_pdbx_validate_rmsd_bond.auth_comp_id_1 
_pdbx_validate_rmsd_bond.auth_seq_id_1 
_pdbx_validate_rmsd_bond.PDB_ins_code_1 
_pdbx_validate_rmsd_bond.label_alt_id_1 
_pdbx_validate_rmsd_bond.auth_atom_id_2 
_pdbx_validate_rmsd_bond.auth_asym_id_2 
_pdbx_validate_rmsd_bond.auth_comp_id_2 
_pdbx_validate_rmsd_bond.auth_seq_id_2 
_pdbx_validate_rmsd_bond.PDB_ins_code_2 
_pdbx_validate_rmsd_bond.label_alt_id_2 
_pdbx_validate_rmsd_bond.bond_value 
_pdbx_validate_rmsd_bond.bond_target_value 
_pdbx_validate_rmsd_bond.bond_deviation 
_pdbx_validate_rmsd_bond.bond_standard_deviation 
_pdbx_validate_rmsd_bond.linker_flag 
1 1 CD A GLU 16 ? ? OE2 A GLU 16 ? ? 1.320 1.252 0.068 0.011 N 
2 1 CD A GLU 21 ? ? OE2 A GLU 21 ? ? 1.337 1.252 0.085 0.011 N 
3 1 CD A GLU 37 ? ? OE2 A GLU 37 ? ? 1.342 1.252 0.090 0.011 N 
4 1 CD A GLU 63 ? ? OE1 A GLU 63 ? ? 1.337 1.252 0.085 0.011 N 
5 1 CD A GLU 65 ? ? OE1 A GLU 65 ? ? 1.338 1.252 0.086 0.011 N 
6 1 CD B GLU 16 ? ? OE1 B GLU 16 ? ? 1.340 1.252 0.088 0.011 N 
7 1 CD B GLU 21 ? ? OE2 B GLU 21 ? ? 1.335 1.252 0.083 0.011 N 
8 1 CD B GLU 37 ? ? OE1 B GLU 37 ? ? 1.329 1.252 0.077 0.011 N 
9 1 CD B GLU 58 ? ? OE2 B GLU 58 ? ? 1.324 1.252 0.072 0.011 N 
# 
loop_
_pdbx_validate_rmsd_angle.id 
_pdbx_validate_rmsd_angle.PDB_model_num 
_pdbx_validate_rmsd_angle.auth_atom_id_1 
_pdbx_validate_rmsd_angle.auth_asym_id_1 
_pdbx_validate_rmsd_angle.auth_comp_id_1 
_pdbx_validate_rmsd_angle.auth_seq_id_1 
_pdbx_validate_rmsd_angle.PDB_ins_code_1 
_pdbx_validate_rmsd_angle.label_alt_id_1 
_pdbx_validate_rmsd_angle.auth_atom_id_2 
_pdbx_validate_rmsd_angle.auth_asym_id_2 
_pdbx_validate_rmsd_angle.auth_comp_id_2 
_pdbx_validate_rmsd_angle.auth_seq_id_2 
_pdbx_validate_rmsd_angle.PDB_ins_code_2 
_pdbx_validate_rmsd_angle.label_alt_id_2 
_pdbx_validate_rmsd_angle.auth_atom_id_3 
_pdbx_validate_rmsd_angle.auth_asym_id_3 
_pdbx_validate_rmsd_angle.auth_comp_id_3 
_pdbx_validate_rmsd_angle.auth_seq_id_3 
_pdbx_validate_rmsd_angle.PDB_ins_code_3 
_pdbx_validate_rmsd_angle.label_alt_id_3 
_pdbx_validate_rmsd_angle.angle_value 
_pdbx_validate_rmsd_angle.angle_target_value 
_pdbx_validate_rmsd_angle.angle_deviation 
_pdbx_validate_rmsd_angle.angle_standard_deviation 
_pdbx_validate_rmsd_angle.linker_flag 
1  1 NE  A ARG 8  ? ? CZ A ARG 8  ? ? NH1 A ARG 8  ? ? 128.92 120.30 8.62  0.50 N 
2  1 NE  A ARG 8  ? ? CZ A ARG 8  ? ? NH2 A ARG 8  ? ? 110.89 120.30 -9.41 0.50 N 
3  1 CB  A ASP 25 ? ? CG A ASP 25 ? ? OD1 A ASP 25 ? ? 111.84 118.30 -6.46 0.90 N 
4  1 CB  A ASP 25 ? ? CG A ASP 25 ? ? OD2 A ASP 25 ? ? 125.59 118.30 7.29  0.90 N 
5  1 CB  A ASP 29 ? ? CG A ASP 29 ? ? OD1 A ASP 29 ? ? 125.82 118.30 7.52  0.90 N 
6  1 CB  A ASP 29 ? ? CG A ASP 29 ? ? OD2 A ASP 29 ? ? 108.56 118.30 -9.74 0.90 N 
7  1 N   A SER 43 ? ? CA A SER 43 ? ? CB  A SER 43 ? ? 120.36 110.50 9.86  1.50 N 
8  1 N   A ASP 79 ? ? CA A ASP 79 ? ? CB  A ASP 79 ? ? 121.65 110.60 11.05 1.80 N 
9  1 CB  A ASP 79 ? ? CG A ASP 79 ? ? OD1 A ASP 79 ? ? 112.48 118.30 -5.82 0.90 N 
10 1 CB  B ASP 25 ? ? CG B ASP 25 ? ? OD1 B ASP 25 ? ? 124.06 118.30 5.76  0.90 N 
11 1 CB  B ASP 25 ? ? CG B ASP 25 ? ? OD2 B ASP 25 ? ? 111.14 118.30 -7.16 0.90 N 
12 1 CA  B ILE 46 ? ? CB B ILE 46 ? ? CG2 B ILE 46 ? ? 123.50 110.90 12.60 2.00 N 
13 1 CG1 B VAL 71 ? ? CB B VAL 71 ? ? CG2 B VAL 71 ? ? 120.89 110.90 9.99  1.60 N 
14 1 CB  B ASP 79 ? ? CG B ASP 79 ? ? OD1 B ASP 79 ? ? 112.59 118.30 -5.71 0.90 N 
15 1 CB  B ASP 79 ? ? CG B ASP 79 ? ? OD2 B ASP 79 ? ? 124.03 118.30 5.73  0.90 N 
# 
_pdbx_molecule_features.prd_id    PRD_000340 
_pdbx_molecule_features.name      
;N-[(1R)-1-{[(1S,2S)-1-benzyl-3-{(2R,4S)-2-(tert-butylcarbamoyl)-4-[(pyridin-3-ylmethyl)sulfanyl]piperidin-1-yl}-
 2-hydroxypropyl]carbamoyl}-2-methylpropyl]quinoline-2-carboxamide
;
_pdbx_molecule_features.type      Peptide-like 
_pdbx_molecule_features.class     Inhibitor 
_pdbx_molecule_features.details   ? 
# 
_pdbx_molecule.instance_id   1 
_pdbx_molecule.prd_id        PRD_000340 
_pdbx_molecule.asym_id       C 
# 
loop_
_chem_comp_atom.comp_id 
_chem_comp_atom.atom_id 
_chem_comp_atom.type_symbol 
_chem_comp_atom.pdbx_aromatic_flag 
_chem_comp_atom.pdbx_stereo_config 
_chem_comp_atom.pdbx_ordinal 
0PO C      C N N 1   
0PO O1     O N N 2   
0PO N1     N Y N 3   
0PO C2     C Y N 4   
0PO C3     C Y N 5   
0PO C4     C Y N 6   
0PO C5     C Y N 7   
0PO C6     C Y N 8   
0PO C7     C Y N 9   
0PO C8     C Y N 10  
0PO C9     C Y N 11  
0PO C10    C Y N 12  
0PO N      N N N 13  
0PO CA     C N S 14  
0PO C1     C N N 15  
0PO O      O N N 16  
0PO CB     C N N 17  
0PO CG1    C N N 18  
0PO CG2    C N N 19  
0PO N2     N N N 20  
0PO CA1    C N S 21  
0PO CC     C N R 22  
0PO OXT    O N N 23  
0PO CB1    C N N 24  
0PO CG     C Y N 25  
0PO CD1    C Y N 26  
0PO CD2    C Y N 27  
0PO CE1    C Y N 28  
0PO CE2    C Y N 29  
0PO CZ     C Y N 30  
0PO CM     C N N 31  
0PO N11    N N N 32  
0PO C21    C N S 33  
0PO C31    C N N 34  
0PO C41    C N R 35  
0PO C51    C N N 36  
0PO C61    C N N 37  
0PO CD     C N N 38  
0PO O2     O N N 39  
0PO N12    N Y N 40  
0PO C22    C Y N 41  
0PO C32    C Y N 42  
0PO C42    C Y N 43  
0PO C52    C Y N 44  
0PO C62    C Y N 45  
0PO CE     C N N 46  
0PO S      S N N 47  
0PO N3     N N N 48  
0PO "C1'"  C N N 49  
0PO "C2'"  C N N 50  
0PO "C3'"  C N N 51  
0PO "C4'"  C N N 52  
0PO H3     H N N 53  
0PO H4     H N N 54  
0PO H5     H N N 55  
0PO H6     H N N 56  
0PO H7     H N N 57  
0PO H8     H N N 58  
0PO H      H N N 59  
0PO HA     H N N 60  
0PO HB     H N N 61  
0PO HG11   H N N 62  
0PO HG12   H N N 63  
0PO HG13   H N N 64  
0PO HG21   H N N 65  
0PO HG22   H N N 66  
0PO HG23   H N N 67  
0PO H1     H N N 68  
0PO HA1    H N N 69  
0PO HC     H N N 70  
0PO HOR    H N N 71  
0PO HB2    H N N 72  
0PO HB3    H N N 73  
0PO HD1    H N N 74  
0PO HD2    H N N 75  
0PO HE1    H N N 76  
0PO HE2    H N N 77  
0PO HZ     H N N 78  
0PO HM1    H N N 79  
0PO HM2    H N N 80  
0PO H2     H N N 81  
0PO H31    H N N 82  
0PO H32    H N N 83  
0PO H41    H N N 84  
0PO H51    H N N 85  
0PO H52    H N N 86  
0PO H61    H N N 87  
0PO H62    H N N 88  
0PO H21    H N N 89  
0PO H42    H N N 90  
0PO H53    H N N 91  
0PO H63    H N N 92  
0PO H11    H N N 93  
0PO H2A    H N N 94  
0PO HN     H N N 95  
0PO "H2'1" H N N 96  
0PO "H2'2" H N N 97  
0PO "H2'3" H N N 98  
0PO "H3'1" H N N 99  
0PO "H3'2" H N N 100 
0PO "H3'3" H N N 101 
0PO "H4'1" H N N 102 
0PO "H4'2" H N N 103 
0PO "H4'3" H N N 104 
ALA N      N N N 105 
ALA CA     C N S 106 
ALA C      C N N 107 
ALA O      O N N 108 
ALA CB     C N N 109 
ALA OXT    O N N 110 
ALA H      H N N 111 
ALA H2     H N N 112 
ALA HA     H N N 113 
ALA HB1    H N N 114 
ALA HB2    H N N 115 
ALA HB3    H N N 116 
ALA HXT    H N N 117 
ARG N      N N N 118 
ARG CA     C N S 119 
ARG C      C N N 120 
ARG O      O N N 121 
ARG CB     C N N 122 
ARG CG     C N N 123 
ARG CD     C N N 124 
ARG NE     N N N 125 
ARG CZ     C N N 126 
ARG NH1    N N N 127 
ARG NH2    N N N 128 
ARG OXT    O N N 129 
ARG H      H N N 130 
ARG H2     H N N 131 
ARG HA     H N N 132 
ARG HB2    H N N 133 
ARG HB3    H N N 134 
ARG HG2    H N N 135 
ARG HG3    H N N 136 
ARG HD2    H N N 137 
ARG HD3    H N N 138 
ARG HE     H N N 139 
ARG HH11   H N N 140 
ARG HH12   H N N 141 
ARG HH21   H N N 142 
ARG HH22   H N N 143 
ARG HXT    H N N 144 
ASN N      N N N 145 
ASN CA     C N S 146 
ASN C      C N N 147 
ASN O      O N N 148 
ASN CB     C N N 149 
ASN CG     C N N 150 
ASN OD1    O N N 151 
ASN ND2    N N N 152 
ASN OXT    O N N 153 
ASN H      H N N 154 
ASN H2     H N N 155 
ASN HA     H N N 156 
ASN HB2    H N N 157 
ASN HB3    H N N 158 
ASN HD21   H N N 159 
ASN HD22   H N N 160 
ASN HXT    H N N 161 
ASP N      N N N 162 
ASP CA     C N S 163 
ASP C      C N N 164 
ASP O      O N N 165 
ASP CB     C N N 166 
ASP CG     C N N 167 
ASP OD1    O N N 168 
ASP OD2    O N N 169 
ASP OXT    O N N 170 
ASP H      H N N 171 
ASP H2     H N N 172 
ASP HA     H N N 173 
ASP HB2    H N N 174 
ASP HB3    H N N 175 
ASP HD2    H N N 176 
ASP HXT    H N N 177 
GLN N      N N N 178 
GLN CA     C N S 179 
GLN C      C N N 180 
GLN O      O N N 181 
GLN CB     C N N 182 
GLN CG     C N N 183 
GLN CD     C N N 184 
GLN OE1    O N N 185 
GLN NE2    N N N 186 
GLN OXT    O N N 187 
GLN H      H N N 188 
GLN H2     H N N 189 
GLN HA     H N N 190 
GLN HB2    H N N 191 
GLN HB3    H N N 192 
GLN HG2    H N N 193 
GLN HG3    H N N 194 
GLN HE21   H N N 195 
GLN HE22   H N N 196 
GLN HXT    H N N 197 
GLU N      N N N 198 
GLU CA     C N S 199 
GLU C      C N N 200 
GLU O      O N N 201 
GLU CB     C N N 202 
GLU CG     C N N 203 
GLU CD     C N N 204 
GLU OE1    O N N 205 
GLU OE2    O N N 206 
GLU OXT    O N N 207 
GLU H      H N N 208 
GLU H2     H N N 209 
GLU HA     H N N 210 
GLU HB2    H N N 211 
GLU HB3    H N N 212 
GLU HG2    H N N 213 
GLU HG3    H N N 214 
GLU HE2    H N N 215 
GLU HXT    H N N 216 
GLY N      N N N 217 
GLY CA     C N N 218 
GLY C      C N N 219 
GLY O      O N N 220 
GLY OXT    O N N 221 
GLY H      H N N 222 
GLY H2     H N N 223 
GLY HA2    H N N 224 
GLY HA3    H N N 225 
GLY HXT    H N N 226 
HOH O      O N N 227 
HOH H1     H N N 228 
HOH H2     H N N 229 
ILE N      N N N 230 
ILE CA     C N S 231 
ILE C      C N N 232 
ILE O      O N N 233 
ILE CB     C N S 234 
ILE CG1    C N N 235 
ILE CG2    C N N 236 
ILE CD1    C N N 237 
ILE OXT    O N N 238 
ILE H      H N N 239 
ILE H2     H N N 240 
ILE HA     H N N 241 
ILE HB     H N N 242 
ILE HG12   H N N 243 
ILE HG13   H N N 244 
ILE HG21   H N N 245 
ILE HG22   H N N 246 
ILE HG23   H N N 247 
ILE HD11   H N N 248 
ILE HD12   H N N 249 
ILE HD13   H N N 250 
ILE HXT    H N N 251 
LEU N      N N N 252 
LEU CA     C N S 253 
LEU C      C N N 254 
LEU O      O N N 255 
LEU CB     C N N 256 
LEU CG     C N N 257 
LEU CD1    C N N 258 
LEU CD2    C N N 259 
LEU OXT    O N N 260 
LEU H      H N N 261 
LEU H2     H N N 262 
LEU HA     H N N 263 
LEU HB2    H N N 264 
LEU HB3    H N N 265 
LEU HG     H N N 266 
LEU HD11   H N N 267 
LEU HD12   H N N 268 
LEU HD13   H N N 269 
LEU HD21   H N N 270 
LEU HD22   H N N 271 
LEU HD23   H N N 272 
LEU HXT    H N N 273 
LYS N      N N N 274 
LYS CA     C N S 275 
LYS C      C N N 276 
LYS O      O N N 277 
LYS CB     C N N 278 
LYS CG     C N N 279 
LYS CD     C N N 280 
LYS CE     C N N 281 
LYS NZ     N N N 282 
LYS OXT    O N N 283 
LYS H      H N N 284 
LYS H2     H N N 285 
LYS HA     H N N 286 
LYS HB2    H N N 287 
LYS HB3    H N N 288 
LYS HG2    H N N 289 
LYS HG3    H N N 290 
LYS HD2    H N N 291 
LYS HD3    H N N 292 
LYS HE2    H N N 293 
LYS HE3    H N N 294 
LYS HZ1    H N N 295 
LYS HZ2    H N N 296 
LYS HZ3    H N N 297 
LYS HXT    H N N 298 
MET N      N N N 299 
MET CA     C N S 300 
MET C      C N N 301 
MET O      O N N 302 
MET CB     C N N 303 
MET CG     C N N 304 
MET SD     S N N 305 
MET CE     C N N 306 
MET OXT    O N N 307 
MET H      H N N 308 
MET H2     H N N 309 
MET HA     H N N 310 
MET HB2    H N N 311 
MET HB3    H N N 312 
MET HG2    H N N 313 
MET HG3    H N N 314 
MET HE1    H N N 315 
MET HE2    H N N 316 
MET HE3    H N N 317 
MET HXT    H N N 318 
PHE N      N N N 319 
PHE CA     C N S 320 
PHE C      C N N 321 
PHE O      O N N 322 
PHE CB     C N N 323 
PHE CG     C Y N 324 
PHE CD1    C Y N 325 
PHE CD2    C Y N 326 
PHE CE1    C Y N 327 
PHE CE2    C Y N 328 
PHE CZ     C Y N 329 
PHE OXT    O N N 330 
PHE H      H N N 331 
PHE H2     H N N 332 
PHE HA     H N N 333 
PHE HB2    H N N 334 
PHE HB3    H N N 335 
PHE HD1    H N N 336 
PHE HD2    H N N 337 
PHE HE1    H N N 338 
PHE HE2    H N N 339 
PHE HZ     H N N 340 
PHE HXT    H N N 341 
PRO N      N N N 342 
PRO CA     C N S 343 
PRO C      C N N 344 
PRO O      O N N 345 
PRO CB     C N N 346 
PRO CG     C N N 347 
PRO CD     C N N 348 
PRO OXT    O N N 349 
PRO H      H N N 350 
PRO HA     H N N 351 
PRO HB2    H N N 352 
PRO HB3    H N N 353 
PRO HG2    H N N 354 
PRO HG3    H N N 355 
PRO HD2    H N N 356 
PRO HD3    H N N 357 
PRO HXT    H N N 358 
SER N      N N N 359 
SER CA     C N S 360 
SER C      C N N 361 
SER O      O N N 362 
SER CB     C N N 363 
SER OG     O N N 364 
SER OXT    O N N 365 
SER H      H N N 366 
SER H2     H N N 367 
SER HA     H N N 368 
SER HB2    H N N 369 
SER HB3    H N N 370 
SER HG     H N N 371 
SER HXT    H N N 372 
THR N      N N N 373 
THR CA     C N S 374 
THR C      C N N 375 
THR O      O N N 376 
THR CB     C N R 377 
THR OG1    O N N 378 
THR CG2    C N N 379 
THR OXT    O N N 380 
THR H      H N N 381 
THR H2     H N N 382 
THR HA     H N N 383 
THR HB     H N N 384 
THR HG1    H N N 385 
THR HG21   H N N 386 
THR HG22   H N N 387 
THR HG23   H N N 388 
THR HXT    H N N 389 
TRP N      N N N 390 
TRP CA     C N S 391 
TRP C      C N N 392 
TRP O      O N N 393 
TRP CB     C N N 394 
TRP CG     C Y N 395 
TRP CD1    C Y N 396 
TRP CD2    C Y N 397 
TRP NE1    N Y N 398 
TRP CE2    C Y N 399 
TRP CE3    C Y N 400 
TRP CZ2    C Y N 401 
TRP CZ3    C Y N 402 
TRP CH2    C Y N 403 
TRP OXT    O N N 404 
TRP H      H N N 405 
TRP H2     H N N 406 
TRP HA     H N N 407 
TRP HB2    H N N 408 
TRP HB3    H N N 409 
TRP HD1    H N N 410 
TRP HE1    H N N 411 
TRP HE3    H N N 412 
TRP HZ2    H N N 413 
TRP HZ3    H N N 414 
TRP HH2    H N N 415 
TRP HXT    H N N 416 
TYR N      N N N 417 
TYR CA     C N S 418 
TYR C      C N N 419 
TYR O      O N N 420 
TYR CB     C N N 421 
TYR CG     C Y N 422 
TYR CD1    C Y N 423 
TYR CD2    C Y N 424 
TYR CE1    C Y N 425 
TYR CE2    C Y N 426 
TYR CZ     C Y N 427 
TYR OH     O N N 428 
TYR OXT    O N N 429 
TYR H      H N N 430 
TYR H2     H N N 431 
TYR HA     H N N 432 
TYR HB2    H N N 433 
TYR HB3    H N N 434 
TYR HD1    H N N 435 
TYR HD2    H N N 436 
TYR HE1    H N N 437 
TYR HE2    H N N 438 
TYR HH     H N N 439 
TYR HXT    H N N 440 
VAL N      N N N 441 
VAL CA     C N S 442 
VAL C      C N N 443 
VAL O      O N N 444 
VAL CB     C N N 445 
VAL CG1    C N N 446 
VAL CG2    C N N 447 
VAL OXT    O N N 448 
VAL H      H N N 449 
VAL H2     H N N 450 
VAL HA     H N N 451 
VAL HB     H N N 452 
VAL HG11   H N N 453 
VAL HG12   H N N 454 
VAL HG13   H N N 455 
VAL HG21   H N N 456 
VAL HG22   H N N 457 
VAL HG23   H N N 458 
VAL HXT    H N N 459 
# 
loop_
_chem_comp_bond.comp_id 
_chem_comp_bond.atom_id_1 
_chem_comp_bond.atom_id_2 
_chem_comp_bond.value_order 
_chem_comp_bond.pdbx_aromatic_flag 
_chem_comp_bond.pdbx_stereo_config 
_chem_comp_bond.pdbx_ordinal 
0PO N1    C2     doub Y N 1   
0PO N1    C10    sing Y N 2   
0PO C2    C3     sing Y N 3   
0PO C2    C      sing N N 4   
0PO C3    C4     doub Y N 5   
0PO C3    H3     sing N N 6   
0PO C4    C9     sing Y N 7   
0PO C4    H4     sing N N 8   
0PO C5    C6     doub Y N 9   
0PO C5    C9     sing Y N 10  
0PO C5    H5     sing N N 11  
0PO C6    C7     sing Y N 12  
0PO C6    H6     sing N N 13  
0PO C7    C8     doub Y N 14  
0PO C7    H7     sing N N 15  
0PO C8    C10    sing Y N 16  
0PO C8    H8     sing N N 17  
0PO C9    C10    doub Y N 18  
0PO C     O1     doub N N 19  
0PO N     CA     sing N N 20  
0PO N     H      sing N N 21  
0PO CA    C1     sing N N 22  
0PO CA    CB     sing N N 23  
0PO CA    HA     sing N N 24  
0PO C1    O      doub N N 25  
0PO CB    CG1    sing N N 26  
0PO CB    CG2    sing N N 27  
0PO CB    HB     sing N N 28  
0PO CG1   HG11   sing N N 29  
0PO CG1   HG12   sing N N 30  
0PO CG1   HG13   sing N N 31  
0PO CG2   HG21   sing N N 32  
0PO CG2   HG22   sing N N 33  
0PO CG2   HG23   sing N N 34  
0PO N2    CA1    sing N N 35  
0PO N2    H1     sing N N 36  
0PO CA1   CC     sing N N 37  
0PO CA1   CB1    sing N N 38  
0PO CA1   HA1    sing N N 39  
0PO CC    OXT    sing N N 40  
0PO CC    CM     sing N N 41  
0PO CC    HC     sing N N 42  
0PO OXT   HOR    sing N N 43  
0PO CB1   CG     sing N N 44  
0PO CB1   HB2    sing N N 45  
0PO CB1   HB3    sing N N 46  
0PO CG    CD1    doub Y N 47  
0PO CG    CD2    sing Y N 48  
0PO CD1   CE1    sing Y N 49  
0PO CD1   HD1    sing N N 50  
0PO CD2   CE2    doub Y N 51  
0PO CD2   HD2    sing N N 52  
0PO CE1   CZ     doub Y N 53  
0PO CE1   HE1    sing N N 54  
0PO CE2   CZ     sing Y N 55  
0PO CE2   HE2    sing N N 56  
0PO CZ    HZ     sing N N 57  
0PO CM    HM1    sing N N 58  
0PO CM    HM2    sing N N 59  
0PO N11   C21    sing N N 60  
0PO N11   C61    sing N N 61  
0PO C21   C31    sing N N 62  
0PO C21   CD     sing N N 63  
0PO C21   H2     sing N N 64  
0PO C31   C41    sing N N 65  
0PO C31   H31    sing N N 66  
0PO C31   H32    sing N N 67  
0PO C41   C51    sing N N 68  
0PO C41   H41    sing N N 69  
0PO C51   C61    sing N N 70  
0PO C51   H51    sing N N 71  
0PO C51   H52    sing N N 72  
0PO C61   H61    sing N N 73  
0PO C61   H62    sing N N 74  
0PO CD    O2     doub N N 75  
0PO CD    N3     sing N N 76  
0PO N3    "C1'"  sing N N 77  
0PO N3    HN     sing N N 78  
0PO "C1'" "C2'"  sing N N 79  
0PO "C1'" "C3'"  sing N N 80  
0PO "C1'" "C4'"  sing N N 81  
0PO "C2'" "H2'1" sing N N 82  
0PO "C2'" "H2'2" sing N N 83  
0PO "C2'" "H2'3" sing N N 84  
0PO "C3'" "H3'1" sing N N 85  
0PO "C3'" "H3'2" sing N N 86  
0PO "C3'" "H3'3" sing N N 87  
0PO "C4'" "H4'1" sing N N 88  
0PO "C4'" "H4'2" sing N N 89  
0PO "C4'" "H4'3" sing N N 90  
0PO N12   C22    doub Y N 91  
0PO N12   C62    sing Y N 92  
0PO C22   C32    sing Y N 93  
0PO C22   H21    sing N N 94  
0PO C32   C42    doub Y N 95  
0PO C32   CE     sing N N 96  
0PO C42   C52    sing Y N 97  
0PO C42   H42    sing N N 98  
0PO C52   C62    doub Y N 99  
0PO C52   H53    sing N N 100 
0PO C62   H63    sing N N 101 
0PO CE    S      sing N N 102 
0PO CE    H11    sing N N 103 
0PO CE    H2A    sing N N 104 
0PO C     N      sing N N 105 
0PO C1    N2     sing N N 106 
0PO CM    N11    sing N N 107 
0PO C41   S      sing N N 108 
ALA N     CA     sing N N 109 
ALA N     H      sing N N 110 
ALA N     H2     sing N N 111 
ALA CA    C      sing N N 112 
ALA CA    CB     sing N N 113 
ALA CA    HA     sing N N 114 
ALA C     O      doub N N 115 
ALA C     OXT    sing N N 116 
ALA CB    HB1    sing N N 117 
ALA CB    HB2    sing N N 118 
ALA CB    HB3    sing N N 119 
ALA OXT   HXT    sing N N 120 
ARG N     CA     sing N N 121 
ARG N     H      sing N N 122 
ARG N     H2     sing N N 123 
ARG CA    C      sing N N 124 
ARG CA    CB     sing N N 125 
ARG CA    HA     sing N N 126 
ARG C     O      doub N N 127 
ARG C     OXT    sing N N 128 
ARG CB    CG     sing N N 129 
ARG CB    HB2    sing N N 130 
ARG CB    HB3    sing N N 131 
ARG CG    CD     sing N N 132 
ARG CG    HG2    sing N N 133 
ARG CG    HG3    sing N N 134 
ARG CD    NE     sing N N 135 
ARG CD    HD2    sing N N 136 
ARG CD    HD3    sing N N 137 
ARG NE    CZ     sing N N 138 
ARG NE    HE     sing N N 139 
ARG CZ    NH1    sing N N 140 
ARG CZ    NH2    doub N N 141 
ARG NH1   HH11   sing N N 142 
ARG NH1   HH12   sing N N 143 
ARG NH2   HH21   sing N N 144 
ARG NH2   HH22   sing N N 145 
ARG OXT   HXT    sing N N 146 
ASN N     CA     sing N N 147 
ASN N     H      sing N N 148 
ASN N     H2     sing N N 149 
ASN CA    C      sing N N 150 
ASN CA    CB     sing N N 151 
ASN CA    HA     sing N N 152 
ASN C     O      doub N N 153 
ASN C     OXT    sing N N 154 
ASN CB    CG     sing N N 155 
ASN CB    HB2    sing N N 156 
ASN CB    HB3    sing N N 157 
ASN CG    OD1    doub N N 158 
ASN CG    ND2    sing N N 159 
ASN ND2   HD21   sing N N 160 
ASN ND2   HD22   sing N N 161 
ASN OXT   HXT    sing N N 162 
ASP N     CA     sing N N 163 
ASP N     H      sing N N 164 
ASP N     H2     sing N N 165 
ASP CA    C      sing N N 166 
ASP CA    CB     sing N N 167 
ASP CA    HA     sing N N 168 
ASP C     O      doub N N 169 
ASP C     OXT    sing N N 170 
ASP CB    CG     sing N N 171 
ASP CB    HB2    sing N N 172 
ASP CB    HB3    sing N N 173 
ASP CG    OD1    doub N N 174 
ASP CG    OD2    sing N N 175 
ASP OD2   HD2    sing N N 176 
ASP OXT   HXT    sing N N 177 
GLN N     CA     sing N N 178 
GLN N     H      sing N N 179 
GLN N     H2     sing N N 180 
GLN CA    C      sing N N 181 
GLN CA    CB     sing N N 182 
GLN CA    HA     sing N N 183 
GLN C     O      doub N N 184 
GLN C     OXT    sing N N 185 
GLN CB    CG     sing N N 186 
GLN CB    HB2    sing N N 187 
GLN CB    HB3    sing N N 188 
GLN CG    CD     sing N N 189 
GLN CG    HG2    sing N N 190 
GLN CG    HG3    sing N N 191 
GLN CD    OE1    doub N N 192 
GLN CD    NE2    sing N N 193 
GLN NE2   HE21   sing N N 194 
GLN NE2   HE22   sing N N 195 
GLN OXT   HXT    sing N N 196 
GLU N     CA     sing N N 197 
GLU N     H      sing N N 198 
GLU N     H2     sing N N 199 
GLU CA    C      sing N N 200 
GLU CA    CB     sing N N 201 
GLU CA    HA     sing N N 202 
GLU C     O      doub N N 203 
GLU C     OXT    sing N N 204 
GLU CB    CG     sing N N 205 
GLU CB    HB2    sing N N 206 
GLU CB    HB3    sing N N 207 
GLU CG    CD     sing N N 208 
GLU CG    HG2    sing N N 209 
GLU CG    HG3    sing N N 210 
GLU CD    OE1    doub N N 211 
GLU CD    OE2    sing N N 212 
GLU OE2   HE2    sing N N 213 
GLU OXT   HXT    sing N N 214 
GLY N     CA     sing N N 215 
GLY N     H      sing N N 216 
GLY N     H2     sing N N 217 
GLY CA    C      sing N N 218 
GLY CA    HA2    sing N N 219 
GLY CA    HA3    sing N N 220 
GLY C     O      doub N N 221 
GLY C     OXT    sing N N 222 
GLY OXT   HXT    sing N N 223 
HOH O     H1     sing N N 224 
HOH O     H2     sing N N 225 
ILE N     CA     sing N N 226 
ILE N     H      sing N N 227 
ILE N     H2     sing N N 228 
ILE CA    C      sing N N 229 
ILE CA    CB     sing N N 230 
ILE CA    HA     sing N N 231 
ILE C     O      doub N N 232 
ILE C     OXT    sing N N 233 
ILE CB    CG1    sing N N 234 
ILE CB    CG2    sing N N 235 
ILE CB    HB     sing N N 236 
ILE CG1   CD1    sing N N 237 
ILE CG1   HG12   sing N N 238 
ILE CG1   HG13   sing N N 239 
ILE CG2   HG21   sing N N 240 
ILE CG2   HG22   sing N N 241 
ILE CG2   HG23   sing N N 242 
ILE CD1   HD11   sing N N 243 
ILE CD1   HD12   sing N N 244 
ILE CD1   HD13   sing N N 245 
ILE OXT   HXT    sing N N 246 
LEU N     CA     sing N N 247 
LEU N     H      sing N N 248 
LEU N     H2     sing N N 249 
LEU CA    C      sing N N 250 
LEU CA    CB     sing N N 251 
LEU CA    HA     sing N N 252 
LEU C     O      doub N N 253 
LEU C     OXT    sing N N 254 
LEU CB    CG     sing N N 255 
LEU CB    HB2    sing N N 256 
LEU CB    HB3    sing N N 257 
LEU CG    CD1    sing N N 258 
LEU CG    CD2    sing N N 259 
LEU CG    HG     sing N N 260 
LEU CD1   HD11   sing N N 261 
LEU CD1   HD12   sing N N 262 
LEU CD1   HD13   sing N N 263 
LEU CD2   HD21   sing N N 264 
LEU CD2   HD22   sing N N 265 
LEU CD2   HD23   sing N N 266 
LEU OXT   HXT    sing N N 267 
LYS N     CA     sing N N 268 
LYS N     H      sing N N 269 
LYS N     H2     sing N N 270 
LYS CA    C      sing N N 271 
LYS CA    CB     sing N N 272 
LYS CA    HA     sing N N 273 
LYS C     O      doub N N 274 
LYS C     OXT    sing N N 275 
LYS CB    CG     sing N N 276 
LYS CB    HB2    sing N N 277 
LYS CB    HB3    sing N N 278 
LYS CG    CD     sing N N 279 
LYS CG    HG2    sing N N 280 
LYS CG    HG3    sing N N 281 
LYS CD    CE     sing N N 282 
LYS CD    HD2    sing N N 283 
LYS CD    HD3    sing N N 284 
LYS CE    NZ     sing N N 285 
LYS CE    HE2    sing N N 286 
LYS CE    HE3    sing N N 287 
LYS NZ    HZ1    sing N N 288 
LYS NZ    HZ2    sing N N 289 
LYS NZ    HZ3    sing N N 290 
LYS OXT   HXT    sing N N 291 
MET N     CA     sing N N 292 
MET N     H      sing N N 293 
MET N     H2     sing N N 294 
MET CA    C      sing N N 295 
MET CA    CB     sing N N 296 
MET CA    HA     sing N N 297 
MET C     O      doub N N 298 
MET C     OXT    sing N N 299 
MET CB    CG     sing N N 300 
MET CB    HB2    sing N N 301 
MET CB    HB3    sing N N 302 
MET CG    SD     sing N N 303 
MET CG    HG2    sing N N 304 
MET CG    HG3    sing N N 305 
MET SD    CE     sing N N 306 
MET CE    HE1    sing N N 307 
MET CE    HE2    sing N N 308 
MET CE    HE3    sing N N 309 
MET OXT   HXT    sing N N 310 
PHE N     CA     sing N N 311 
PHE N     H      sing N N 312 
PHE N     H2     sing N N 313 
PHE CA    C      sing N N 314 
PHE CA    CB     sing N N 315 
PHE CA    HA     sing N N 316 
PHE C     O      doub N N 317 
PHE C     OXT    sing N N 318 
PHE CB    CG     sing N N 319 
PHE CB    HB2    sing N N 320 
PHE CB    HB3    sing N N 321 
PHE CG    CD1    doub Y N 322 
PHE CG    CD2    sing Y N 323 
PHE CD1   CE1    sing Y N 324 
PHE CD1   HD1    sing N N 325 
PHE CD2   CE2    doub Y N 326 
PHE CD2   HD2    sing N N 327 
PHE CE1   CZ     doub Y N 328 
PHE CE1   HE1    sing N N 329 
PHE CE2   CZ     sing Y N 330 
PHE CE2   HE2    sing N N 331 
PHE CZ    HZ     sing N N 332 
PHE OXT   HXT    sing N N 333 
PRO N     CA     sing N N 334 
PRO N     CD     sing N N 335 
PRO N     H      sing N N 336 
PRO CA    C      sing N N 337 
PRO CA    CB     sing N N 338 
PRO CA    HA     sing N N 339 
PRO C     O      doub N N 340 
PRO C     OXT    sing N N 341 
PRO CB    CG     sing N N 342 
PRO CB    HB2    sing N N 343 
PRO CB    HB3    sing N N 344 
PRO CG    CD     sing N N 345 
PRO CG    HG2    sing N N 346 
PRO CG    HG3    sing N N 347 
PRO CD    HD2    sing N N 348 
PRO CD    HD3    sing N N 349 
PRO OXT   HXT    sing N N 350 
SER N     CA     sing N N 351 
SER N     H      sing N N 352 
SER N     H2     sing N N 353 
SER CA    C      sing N N 354 
SER CA    CB     sing N N 355 
SER CA    HA     sing N N 356 
SER C     O      doub N N 357 
SER C     OXT    sing N N 358 
SER CB    OG     sing N N 359 
SER CB    HB2    sing N N 360 
SER CB    HB3    sing N N 361 
SER OG    HG     sing N N 362 
SER OXT   HXT    sing N N 363 
THR N     CA     sing N N 364 
THR N     H      sing N N 365 
THR N     H2     sing N N 366 
THR CA    C      sing N N 367 
THR CA    CB     sing N N 368 
THR CA    HA     sing N N 369 
THR C     O      doub N N 370 
THR C     OXT    sing N N 371 
THR CB    OG1    sing N N 372 
THR CB    CG2    sing N N 373 
THR CB    HB     sing N N 374 
THR OG1   HG1    sing N N 375 
THR CG2   HG21   sing N N 376 
THR CG2   HG22   sing N N 377 
THR CG2   HG23   sing N N 378 
THR OXT   HXT    sing N N 379 
TRP N     CA     sing N N 380 
TRP N     H      sing N N 381 
TRP N     H2     sing N N 382 
TRP CA    C      sing N N 383 
TRP CA    CB     sing N N 384 
TRP CA    HA     sing N N 385 
TRP C     O      doub N N 386 
TRP C     OXT    sing N N 387 
TRP CB    CG     sing N N 388 
TRP CB    HB2    sing N N 389 
TRP CB    HB3    sing N N 390 
TRP CG    CD1    doub Y N 391 
TRP CG    CD2    sing Y N 392 
TRP CD1   NE1    sing Y N 393 
TRP CD1   HD1    sing N N 394 
TRP CD2   CE2    doub Y N 395 
TRP CD2   CE3    sing Y N 396 
TRP NE1   CE2    sing Y N 397 
TRP NE1   HE1    sing N N 398 
TRP CE2   CZ2    sing Y N 399 
TRP CE3   CZ3    doub Y N 400 
TRP CE3   HE3    sing N N 401 
TRP CZ2   CH2    doub Y N 402 
TRP CZ2   HZ2    sing N N 403 
TRP CZ3   CH2    sing Y N 404 
TRP CZ3   HZ3    sing N N 405 
TRP CH2   HH2    sing N N 406 
TRP OXT   HXT    sing N N 407 
TYR N     CA     sing N N 408 
TYR N     H      sing N N 409 
TYR N     H2     sing N N 410 
TYR CA    C      sing N N 411 
TYR CA    CB     sing N N 412 
TYR CA    HA     sing N N 413 
TYR C     O      doub N N 414 
TYR C     OXT    sing N N 415 
TYR CB    CG     sing N N 416 
TYR CB    HB2    sing N N 417 
TYR CB    HB3    sing N N 418 
TYR CG    CD1    doub Y N 419 
TYR CG    CD2    sing Y N 420 
TYR CD1   CE1    sing Y N 421 
TYR CD1   HD1    sing N N 422 
TYR CD2   CE2    doub Y N 423 
TYR CD2   HD2    sing N N 424 
TYR CE1   CZ     doub Y N 425 
TYR CE1   HE1    sing N N 426 
TYR CE2   CZ     sing Y N 427 
TYR CE2   HE2    sing N N 428 
TYR CZ    OH     sing N N 429 
TYR OH    HH     sing N N 430 
TYR OXT   HXT    sing N N 431 
VAL N     CA     sing N N 432 
VAL N     H      sing N N 433 
VAL N     H2     sing N N 434 
VAL CA    C      sing N N 435 
VAL CA    CB     sing N N 436 
VAL CA    HA     sing N N 437 
VAL C     O      doub N N 438 
VAL C     OXT    sing N N 439 
VAL CB    CG1    sing N N 440 
VAL CB    CG2    sing N N 441 
VAL CB    HB     sing N N 442 
VAL CG1   HG11   sing N N 443 
VAL CG1   HG12   sing N N 444 
VAL CG1   HG13   sing N N 445 
VAL CG2   HG21   sing N N 446 
VAL CG2   HG22   sing N N 447 
VAL CG2   HG23   sing N N 448 
VAL OXT   HXT    sing N N 449 
# 
_atom_sites.entry_id                    1IDA 
_atom_sites.fract_transf_matrix[1][1]   -0.00217138 
_atom_sites.fract_transf_matrix[1][2]   0.00510088 
_atom_sites.fract_transf_matrix[1][3]   -0.01498115 
_atom_sites.fract_transf_matrix[2][1]   -0.01491060 
_atom_sites.fract_transf_matrix[2][2]   -0.00572696 
_atom_sites.fract_transf_matrix[2][3]   0.00021120 
_atom_sites.fract_transf_matrix[3][1]   -0.00286726 
_atom_sites.fract_transf_matrix[3][2]   0.00757559 
_atom_sites.fract_transf_matrix[3][3]   0.00299497 
_atom_sites.fract_transf_vector[1]      0.891683 
_atom_sites.fract_transf_vector[2]      0.414349 
_atom_sites.fract_transf_vector[3]      0.031233 
# 
loop_
_atom_type.symbol 
C 
N 
O 
S 
# 
loop_
_atom_site.group_PDB 
_atom_site.id 
_atom_site.type_symbol 
_atom_site.label_atom_id 
_atom_site.label_alt_id 
_atom_site.label_comp_id 
_atom_site.label_asym_id 
_atom_site.label_entity_id 
_atom_site.label_seq_id 
_atom_site.pdbx_PDB_ins_code 
_atom_site.Cartn_x 
_atom_site.Cartn_y 
_atom_site.Cartn_z 
_atom_site.occupancy 
_atom_site.B_iso_or_equiv 
_atom_site.pdbx_formal_charge 
_atom_site.auth_seq_id 
_atom_site.auth_comp_id 
_atom_site.auth_asym_id 
_atom_site.auth_atom_id 
_atom_site.pdbx_PDB_model_num 
ATOM   1    N N     . PRO A 1 1  ? -17.070 -5.380  -7.938  1.00 20.09 ? 1   PRO A N     1 
ATOM   2    C CA    . PRO A 1 1  ? -17.084 -4.323  -6.940  1.00 20.60 ? 1   PRO A CA    1 
ATOM   3    C C     . PRO A 1 1  ? -16.102 -3.175  -7.213  1.00 17.84 ? 1   PRO A C     1 
ATOM   4    O O     . PRO A 1 1  ? -15.111 -3.377  -7.899  1.00 15.34 ? 1   PRO A O     1 
ATOM   5    C CB    . PRO A 1 1  ? -16.722 -4.983  -5.612  1.00 21.95 ? 1   PRO A CB    1 
ATOM   6    C CG    . PRO A 1 1  ? -16.914 -6.467  -5.818  1.00 21.43 ? 1   PRO A CG    1 
ATOM   7    C CD    . PRO A 1 1  ? -17.049 -6.721  -7.312  1.00 21.21 ? 1   PRO A CD    1 
ATOM   8    N N     . GLN A 1 2  ? -16.387 -1.970  -6.616  1.00 16.26 ? 2   GLN A N     1 
ATOM   9    C CA    . GLN A 1 2  ? -15.542 -0.803  -6.700  1.00 14.24 ? 2   GLN A CA    1 
ATOM   10   C C     . GLN A 1 2  ? -15.327 -0.230  -5.334  1.00 12.60 ? 2   GLN A C     1 
ATOM   11   O O     . GLN A 1 2  ? -16.245 -0.185  -4.530  1.00 14.85 ? 2   GLN A O     1 
ATOM   12   C CB    . GLN A 1 2  ? -15.976 0.355   -7.596  1.00 16.21 ? 2   GLN A CB    1 
ATOM   13   C CG    . GLN A 1 2  ? -16.897 0.038   -8.749  1.00 21.39 ? 2   GLN A CG    1 
ATOM   14   C CD    . GLN A 1 2  ? -17.010 1.310   -9.598  1.00 26.38 ? 2   GLN A CD    1 
ATOM   15   O OE1   . GLN A 1 2  ? -18.072 1.638   -10.183 1.00 28.65 ? 2   GLN A OE1   1 
ATOM   16   N NE2   . GLN A 1 2  ? -15.961 2.140   -9.508  1.00 28.60 ? 2   GLN A NE2   1 
ATOM   17   N N     . PHE A 1 3  ? -14.136 0.250   -5.078  1.00 10.11 ? 3   PHE A N     1 
ATOM   18   C CA    . PHE A 1 3  ? -13.845 0.820   -3.795  1.00 12.28 ? 3   PHE A CA    1 
ATOM   19   C C     . PHE A 1 3  ? -13.348 2.222   -3.994  1.00 11.71 ? 3   PHE A C     1 
ATOM   20   O O     . PHE A 1 3  ? -12.334 2.413   -4.695  1.00 9.01  ? 3   PHE A O     1 
ATOM   21   C CB    . PHE A 1 3  ? -12.754 0.073   -2.992  1.00 14.19 ? 3   PHE A CB    1 
ATOM   22   C CG    . PHE A 1 3  ? -13.106 -1.354  -2.671  1.00 15.97 ? 3   PHE A CG    1 
ATOM   23   C CD1   . PHE A 1 3  ? -12.972 -2.364  -3.629  1.00 17.16 ? 3   PHE A CD1   1 
ATOM   24   C CD2   . PHE A 1 3  ? -13.453 -1.740  -1.374  1.00 17.29 ? 3   PHE A CD2   1 
ATOM   25   C CE1   . PHE A 1 3  ? -13.247 -3.708  -3.360  1.00 16.38 ? 3   PHE A CE1   1 
ATOM   26   C CE2   . PHE A 1 3  ? -13.714 -3.081  -1.067  1.00 18.24 ? 3   PHE A CE2   1 
ATOM   27   C CZ    . PHE A 1 3  ? -13.644 -4.054  -2.069  1.00 17.67 ? 3   PHE A CZ    1 
ATOM   28   N N     . SER A 1 4  ? -14.082 3.191   -3.414  1.00 12.04 ? 4   SER A N     1 
ATOM   29   C CA    . SER A 1 4  ? -13.634 4.547   -3.467  1.00 11.27 ? 4   SER A CA    1 
ATOM   30   C C     . SER A 1 4  ? -12.541 4.622   -2.387  1.00 11.26 ? 4   SER A C     1 
ATOM   31   O O     . SER A 1 4  ? -12.465 3.792   -1.450  1.00 15.39 ? 4   SER A O     1 
ATOM   32   C CB    . SER A 1 4  ? -14.751 5.553   -3.303  1.00 14.15 ? 4   SER A CB    1 
ATOM   33   O OG    . SER A 1 4  ? -14.858 5.843   -1.933  1.00 20.30 ? 4   SER A OG    1 
ATOM   34   N N     . LEU A 1 5  ? -11.604 5.484   -2.501  1.00 9.83  ? 5   LEU A N     1 
ATOM   35   C CA    . LEU A 1 5  ? -10.572 5.300   -1.473  1.00 7.11  ? 5   LEU A CA    1 
ATOM   36   C C     . LEU A 1 5  ? -10.679 6.235   -0.261  1.00 5.96  ? 5   LEU A C     1 
ATOM   37   O O     . LEU A 1 5  ? -9.709  6.433   0.474   1.00 6.72  ? 5   LEU A O     1 
ATOM   38   C CB    . LEU A 1 5  ? -9.171  5.360   -2.112  1.00 5.72  ? 5   LEU A CB    1 
ATOM   39   C CG    . LEU A 1 5  ? -9.011  4.246   -3.154  1.00 8.59  ? 5   LEU A CG    1 
ATOM   40   C CD1   . LEU A 1 5  ? -7.916  4.559   -4.144  1.00 7.09  ? 5   LEU A CD1   1 
ATOM   41   C CD2   . LEU A 1 5  ? -8.839  2.899   -2.422  1.00 6.72  ? 5   LEU A CD2   1 
ATOM   42   N N     . TRP A 1 6  ? -11.883 6.765   -0.034  1.00 7.88  ? 6   TRP A N     1 
ATOM   43   C CA    . TRP A 1 6  ? -12.184 7.615   1.125   1.00 6.17  ? 6   TRP A CA    1 
ATOM   44   C C     . TRP A 1 6  ? -11.894 6.872   2.426   1.00 7.31  ? 6   TRP A C     1 
ATOM   45   O O     . TRP A 1 6  ? -11.316 7.437   3.302   1.00 7.93  ? 6   TRP A O     1 
ATOM   46   C CB    . TRP A 1 6  ? -13.635 8.208   0.997   1.00 6.39  ? 6   TRP A CB    1 
ATOM   47   C CG    . TRP A 1 6  ? -13.998 9.092   2.146   1.00 8.60  ? 6   TRP A CG    1 
ATOM   48   C CD1   . TRP A 1 6  ? -14.901 8.811   3.145   1.00 8.06  ? 6   TRP A CD1   1 
ATOM   49   C CD2   . TRP A 1 6  ? -13.486 10.416  2.423   1.00 6.08  ? 6   TRP A CD2   1 
ATOM   50   N NE1   . TRP A 1 6  ? -14.893 9.826   4.089   1.00 7.12  ? 6   TRP A NE1   1 
ATOM   51   C CE2   . TRP A 1 6  ? -14.103 10.859  3.629   1.00 7.48  ? 6   TRP A CE2   1 
ATOM   52   C CE3   . TRP A 1 6  ? -12.618 11.281  1.740   1.00 6.46  ? 6   TRP A CE3   1 
ATOM   53   C CZ2   . TRP A 1 6  ? -13.825 12.121  4.186   1.00 5.54  ? 6   TRP A CZ2   1 
ATOM   54   C CZ3   . TRP A 1 6  ? -12.374 12.527  2.277   1.00 6.44  ? 6   TRP A CZ3   1 
ATOM   55   C CH2   . TRP A 1 6  ? -12.958 12.914  3.491   1.00 6.04  ? 6   TRP A CH2   1 
ATOM   56   N N     . LYS A 1 7  ? -12.330 5.602   2.586   1.00 9.38  ? 7   LYS A N     1 
ATOM   57   C CA    . LYS A 1 7  ? -11.997 4.749   3.730   1.00 9.01  ? 7   LYS A CA    1 
ATOM   58   C C     . LYS A 1 7  ? -10.981 3.694   3.283   1.00 7.41  ? 7   LYS A C     1 
ATOM   59   O O     . LYS A 1 7  ? -10.903 3.453   2.113   1.00 8.34  ? 7   LYS A O     1 
ATOM   60   C CB    . LYS A 1 7  ? -13.197 3.942   4.170   1.00 12.76 ? 7   LYS A CB    1 
ATOM   61   C CG    . LYS A 1 7  ? -14.425 4.797   4.449   1.00 15.98 ? 7   LYS A CG    1 
ATOM   62   C CD    . LYS A 1 7  ? -14.222 5.747   5.622   1.00 19.86 ? 7   LYS A CD    1 
ATOM   63   C CE    . LYS A 1 7  ? -15.512 6.476   6.053   1.00 22.50 ? 7   LYS A CE    1 
ATOM   64   N NZ    . LYS A 1 7  ? -16.644 5.606   6.512   1.00 25.58 ? 7   LYS A NZ    1 
ATOM   65   N N     . ARG A 1 8  ? -10.279 3.025   4.182   1.00 6.49  ? 8   ARG A N     1 
ATOM   66   C CA    . ARG A 1 8  ? -9.378  1.956   3.753   1.00 6.65  ? 8   ARG A CA    1 
ATOM   67   C C     . ARG A 1 8  ? -10.177 0.848   3.155   1.00 5.33  ? 8   ARG A C     1 
ATOM   68   O O     . ARG A 1 8  ? -11.210 0.440   3.672   1.00 6.70  ? 8   ARG A O     1 
ATOM   69   C CB    . ARG A 1 8  ? -8.641  1.355   4.919   1.00 7.65  ? 8   ARG A CB    1 
ATOM   70   C CG    . ARG A 1 8  ? -8.078  2.485   5.693   1.00 10.80 ? 8   ARG A CG    1 
ATOM   71   C CD    . ARG A 1 8  ? -6.754  2.237   6.352   1.00 15.99 ? 8   ARG A CD    1 
ATOM   72   N NE    . ARG A 1 8  ? -6.916  1.787   7.662   1.00 17.85 ? 8   ARG A NE    1 
ATOM   73   C CZ    . ARG A 1 8  ? -6.350  2.159   8.801   1.00 17.75 ? 8   ARG A CZ    1 
ATOM   74   N NH1   . ARG A 1 8  ? -5.591  3.223   9.047   1.00 15.66 ? 8   ARG A NH1   1 
ATOM   75   N NH2   . ARG A 1 8  ? -6.725  1.368   9.796   1.00 17.74 ? 8   ARG A NH2   1 
ATOM   76   N N     . PRO A 1 9  ? -9.703  0.362   2.024   1.00 7.16  ? 9   PRO A N     1 
ATOM   77   C CA    . PRO A 1 9  ? -10.375 -0.724  1.303   1.00 7.12  ? 9   PRO A CA    1 
ATOM   78   C C     . PRO A 1 9  ? -10.166 -2.092  2.033   1.00 8.77  ? 9   PRO A C     1 
ATOM   79   O O     . PRO A 1 9  ? -9.235  -2.830  1.738   1.00 9.32  ? 9   PRO A O     1 
ATOM   80   C CB    . PRO A 1 9  ? -9.695  -0.677  -0.057  1.00 7.40  ? 9   PRO A CB    1 
ATOM   81   C CG    . PRO A 1 9  ? -8.307  -0.110  0.198   1.00 5.92  ? 9   PRO A CG    1 
ATOM   82   C CD    . PRO A 1 9  ? -8.453  0.796   1.402   1.00 5.56  ? 9   PRO A CD    1 
ATOM   83   N N     . VAL A 1 10 ? -10.948 -2.353  3.094   1.00 10.84 ? 10  VAL A N     1 
ATOM   84   C CA    . VAL A 1 10 ? -10.804 -3.524  3.953   1.00 8.51  ? 10  VAL A CA    1 
ATOM   85   C C     . VAL A 1 10 ? -11.933 -4.457  3.746   1.00 8.16  ? 10  VAL A C     1 
ATOM   86   O O     . VAL A 1 10 ? -13.045 -4.031  3.624   1.00 8.82  ? 10  VAL A O     1 
ATOM   87   C CB    . VAL A 1 10 ? -10.754 -3.090  5.386   1.00 9.65  ? 10  VAL A CB    1 
ATOM   88   C CG1   . VAL A 1 10 ? -10.676 -4.281  6.309   1.00 11.06 ? 10  VAL A CG1   1 
ATOM   89   C CG2   . VAL A 1 10 ? -9.485  -2.298  5.605   1.00 8.00  ? 10  VAL A CG2   1 
ATOM   90   N N     . VAL A 1 11 ? -11.645 -5.747  3.586   1.00 7.44  ? 11  VAL A N     1 
ATOM   91   C CA    . VAL A 1 11 ? -12.684 -6.797  3.410   1.00 8.05  ? 11  VAL A CA    1 
ATOM   92   C C     . VAL A 1 11 ? -12.408 -8.000  4.269   1.00 7.36  ? 11  VAL A C     1 
ATOM   93   O O     . VAL A 1 11 ? -11.283 -8.168  4.718   1.00 4.34  ? 11  VAL A O     1 
ATOM   94   C CB    . VAL A 1 11 ? -12.772 -7.342  1.966   1.00 9.67  ? 11  VAL A CB    1 
ATOM   95   C CG1   . VAL A 1 11 ? -13.332 -6.257  1.073   1.00 11.42 ? 11  VAL A CG1   1 
ATOM   96   C CG2   . VAL A 1 11 ? -11.423 -7.816  1.401   1.00 9.68  ? 11  VAL A CG2   1 
ATOM   97   N N     . THR A 1 12 ? -13.386 -8.878  4.330   1.00 10.34 ? 12  THR A N     1 
ATOM   98   C CA    . THR A 1 12 ? -13.233 -10.102 5.072   1.00 11.46 ? 12  THR A CA    1 
ATOM   99   C C     . THR A 1 12 ? -12.743 -11.168 4.113   1.00 12.03 ? 12  THR A C     1 
ATOM   100  O O     . THR A 1 12 ? -13.337 -11.314 3.066   1.00 13.56 ? 12  THR A O     1 
ATOM   101  C CB    . THR A 1 12 ? -14.574 -10.591 5.649   1.00 13.30 ? 12  THR A CB    1 
ATOM   102  O OG1   . THR A 1 12 ? -15.052 -9.726  6.641   1.00 16.14 ? 12  THR A OG1   1 
ATOM   103  C CG2   . THR A 1 12 ? -14.296 -11.946 6.284   1.00 13.72 ? 12  THR A CG2   1 
ATOM   104  N N     . ALA A 1 13 ? -11.726 -11.913 4.505   1.00 11.43 ? 13  ALA A N     1 
ATOM   105  C CA    . ALA A 1 13 ? -11.225 -13.025 3.722   1.00 12.07 ? 13  ALA A CA    1 
ATOM   106  C C     . ALA A 1 13 ? -11.134 -14.253 4.609   1.00 13.35 ? 13  ALA A C     1 
ATOM   107  O O     . ALA A 1 13 ? -10.895 -14.175 5.817   1.00 14.14 ? 13  ALA A O     1 
ATOM   108  C CB    . ALA A 1 13 ? -9.813  -12.796 3.183   1.00 11.02 ? 13  ALA A CB    1 
ATOM   109  N N     . TYR A 1 14 ? -11.313 -15.409 4.010   1.00 12.85 ? 14  TYR A N     1 
ATOM   110  C CA    . TYR A 1 14 ? -11.081 -16.629 4.746   1.00 11.67 ? 14  TYR A CA    1 
ATOM   111  C C     . TYR A 1 14 ? -9.774  -17.199 4.238   1.00 11.87 ? 14  TYR A C     1 
ATOM   112  O O     . TYR A 1 14 ? -9.689  -17.406 3.040   1.00 11.98 ? 14  TYR A O     1 
ATOM   113  C CB    . TYR A 1 14 ? -12.135 -17.632 4.408   1.00 10.95 ? 14  TYR A CB    1 
ATOM   114  C CG    . TYR A 1 14 ? -13.403 -17.267 5.082   1.00 16.27 ? 14  TYR A CG    1 
ATOM   115  C CD1   . TYR A 1 14 ? -14.231 -16.306 4.519   1.00 15.51 ? 14  TYR A CD1   1 
ATOM   116  C CD2   . TYR A 1 14 ? -13.764 -17.867 6.288   1.00 16.04 ? 14  TYR A CD2   1 
ATOM   117  C CE1   . TYR A 1 14 ? -15.412 -15.928 5.160   1.00 15.54 ? 14  TYR A CE1   1 
ATOM   118  C CE2   . TYR A 1 14 ? -14.934 -17.477 6.946   1.00 17.03 ? 14  TYR A CE2   1 
ATOM   119  C CZ    . TYR A 1 14 ? -15.745 -16.497 6.382   1.00 15.59 ? 14  TYR A CZ    1 
ATOM   120  O OH    . TYR A 1 14 ? -16.908 -16.121 7.026   1.00 18.99 ? 14  TYR A OH    1 
ATOM   121  N N     . ILE A 1 15 ? -8.796  -17.394 5.136   1.00 12.25 ? 15  ILE A N     1 
ATOM   122  C CA    . ILE A 1 15 ? -7.498  -17.992 4.892   1.00 10.87 ? 15  ILE A CA    1 
ATOM   123  C C     . ILE A 1 15 ? -7.483  -19.414 5.506   1.00 14.96 ? 15  ILE A C     1 
ATOM   124  O O     . ILE A 1 15 ? -7.493  -19.595 6.739   1.00 10.82 ? 15  ILE A O     1 
ATOM   125  C CB    . ILE A 1 15 ? -6.378  -17.120 5.363   1.00 10.03 ? 15  ILE A CB    1 
ATOM   126  C CG1   . ILE A 1 15 ? -6.512  -15.766 4.629   1.00 9.77  ? 15  ILE A CG1   1 
ATOM   127  C CG2   . ILE A 1 15 ? -5.032  -17.809 5.075   1.00 8.44  ? 15  ILE A CG2   1 
ATOM   128  C CD1   . ILE A 1 15 ? -5.606  -14.673 5.154   1.00 8.76  ? 15  ILE A CD1   1 
ATOM   129  N N     . GLU A 1 16 ? -7.524  -20.437 4.579   1.00 15.81 ? 16  GLU A N     1 
ATOM   130  C CA    . GLU A 1 16 ? -7.602  -21.846 4.970   1.00 14.35 ? 16  GLU A CA    1 
ATOM   131  C C     . GLU A 1 16 ? -8.786  -21.968 5.916   1.00 13.92 ? 16  GLU A C     1 
ATOM   132  O O     . GLU A 1 16 ? -8.704  -22.494 7.025   1.00 15.19 ? 16  GLU A O     1 
ATOM   133  C CB    . GLU A 1 16 ? -6.279  -22.429 5.533   1.00 16.70 ? 16  GLU A CB    1 
ATOM   134  C CG    . GLU A 1 16 ? -5.075  -22.576 4.512   1.00 21.07 ? 16  GLU A CG    1 
ATOM   135  C CD    . GLU A 1 16 ? -5.247  -23.657 3.453   1.00 23.41 ? 16  GLU A CD    1 
ATOM   136  O OE1   . GLU A 1 16 ? -6.170  -24.459 3.489   1.00 26.19 ? 16  GLU A OE1   1 
ATOM   137  O OE2   . GLU A 1 16 ? -4.337  -23.652 2.498   1.00 23.53 ? 16  GLU A OE2   1 
ATOM   138  N N     . GLY A 1 17 ? -9.879  -21.374 5.485   1.00 14.46 ? 17  GLY A N     1 
ATOM   139  C CA    . GLY A 1 17 ? -11.110 -21.382 6.254   1.00 15.46 ? 17  GLY A CA    1 
ATOM   140  C C     . GLY A 1 17 ? -11.220 -20.419 7.432   1.00 14.38 ? 17  GLY A C     1 
ATOM   141  O O     . GLY A 1 17 ? -12.243 -20.445 8.091   1.00 15.48 ? 17  GLY A O     1 
ATOM   142  N N     . GLN A 1 18 ? -10.206 -19.632 7.796   1.00 15.27 ? 18  GLN A N     1 
ATOM   143  C CA    . GLN A 1 18 ? -10.346 -18.775 8.958   1.00 13.49 ? 18  GLN A CA    1 
ATOM   144  C C     . GLN A 1 18 ? -10.607 -17.333 8.562   1.00 14.35 ? 18  GLN A C     1 
ATOM   145  O O     . GLN A 1 18 ? -9.839  -16.768 7.779   1.00 12.77 ? 18  GLN A O     1 
ATOM   146  C CB    . GLN A 1 18 ? -9.097  -18.773 9.788   1.00 14.52 ? 18  GLN A CB    1 
ATOM   147  C CG    . GLN A 1 18 ? -8.649  -20.193 10.074  1.00 20.32 ? 18  GLN A CG    1 
ATOM   148  C CD    . GLN A 1 18 ? -7.153  -20.339 10.287  1.00 25.05 ? 18  GLN A CD    1 
ATOM   149  O OE1   . GLN A 1 18 ? -6.574  -19.805 11.273  1.00 26.07 ? 18  GLN A OE1   1 
ATOM   150  N NE2   . GLN A 1 18 ? -6.569  -21.226 9.487   1.00 26.25 ? 18  GLN A NE2   1 
ATOM   151  N N     . PRO A 1 19 ? -11.634 -16.709 9.162   1.00 14.98 ? 19  PRO A N     1 
ATOM   152  C CA    . PRO A 1 19 ? -11.932 -15.309 8.807   1.00 13.73 ? 19  PRO A CA    1 
ATOM   153  C C     . PRO A 1 19 ? -10.925 -14.288 9.376   1.00 13.36 ? 19  PRO A C     1 
ATOM   154  O O     . PRO A 1 19 ? -10.461 -14.351 10.538  1.00 14.29 ? 19  PRO A O     1 
ATOM   155  C CB    . PRO A 1 19 ? -13.347 -15.024 9.341   1.00 13.57 ? 19  PRO A CB    1 
ATOM   156  C CG    . PRO A 1 19 ? -13.568 -16.018 10.452  1.00 13.32 ? 19  PRO A CG    1 
ATOM   157  C CD    . PRO A 1 19 ? -12.625 -17.203 10.176  1.00 14.17 ? 19  PRO A CD    1 
ATOM   158  N N     . VAL A 1 20 ? -10.507 -13.348 8.513   1.00 13.18 ? 20  VAL A N     1 
ATOM   159  C CA    . VAL A 1 20 ? -9.592  -12.297 8.903   1.00 12.42 ? 20  VAL A CA    1 
ATOM   160  C C     . VAL A 1 20 ? -10.004 -11.049 8.154   1.00 11.56 ? 20  VAL A C     1 
ATOM   161  O O     . VAL A 1 20 ? -10.537 -11.124 7.074   1.00 9.16  ? 20  VAL A O     1 
ATOM   162  C CB    . VAL A 1 20 ? -8.138  -12.623 8.557   1.00 14.88 ? 20  VAL A CB    1 
ATOM   163  C CG1   . VAL A 1 20 ? -7.624  -13.713 9.473   1.00 16.95 ? 20  VAL A CG1   1 
ATOM   164  C CG2   . VAL A 1 20 ? -8.065  -13.094 7.121   1.00 15.26 ? 20  VAL A CG2   1 
ATOM   165  N N     . GLU A 1 21 ? -9.768  -9.894  8.713   1.00 10.86 ? 21  GLU A N     1 
ATOM   166  C CA    . GLU A 1 21 ? -10.057 -8.658  7.995   1.00 13.38 ? 21  GLU A CA    1 
ATOM   167  C C     . GLU A 1 21 ? -8.753  -8.247  7.275   1.00 11.24 ? 21  GLU A C     1 
ATOM   168  O O     . GLU A 1 21 ? -7.659  -8.305  7.887   1.00 14.34 ? 21  GLU A O     1 
ATOM   169  C CB    . GLU A 1 21 ? -10.593 -7.575  8.954   1.00 15.16 ? 21  GLU A CB    1 
ATOM   170  C CG    . GLU A 1 21 ? -11.670 -6.615  8.407   1.00 23.26 ? 21  GLU A CG    1 
ATOM   171  C CD    . GLU A 1 21 ? -13.033 -7.186  7.971   1.00 28.71 ? 21  GLU A CD    1 
ATOM   172  O OE1   . GLU A 1 21 ? -13.532 -8.261  8.323   1.00 31.46 ? 21  GLU A OE1   1 
ATOM   173  O OE2   . GLU A 1 21 ? -13.716 -6.374  7.159   1.00 32.02 ? 21  GLU A OE2   1 
ATOM   174  N N     . VAL A 1 22 ? -8.815  -7.998  5.949   1.00 10.27 ? 22  VAL A N     1 
ATOM   175  C CA    . VAL A 1 22 ? -7.600  -7.638  5.205   1.00 8.92  ? 22  VAL A CA    1 
ATOM   176  C C     . VAL A 1 22 ? -7.743  -6.346  4.402   1.00 5.09  ? 22  VAL A C     1 
ATOM   177  O O     . VAL A 1 22 ? -8.843  -6.000  3.952   1.00 6.94  ? 22  VAL A O     1 
ATOM   178  C CB    . VAL A 1 22 ? -7.176  -8.722  4.253   1.00 7.39  ? 22  VAL A CB    1 
ATOM   179  C CG1   . VAL A 1 22 ? -6.955  -10.025 5.020   1.00 7.02  ? 22  VAL A CG1   1 
ATOM   180  C CG2   . VAL A 1 22 ? -8.279  -8.885  3.222   1.00 3.38  ? 22  VAL A CG2   1 
ATOM   181  N N     . LEU A 1 23 ? -6.638  -5.650  4.266   1.00 6.01  ? 23  LEU A N     1 
ATOM   182  C CA    . LEU A 1 23 ? -6.546  -4.400  3.518   1.00 9.23  ? 23  LEU A CA    1 
ATOM   183  C C     . LEU A 1 23 ? -6.046  -4.752  2.114   1.00 6.07  ? 23  LEU A C     1 
ATOM   184  O O     . LEU A 1 23 ? -5.062  -5.435  2.029   1.00 7.24  ? 23  LEU A O     1 
ATOM   185  C CB    . LEU A 1 23 ? -5.479  -3.511  4.238   1.00 8.15  ? 23  LEU A CB    1 
ATOM   186  C CG    . LEU A 1 23 ? -4.968  -2.267  3.506   1.00 9.30  ? 23  LEU A CG    1 
ATOM   187  C CD1   . LEU A 1 23 ? -6.119  -1.300  3.284   1.00 12.38 ? 23  LEU A CD1   1 
ATOM   188  C CD2   . LEU A 1 23 ? -3.904  -1.620  4.371   1.00 7.91  ? 23  LEU A CD2   1 
ATOM   189  N N     . LEU A 1 24 ? -6.725  -4.281  1.033   1.00 5.39  ? 24  LEU A N     1 
ATOM   190  C CA    . LEU A 1 24 ? -6.346  -4.468  -0.343  1.00 4.03  ? 24  LEU A CA    1 
ATOM   191  C C     . LEU A 1 24 ? -5.320  -3.407  -0.697  1.00 5.89  ? 24  LEU A C     1 
ATOM   192  O O     . LEU A 1 24 ? -5.633  -2.213  -0.847  1.00 6.59  ? 24  LEU A O     1 
ATOM   193  C CB    . LEU A 1 24 ? -7.621  -4.431  -1.245  1.00 7.30  ? 24  LEU A CB    1 
ATOM   194  C CG    . LEU A 1 24 ? -8.794  -5.267  -0.717  1.00 8.69  ? 24  LEU A CG    1 
ATOM   195  C CD1   . LEU A 1 24 ? -10.051 -5.053  -1.598  1.00 8.09  ? 24  LEU A CD1   1 
ATOM   196  C CD2   . LEU A 1 24 ? -8.371  -6.730  -0.717  1.00 9.49  ? 24  LEU A CD2   1 
ATOM   197  N N     . ASP A 1 25 ? -4.090  -3.868  -0.821  1.00 2.76  ? 25  ASP A N     1 
ATOM   198  C CA    . ASP A 1 25 ? -2.898  -3.034  -0.892  1.00 5.44  ? 25  ASP A CA    1 
ATOM   199  C C     . ASP A 1 25 ? -2.134  -3.088  -2.186  1.00 6.10  ? 25  ASP A C     1 
ATOM   200  O O     . ASP A 1 25 ? -1.288  -3.971  -2.321  1.00 7.80  ? 25  ASP A O     1 
ATOM   201  C CB    . ASP A 1 25 ? -1.994  -3.339  0.335   1.00 4.18  ? 25  ASP A CB    1 
ATOM   202  C CG    . ASP A 1 25 ? -1.000  -2.212  0.688   1.00 8.78  ? 25  ASP A CG    1 
ATOM   203  O OD1   . ASP A 1 25 ? -0.889  -1.347  -0.272  1.00 9.49  ? 25  ASP A OD1   1 
ATOM   204  O OD2   . ASP A 1 25 ? -0.135  -2.277  1.525   1.00 9.92  ? 25  ASP A OD2   1 
ATOM   205  N N     . THR A 1 26 ? -2.359  -2.071  -3.078  1.00 4.64  ? 26  THR A N     1 
ATOM   206  C CA    . THR A 1 26 ? -1.626  -1.978  -4.388  1.00 4.94  ? 26  THR A CA    1 
ATOM   207  C C     . THR A 1 26 ? -0.151  -1.636  -4.175  1.00 3.75  ? 26  THR A C     1 
ATOM   208  O O     . THR A 1 26 ? 0.679   -1.809  -5.072  1.00 4.47  ? 26  THR A O     1 
ATOM   209  C CB    . THR A 1 26 ? -2.235  -0.872  -5.336  1.00 6.51  ? 26  THR A CB    1 
ATOM   210  O OG1   . THR A 1 26 ? -2.227  0.367   -4.668  1.00 3.61  ? 26  THR A OG1   1 
ATOM   211  C CG2   . THR A 1 26 ? -3.649  -1.154  -5.705  1.00 4.23  ? 26  THR A CG2   1 
ATOM   212  N N     . GLY A 1 27 ? 0.208   -1.130  -2.965  1.00 2.67  ? 27  GLY A N     1 
ATOM   213  C CA    . GLY A 1 27 ? 1.588   -0.734  -2.742  1.00 3.42  ? 27  GLY A CA    1 
ATOM   214  C C     . GLY A 1 27 ? 2.473   -1.851  -2.218  1.00 7.35  ? 27  GLY A C     1 
ATOM   215  O O     . GLY A 1 27 ? 3.682   -1.683  -2.112  1.00 8.29  ? 27  GLY A O     1 
ATOM   216  N N     . ALA A 1 28 ? 1.861   -2.974  -1.821  1.00 6.05  ? 28  ALA A N     1 
ATOM   217  C CA    . ALA A 1 28 ? 2.563   -4.088  -1.238  1.00 8.12  ? 28  ALA A CA    1 
ATOM   218  C C     . ALA A 1 28 ? 2.873   -5.163  -2.269  1.00 8.19  ? 28  ALA A C     1 
ATOM   219  O O     . ALA A 1 28 ? 1.977   -5.598  -2.992  1.00 11.09 ? 28  ALA A O     1 
ATOM   220  C CB    . ALA A 1 28 ? 1.679   -4.675  -0.142  1.00 5.49  ? 28  ALA A CB    1 
ATOM   221  N N     . ASP A 1 29 ? 4.147   -5.612  -2.327  1.00 7.19  ? 29  ASP A N     1 
ATOM   222  C CA    . ASP A 1 29 ? 4.519   -6.636  -3.272  1.00 7.92  ? 29  ASP A CA    1 
ATOM   223  C C     . ASP A 1 29 ? 4.135   -8.023  -2.823  1.00 7.14  ? 29  ASP A C     1 
ATOM   224  O O     . ASP A 1 29 ? 3.719   -8.832  -3.663  1.00 12.96 ? 29  ASP A O     1 
ATOM   225  C CB    . ASP A 1 29 ? 6.004   -6.639  -3.514  1.00 5.43  ? 29  ASP A CB    1 
ATOM   226  C CG    . ASP A 1 29 ? 6.594   -5.375  -4.049  1.00 8.38  ? 29  ASP A CG    1 
ATOM   227  O OD1   . ASP A 1 29 ? 6.023   -4.567  -4.777  1.00 9.44  ? 29  ASP A OD1   1 
ATOM   228  O OD2   . ASP A 1 29 ? 7.865   -5.412  -3.877  1.00 10.03 ? 29  ASP A OD2   1 
ATOM   229  N N     . ASP A 1 30 ? 4.114   -8.185  -1.493  1.00 10.45 ? 30  ASP A N     1 
ATOM   230  C CA    . ASP A 1 30 ? 3.777   -9.401  -0.764  1.00 12.27 ? 30  ASP A CA    1 
ATOM   231  C C     . ASP A 1 30 ? 2.538   -9.269  0.130   1.00 11.71 ? 30  ASP A C     1 
ATOM   232  O O     . ASP A 1 30 ? 2.051   -8.150  0.376   1.00 11.94 ? 30  ASP A O     1 
ATOM   233  C CB    . ASP A 1 30 ? 4.955   -9.792  0.114   1.00 12.85 ? 30  ASP A CB    1 
ATOM   234  C CG    . ASP A 1 30 ? 6.219   -9.950  -0.628  1.00 16.80 ? 30  ASP A CG    1 
ATOM   235  O OD1   . ASP A 1 30 ? 6.300   -10.554 -1.670  1.00 17.17 ? 30  ASP A OD1   1 
ATOM   236  O OD2   . ASP A 1 30 ? 7.247   -9.444  -0.023  1.00 20.46 ? 30  ASP A OD2   1 
ATOM   237  N N     . SER A 1 31 ? 2.066   -10.424 0.658   1.00 7.71  ? 31  SER A N     1 
ATOM   238  C CA    . SER A 1 31 ? 0.871   -10.471 1.479   1.00 7.98  ? 31  SER A CA    1 
ATOM   239  C C     . SER A 1 31 ? 1.269   -10.933 2.865   1.00 9.68  ? 31  SER A C     1 
ATOM   240  O O     . SER A 1 31 ? 2.048   -11.876 2.972   1.00 9.65  ? 31  SER A O     1 
ATOM   241  C CB    . SER A 1 31 ? -0.194  -11.374 0.889   1.00 6.42  ? 31  SER A CB    1 
ATOM   242  O OG    . SER A 1 31 ? -0.766  -10.822 -0.261  1.00 6.75  ? 31  SER A OG    1 
ATOM   243  N N     . ILE A 1 32 ? 0.788   -10.248 3.910   1.00 8.05  ? 32  ILE A N     1 
ATOM   244  C CA    . ILE A 1 32 ? 1.195   -10.625 5.236   1.00 9.55  ? 32  ILE A CA    1 
ATOM   245  C C     . ILE A 1 32 ? 0.044   -10.534 6.226   1.00 11.46 ? 32  ILE A C     1 
ATOM   246  O O     . ILE A 1 32 ? -0.642  -9.515  6.310   1.00 11.64 ? 32  ILE A O     1 
ATOM   247  C CB    . ILE A 1 32 ? 2.450   -9.911  5.724   1.00 9.37  ? 32  ILE A CB    1 
ATOM   248  C CG1   . ILE A 1 32 ? 2.732   -10.263 7.179   1.00 8.99  ? 32  ILE A CG1   1 
ATOM   249  C CG2   . ILE A 1 32 ? 2.270   -8.405  5.683   1.00 13.36 ? 32  ILE A CG2   1 
ATOM   250  C CD1   . ILE A 1 32 ? 4.110   -9.848  7.577   1.00 11.53 ? 32  ILE A CD1   1 
ATOM   251  N N     . VAL A 1 33 ? -0.151  -11.596 6.982   1.00 12.30 ? 33  VAL A N     1 
ATOM   252  C CA    . VAL A 1 33 ? -1.253  -11.702 7.925   1.00 14.23 ? 33  VAL A CA    1 
ATOM   253  C C     . VAL A 1 33 ? -0.754  -12.088 9.304   1.00 15.89 ? 33  VAL A C     1 
ATOM   254  O O     . VAL A 1 33 ? 0.306   -12.715 9.449   1.00 17.54 ? 33  VAL A O     1 
ATOM   255  C CB    . VAL A 1 33 ? -2.247  -12.755 7.395   1.00 16.85 ? 33  VAL A CB    1 
ATOM   256  C CG1   . VAL A 1 33 ? -1.577  -14.122 7.342   1.00 19.16 ? 33  VAL A CG1   1 
ATOM   257  C CG2   . VAL A 1 33 ? -3.471  -12.871 8.270   1.00 15.17 ? 33  VAL A CG2   1 
ATOM   258  N N     . ALA A 1 34 ? -1.478  -11.609 10.311  1.00 17.11 ? 34  ALA A N     1 
ATOM   259  C CA    . ALA A 1 34 ? -1.136  -11.880 11.704  1.00 17.43 ? 34  ALA A CA    1 
ATOM   260  C C     . ALA A 1 34 ? -2.259  -12.642 12.371  1.00 18.94 ? 34  ALA A C     1 
ATOM   261  O O     . ALA A 1 34 ? -3.470  -12.418 12.135  1.00 19.92 ? 34  ALA A O     1 
ATOM   262  C CB    . ALA A 1 34 ? -0.902  -10.581 12.485  1.00 15.56 ? 34  ALA A CB    1 
ATOM   263  N N     . GLY A 1 35 ? -1.837  -13.555 13.243  1.00 21.10 ? 35  GLY A N     1 
ATOM   264  C CA    . GLY A 1 35 ? -2.774  -14.247 14.081  1.00 22.09 ? 35  GLY A CA    1 
ATOM   265  C C     . GLY A 1 35 ? -3.655  -15.281 13.460  1.00 24.35 ? 35  GLY A C     1 
ATOM   266  O O     . GLY A 1 35 ? -4.851  -15.341 13.715  1.00 27.69 ? 35  GLY A O     1 
ATOM   267  N N     . ILE A 1 36 ? -3.050  -16.042 12.611  1.00 25.87 ? 36  ILE A N     1 
ATOM   268  C CA    . ILE A 1 36 ? -3.576  -17.241 12.074  1.00 26.35 ? 36  ILE A CA    1 
ATOM   269  C C     . ILE A 1 36 ? -2.359  -18.153 12.080  1.00 28.84 ? 36  ILE A C     1 
ATOM   270  O O     . ILE A 1 36 ? -1.215  -17.742 11.846  1.00 30.13 ? 36  ILE A O     1 
ATOM   271  C CB    . ILE A 1 36 ? -4.241  -17.214 10.714  1.00 25.50 ? 36  ILE A CB    1 
ATOM   272  C CG1   . ILE A 1 36 ? -3.283  -16.833 9.634   1.00 22.75 ? 36  ILE A CG1   1 
ATOM   273  C CG2   . ILE A 1 36 ? -5.502  -16.352 10.663  1.00 25.43 ? 36  ILE A CG2   1 
ATOM   274  C CD1   . ILE A 1 36 ? -4.066  -16.774 8.317   1.00 22.49 ? 36  ILE A CD1   1 
ATOM   275  N N     . GLU A 1 37 ? -2.574  -19.376 12.461  1.00 30.48 ? 37  GLU A N     1 
ATOM   276  C CA    . GLU A 1 37 ? -1.492  -20.301 12.495  1.00 31.04 ? 37  GLU A CA    1 
ATOM   277  C C     . GLU A 1 37 ? -1.666  -21.133 11.228  1.00 27.57 ? 37  GLU A C     1 
ATOM   278  O O     . GLU A 1 37 ? -2.771  -21.581 10.944  1.00 26.85 ? 37  GLU A O     1 
ATOM   279  C CB    . GLU A 1 37 ? -1.658  -21.102 13.814  1.00 34.94 ? 37  GLU A CB    1 
ATOM   280  C CG    . GLU A 1 37 ? -0.816  -22.378 13.845  1.00 39.18 ? 37  GLU A CG    1 
ATOM   281  C CD    . GLU A 1 37 ? 0.634   -22.050 13.791  1.00 42.09 ? 37  GLU A CD    1 
ATOM   282  O OE1   . GLU A 1 37 ? 1.216   -21.450 14.698  1.00 44.61 ? 37  GLU A OE1   1 
ATOM   283  O OE2   . GLU A 1 37 ? 1.184   -22.449 12.634  1.00 42.56 ? 37  GLU A OE2   1 
ATOM   284  N N     . LEU A 1 38 ? -0.656  -21.203 10.384  1.00 24.33 ? 38  LEU A N     1 
ATOM   285  C CA    . LEU A 1 38 ? -0.818  -21.922 9.131   1.00 24.79 ? 38  LEU A CA    1 
ATOM   286  C C     . LEU A 1 38 ? -0.004  -23.229 9.125   1.00 26.45 ? 38  LEU A C     1 
ATOM   287  O O     . LEU A 1 38 ? 0.123   -23.917 8.108   1.00 26.11 ? 38  LEU A O     1 
ATOM   288  C CB    . LEU A 1 38 ? -0.416  -21.052 7.939   1.00 21.16 ? 38  LEU A CB    1 
ATOM   289  C CG    . LEU A 1 38 ? -1.489  -20.054 7.488   1.00 21.17 ? 38  LEU A CG    1 
ATOM   290  C CD1   . LEU A 1 38 ? -0.900  -19.135 6.396   1.00 20.66 ? 38  LEU A CD1   1 
ATOM   291  C CD2   . LEU A 1 38 ? -2.702  -20.805 6.931   1.00 21.21 ? 38  LEU A CD2   1 
ATOM   292  N N     . GLY A 1 39 ? 0.609   -23.554 10.273  1.00 28.58 ? 39  GLY A N     1 
ATOM   293  C CA    . GLY A 1 39 ? 1.358   -24.812 10.355  1.00 29.18 ? 39  GLY A CA    1 
ATOM   294  C C     . GLY A 1 39 ? 2.863   -24.689 10.237  1.00 29.60 ? 39  GLY A C     1 
ATOM   295  O O     . GLY A 1 39 ? 3.438   -23.626 10.436  1.00 28.84 ? 39  GLY A O     1 
ATOM   296  N N     . ASN A 1 40 ? 3.479   -25.831 9.932   1.00 29.46 ? 40  ASN A N     1 
ATOM   297  C CA    . ASN A 1 40 ? 4.918   -26.010 9.895   1.00 30.23 ? 40  ASN A CA    1 
ATOM   298  C C     . ASN A 1 40 ? 5.658   -25.963 8.579   1.00 27.84 ? 40  ASN A C     1 
ATOM   299  O O     . ASN A 1 40 ? 6.869   -25.808 8.601   1.00 28.59 ? 40  ASN A O     1 
ATOM   300  C CB    . ASN A 1 40 ? 5.368   -27.163 10.815  1.00 32.78 ? 40  ASN A CB    1 
ATOM   301  C CG    . ASN A 1 40 ? 5.188   -26.681 12.244  1.00 35.80 ? 40  ASN A CG    1 
ATOM   302  O OD1   . ASN A 1 40 ? 4.082   -26.829 12.823  1.00 36.40 ? 40  ASN A OD1   1 
ATOM   303  N ND2   . ASN A 1 40 ? 6.183   -25.912 12.721  1.00 35.82 ? 40  ASN A ND2   1 
ATOM   304  N N     . ASN A 1 41 ? 4.987   -26.122 7.432   1.00 25.19 ? 41  ASN A N     1 
ATOM   305  C CA    . ASN A 1 41 ? 5.735   -25.967 6.186   1.00 24.60 ? 41  ASN A CA    1 
ATOM   306  C C     . ASN A 1 41 ? 5.810   -24.485 5.766   1.00 23.75 ? 41  ASN A C     1 
ATOM   307  O O     . ASN A 1 41 ? 5.004   -23.950 4.994   1.00 23.25 ? 41  ASN A O     1 
ATOM   308  C CB    . ASN A 1 41 ? 5.444   -26.975 5.029   1.00 24.29 ? 41  ASN A CB    1 
ATOM   309  C CG    . ASN A 1 41 ? 6.485   -26.943 3.874   1.00 27.48 ? 41  ASN A CG    1 
ATOM   310  O OD1   . ASN A 1 41 ? 7.742   -26.949 4.069   1.00 29.08 ? 41  ASN A OD1   1 
ATOM   311  N ND2   . ASN A 1 41 ? 6.007   -26.960 2.619   1.00 27.69 ? 41  ASN A ND2   1 
ATOM   312  N N     . TYR A 1 42 ? 6.790   -23.822 6.340   1.00 22.88 ? 42  TYR A N     1 
ATOM   313  C CA    . TYR A 1 42 ? 7.088   -22.449 6.030   1.00 21.21 ? 42  TYR A CA    1 
ATOM   314  C C     . TYR A 1 42 ? 8.581   -22.344 5.964   1.00 22.61 ? 42  TYR A C     1 
ATOM   315  O O     . TYR A 1 42 ? 9.285   -23.268 6.398   1.00 23.55 ? 42  TYR A O     1 
ATOM   316  C CB    . TYR A 1 42 ? 6.581   -21.507 7.121   1.00 20.30 ? 42  TYR A CB    1 
ATOM   317  C CG    . TYR A 1 42 ? 7.346   -21.667 8.388   1.00 20.20 ? 42  TYR A CG    1 
ATOM   318  C CD1   . TYR A 1 42 ? 8.551   -21.001 8.636   1.00 22.69 ? 42  TYR A CD1   1 
ATOM   319  C CD2   . TYR A 1 42 ? 6.858   -22.498 9.393   1.00 23.06 ? 42  TYR A CD2   1 
ATOM   320  C CE1   . TYR A 1 42 ? 9.230   -21.155 9.851   1.00 21.53 ? 42  TYR A CE1   1 
ATOM   321  C CE2   . TYR A 1 42 ? 7.501   -22.632 10.628  1.00 23.55 ? 42  TYR A CE2   1 
ATOM   322  C CZ    . TYR A 1 42 ? 8.746   -22.046 10.814  1.00 23.54 ? 42  TYR A CZ    1 
ATOM   323  O OH    . TYR A 1 42 ? 9.400   -22.209 12.031  1.00 26.12 ? 42  TYR A OH    1 
ATOM   324  N N     . SER A 1 43 ? 9.051   -21.234 5.405   1.00 19.75 ? 43  SER A N     1 
ATOM   325  C CA    . SER A 1 43 ? 10.423  -20.860 5.407   1.00 19.01 ? 43  SER A CA    1 
ATOM   326  C C     . SER A 1 43 ? 10.473  -19.446 5.843   1.00 19.54 ? 43  SER A C     1 
ATOM   327  O O     . SER A 1 43 ? 9.651   -18.613 5.501   1.00 19.06 ? 43  SER A O     1 
ATOM   328  C CB    . SER A 1 43 ? 11.262  -21.060 4.187   1.00 18.02 ? 43  SER A CB    1 
ATOM   329  O OG    . SER A 1 43 ? 10.548  -20.678 3.071   1.00 22.55 ? 43  SER A OG    1 
ATOM   330  N N     . PRO A 1 44 ? 11.437  -19.191 6.661   1.00 21.30 ? 44  PRO A N     1 
ATOM   331  C CA    . PRO A 1 44 ? 11.558  -17.901 7.212   1.00 22.50 ? 44  PRO A CA    1 
ATOM   332  C C     . PRO A 1 44 ? 12.039  -16.915 6.162   1.00 21.96 ? 44  PRO A C     1 
ATOM   333  O O     . PRO A 1 44 ? 13.002  -17.151 5.453   1.00 22.32 ? 44  PRO A O     1 
ATOM   334  C CB    . PRO A 1 44 ? 12.654  -18.113 8.253   1.00 22.64 ? 44  PRO A CB    1 
ATOM   335  C CG    . PRO A 1 44 ? 13.521  -19.260 7.740   1.00 24.28 ? 44  PRO A CG    1 
ATOM   336  C CD    . PRO A 1 44 ? 12.749  -19.879 6.614   1.00 21.40 ? 44  PRO A CD    1 
ATOM   337  N N     . LYS A 1 45 ? 11.450  -15.737 6.211   1.00 21.69 ? 45  LYS A N     1 
ATOM   338  C CA    . LYS A 1 45 ? 11.742  -14.619 5.346   1.00 20.89 ? 45  LYS A CA    1 
ATOM   339  C C     . LYS A 1 45 ? 11.913  -13.341 6.174   1.00 21.06 ? 45  LYS A C     1 
ATOM   340  O O     . LYS A 1 45 ? 11.378  -13.231 7.282   1.00 24.25 ? 45  LYS A O     1 
ATOM   341  C CB    . LYS A 1 45 ? 10.626  -14.418 4.328   1.00 21.88 ? 45  LYS A CB    1 
ATOM   342  C CG    . LYS A 1 45 ? 11.037  -14.926 2.967   1.00 26.47 ? 45  LYS A CG    1 
ATOM   343  C CD    . LYS A 1 45 ? 12.573  -15.046 2.810   1.00 29.51 ? 45  LYS A CD    1 
ATOM   344  C CE    . LYS A 1 45 ? 13.352  -13.732 2.449   1.00 29.34 ? 45  LYS A CE    1 
ATOM   345  N NZ    . LYS A 1 45 ? 14.585  -13.452 3.239   1.00 27.97 ? 45  LYS A NZ    1 
ATOM   346  N N     . ILE A 1 46 ? 12.720  -12.419 5.664   1.00 19.64 ? 46  ILE A N     1 
ATOM   347  C CA    . ILE A 1 46 ? 12.939  -11.098 6.249   1.00 20.67 ? 46  ILE A CA    1 
ATOM   348  C C     . ILE A 1 46 ? 12.281  -10.173 5.236   1.00 21.99 ? 46  ILE A C     1 
ATOM   349  O O     . ILE A 1 46 ? 12.476  -10.384 4.023   1.00 22.98 ? 46  ILE A O     1 
ATOM   350  C CB    . ILE A 1 46 ? 14.429  -10.787 6.461   1.00 21.85 ? 46  ILE A CB    1 
ATOM   351  C CG1   . ILE A 1 46 ? 14.910  -11.247 7.829   1.00 24.21 ? 46  ILE A CG1   1 
ATOM   352  C CG2   . ILE A 1 46 ? 14.693  -9.319  6.373   1.00 22.46 ? 46  ILE A CG2   1 
ATOM   353  C CD1   . ILE A 1 46 ? 15.082  -12.775 7.962   1.00 26.52 ? 46  ILE A CD1   1 
ATOM   354  N N     . VAL A 1 47 ? 11.316  -9.369  5.696   1.00 20.46 ? 47  VAL A N     1 
ATOM   355  C CA    . VAL A 1 47 ? 10.577  -8.429  4.857   1.00 19.84 ? 47  VAL A CA    1 
ATOM   356  C C     . VAL A 1 47 ? 10.735  -6.998  5.367   1.00 18.37 ? 47  VAL A C     1 
ATOM   357  O O     . VAL A 1 47 ? 10.766  -6.788  6.584   1.00 17.96 ? 47  VAL A O     1 
ATOM   358  C CB    . VAL A 1 47 ? 9.132   -8.829  4.579   1.00 20.45 ? 47  VAL A CB    1 
ATOM   359  C CG1   . VAL A 1 47 ? 8.222   -8.712  5.773   1.00 20.93 ? 47  VAL A CG1   1 
ATOM   360  C CG2   . VAL A 1 47 ? 8.520   -8.061  3.407   1.00 20.08 ? 47  VAL A CG2   1 
ATOM   361  N N     . GLY A 1 48 ? 10.933  -6.076  4.412   1.00 16.01 ? 48  GLY A N     1 
ATOM   362  C CA    . GLY A 1 48 ? 11.151  -4.666  4.688   1.00 17.15 ? 48  GLY A CA    1 
ATOM   363  C C     . GLY A 1 48 ? 9.923   -3.755  4.498   1.00 15.78 ? 48  GLY A C     1 
ATOM   364  O O     . GLY A 1 48 ? 9.233   -3.818  3.494   1.00 14.24 ? 48  GLY A O     1 
ATOM   365  N N     . GLY A 1 49 ? 9.639   -2.908  5.500   1.00 15.86 ? 49  GLY A N     1 
ATOM   366  C CA    . GLY A 1 49 ? 8.560   -1.962  5.456   1.00 15.43 ? 49  GLY A CA    1 
ATOM   367  C C     . GLY A 1 49 ? 9.095   -0.546  5.494   1.00 15.35 ? 49  GLY A C     1 
ATOM   368  O O     . GLY A 1 49 ? 10.288  -0.325  5.402   1.00 15.84 ? 49  GLY A O     1 
ATOM   369  N N     . ILE A 1 50 ? 8.219   0.426   5.636   1.00 14.51 ? 50  ILE A N     1 
ATOM   370  C CA    . ILE A 1 50 ? 8.686   1.794   5.681   1.00 18.86 ? 50  ILE A CA    1 
ATOM   371  C C     . ILE A 1 50 ? 9.600   2.098   6.873   1.00 17.82 ? 50  ILE A C     1 
ATOM   372  O O     . ILE A 1 50 ? 10.442  2.962   6.779   1.00 16.51 ? 50  ILE A O     1 
ATOM   373  C CB    . ILE A 1 50 ? 7.512   2.759   5.627   1.00 21.10 ? 50  ILE A CB    1 
ATOM   374  C CG1   . ILE A 1 50 ? 7.974   4.166   5.237   1.00 24.76 ? 50  ILE A CG1   1 
ATOM   375  C CG2   . ILE A 1 50 ? 6.811   2.757   6.980   1.00 23.83 ? 50  ILE A CG2   1 
ATOM   376  C CD1   . ILE A 1 50 ? 6.801   5.121   5.028   1.00 26.27 ? 50  ILE A CD1   1 
ATOM   377  N N     . GLY A 1 51 ? 9.456   1.382   8.006   1.00 16.26 ? 51  GLY A N     1 
ATOM   378  C CA    . GLY A 1 51 ? 10.242  1.684   9.185   1.00 15.66 ? 51  GLY A CA    1 
ATOM   379  C C     . GLY A 1 51 ? 11.347  0.723   9.500   1.00 16.96 ? 51  GLY A C     1 
ATOM   380  O O     . GLY A 1 51 ? 12.174  0.980   10.349  1.00 19.07 ? 51  GLY A O     1 
ATOM   381  N N     . GLY A 1 52 ? 11.380  -0.413  8.841   1.00 16.34 ? 52  GLY A N     1 
ATOM   382  C CA    . GLY A 1 52 ? 12.405  -1.365  9.112   1.00 18.94 ? 52  GLY A CA    1 
ATOM   383  C C     . GLY A 1 52 ? 12.076  -2.691  8.483   1.00 18.93 ? 52  GLY A C     1 
ATOM   384  O O     . GLY A 1 52 ? 11.224  -2.737  7.618   1.00 19.56 ? 52  GLY A O     1 
ATOM   385  N N     . PHE A 1 53 ? 12.726  -3.755  8.996   1.00 19.34 ? 53  PHE A N     1 
ATOM   386  C CA    . PHE A 1 53 ? 12.541  -5.112  8.546   1.00 19.32 ? 53  PHE A CA    1 
ATOM   387  C C     . PHE A 1 53 ? 11.932  -5.928  9.625   1.00 21.68 ? 53  PHE A C     1 
ATOM   388  O O     . PHE A 1 53 ? 12.233  -5.694  10.809  1.00 23.60 ? 53  PHE A O     1 
ATOM   389  C CB    . PHE A 1 53 ? 13.898  -5.738  8.232   1.00 19.35 ? 53  PHE A CB    1 
ATOM   390  C CG    . PHE A 1 53 ? 14.414  -5.228  6.927   1.00 22.14 ? 53  PHE A CG    1 
ATOM   391  C CD1   . PHE A 1 53 ? 15.088  -4.009  6.855   1.00 23.95 ? 53  PHE A CD1   1 
ATOM   392  C CD2   . PHE A 1 53 ? 14.203  -5.944  5.754   1.00 22.00 ? 53  PHE A CD2   1 
ATOM   393  C CE1   . PHE A 1 53 ? 15.513  -3.488  5.630   1.00 23.28 ? 53  PHE A CE1   1 
ATOM   394  C CE2   . PHE A 1 53 ? 14.621  -5.432  4.526   1.00 22.94 ? 53  PHE A CE2   1 
ATOM   395  C CZ    . PHE A 1 53 ? 15.239  -4.185  4.456   1.00 24.09 ? 53  PHE A CZ    1 
ATOM   396  N N     . ILE A 1 54 ? 11.187  -6.946  9.217   1.00 20.86 ? 54  ILE A N     1 
ATOM   397  C CA    . ILE A 1 54 ? 10.615  -7.889  10.167  1.00 20.92 ? 54  ILE A CA    1 
ATOM   398  C C     . ILE A 1 54 ? 10.897  -9.324  9.736   1.00 20.58 ? 54  ILE A C     1 
ATOM   399  O O     . ILE A 1 54 ? 11.225  -9.569  8.553   1.00 23.34 ? 54  ILE A O     1 
ATOM   400  C CB    . ILE A 1 54 ? 9.132   -7.669  10.484  1.00 20.53 ? 54  ILE A CB    1 
ATOM   401  C CG1   . ILE A 1 54 ? 8.276   -8.010  9.264   1.00 18.67 ? 54  ILE A CG1   1 
ATOM   402  C CG2   . ILE A 1 54 ? 8.872   -6.237  10.974  1.00 22.84 ? 54  ILE A CG2   1 
ATOM   403  C CD1   . ILE A 1 54 ? 6.798   -7.824  9.558   1.00 20.93 ? 54  ILE A CD1   1 
ATOM   404  N N     . ASN A 1 55 ? 10.792  -10.277 10.681  1.00 19.50 ? 55  ASN A N     1 
ATOM   405  C CA    . ASN A 1 55 ? 10.997  -11.686 10.367  1.00 18.67 ? 55  ASN A CA    1 
ATOM   406  C C     . ASN A 1 55 ? 9.662   -12.270 10.062  1.00 16.92 ? 55  ASN A C     1 
ATOM   407  O O     . ASN A 1 55 ? 8.727   -12.000 10.806  1.00 19.94 ? 55  ASN A O     1 
ATOM   408  C CB    . ASN A 1 55 ? 11.528  -12.409 11.604  1.00 21.52 ? 55  ASN A CB    1 
ATOM   409  C CG    . ASN A 1 55 ? 12.964  -12.068 11.912  1.00 26.25 ? 55  ASN A CG    1 
ATOM   410  O OD1   . ASN A 1 55 ? 13.790  -11.837 11.009  1.00 28.85 ? 55  ASN A OD1   1 
ATOM   411  N ND2   . ASN A 1 55 ? 13.292  -12.103 13.211  1.00 28.62 ? 55  ASN A ND2   1 
ATOM   412  N N     . THR A 1 56 ? 9.516   -13.118 9.041   1.00 17.26 ? 56  THR A N     1 
ATOM   413  C CA    . THR A 1 56 ? 8.201   -13.678 8.756   1.00 16.49 ? 56  THR A CA    1 
ATOM   414  C C     . THR A 1 56 ? 8.262   -15.168 8.466   1.00 15.50 ? 56  THR A C     1 
ATOM   415  O O     . THR A 1 56 ? 9.338   -15.697 8.212   1.00 18.06 ? 56  THR A O     1 
ATOM   416  C CB    . THR A 1 56 ? 7.590   -13.003 7.486   1.00 14.71 ? 56  THR A CB    1 
ATOM   417  O OG1   . THR A 1 56 ? 8.459   -13.173 6.371   1.00 12.19 ? 56  THR A OG1   1 
ATOM   418  C CG2   . THR A 1 56 ? 7.336   -11.515 7.768   1.00 13.04 ? 56  THR A CG2   1 
ATOM   419  N N     . LYS A 1 57 ? 7.120   -15.831 8.435   1.00 14.40 ? 57  LYS A N     1 
ATOM   420  C CA    . LYS A 1 57 ? 7.104   -17.213 7.973   1.00 13.49 ? 57  LYS A CA    1 
ATOM   421  C C     . LYS A 1 57 ? 6.341   -17.225 6.665   1.00 13.88 ? 57  LYS A C     1 
ATOM   422  O O     . LYS A 1 57 ? 5.158   -16.808 6.622   1.00 15.03 ? 57  LYS A O     1 
ATOM   423  C CB    . LYS A 1 57 ? 6.391   -18.165 8.907   1.00 13.73 ? 57  LYS A CB    1 
ATOM   424  C CG    . LYS A 1 57 ? 6.771   -17.958 10.343  1.00 15.98 ? 57  LYS A CG    1 
ATOM   425  C CD    . LYS A 1 57 ? 6.178   -18.969 11.280  1.00 17.72 ? 57  LYS A CD    1 
ATOM   426  C CE    . LYS A 1 57 ? 6.967   -18.954 12.580  1.00 23.03 ? 57  LYS A CE    1 
ATOM   427  N NZ    . LYS A 1 57 ? 6.554   -19.996 13.517  1.00 25.74 ? 57  LYS A NZ    1 
ATOM   428  N N     . GLU A 1 58 ? 7.009   -17.662 5.612   1.00 11.87 ? 58  GLU A N     1 
ATOM   429  C CA    . GLU A 1 58 ? 6.355   -17.709 4.328   1.00 13.02 ? 58  GLU A CA    1 
ATOM   430  C C     . GLU A 1 58 ? 5.730   -19.077 4.029   1.00 14.96 ? 58  GLU A C     1 
ATOM   431  O O     . GLU A 1 58 ? 6.366   -20.147 4.084   1.00 14.71 ? 58  GLU A O     1 
ATOM   432  C CB    . GLU A 1 58 ? 7.299   -17.274 3.200   1.00 15.13 ? 58  GLU A CB    1 
ATOM   433  C CG    . GLU A 1 58 ? 6.643   -17.351 1.767   1.00 15.54 ? 58  GLU A CG    1 
ATOM   434  C CD    . GLU A 1 58 ? 7.643   -17.247 0.617   1.00 19.66 ? 58  GLU A CD    1 
ATOM   435  O OE1   . GLU A 1 58 ? 8.463   -18.089 0.340   1.00 25.00 ? 58  GLU A OE1   1 
ATOM   436  O OE2   . GLU A 1 58 ? 7.662   -16.084 0.032   1.00 24.05 ? 58  GLU A OE2   1 
ATOM   437  N N     . TYR A 1 59 ? 4.443   -19.045 3.709   1.00 13.43 ? 59  TYR A N     1 
ATOM   438  C CA    . TYR A 1 59 ? 3.669   -20.226 3.319   1.00 15.00 ? 59  TYR A CA    1 
ATOM   439  C C     . TYR A 1 59 ? 3.265   -20.144 1.843   1.00 13.43 ? 59  TYR A C     1 
ATOM   440  O O     . TYR A 1 59 ? 2.831   -19.100 1.417   1.00 11.31 ? 59  TYR A O     1 
ATOM   441  C CB    . TYR A 1 59 ? 2.390   -20.308 4.125   1.00 14.52 ? 59  TYR A CB    1 
ATOM   442  C CG    . TYR A 1 59 ? 2.683   -20.577 5.575   1.00 16.46 ? 59  TYR A CG    1 
ATOM   443  C CD1   . TYR A 1 59 ? 2.990   -19.508 6.420   1.00 16.33 ? 59  TYR A CD1   1 
ATOM   444  C CD2   . TYR A 1 59 ? 2.634   -21.877 6.093   1.00 14.86 ? 59  TYR A CD2   1 
ATOM   445  C CE1   . TYR A 1 59 ? 3.220   -19.707 7.779   1.00 18.58 ? 59  TYR A CE1   1 
ATOM   446  C CE2   . TYR A 1 59 ? 2.866   -22.092 7.443   1.00 17.19 ? 59  TYR A CE2   1 
ATOM   447  C CZ    . TYR A 1 59 ? 3.099   -21.003 8.279   1.00 18.43 ? 59  TYR A CZ    1 
ATOM   448  O OH    . TYR A 1 59 ? 3.296   -21.221 9.602   1.00 19.29 ? 59  TYR A OH    1 
ATOM   449  N N     . LYS A 1 60 ? 3.395   -21.224 1.072   1.00 12.37 ? 60  LYS A N     1 
ATOM   450  C CA    . LYS A 1 60 ? 3.051   -21.175 -0.319  1.00 14.53 ? 60  LYS A CA    1 
ATOM   451  C C     . LYS A 1 60 ? 1.775   -21.901 -0.541  1.00 12.06 ? 60  LYS A C     1 
ATOM   452  O O     . LYS A 1 60 ? 1.420   -22.733 0.253   1.00 13.72 ? 60  LYS A O     1 
ATOM   453  C CB    . LYS A 1 60 ? 4.120   -21.826 -1.178  1.00 15.17 ? 60  LYS A CB    1 
ATOM   454  C CG    . LYS A 1 60 ? 5.230   -20.826 -1.421  1.00 19.69 ? 60  LYS A CG    1 
ATOM   455  C CD    . LYS A 1 60 ? 6.525   -21.455 -1.829  1.00 22.72 ? 60  LYS A CD    1 
ATOM   456  C CE    . LYS A 1 60 ? 7.707   -20.748 -1.195  1.00 25.73 ? 60  LYS A CE    1 
ATOM   457  N NZ    . LYS A 1 60 ? 8.603   -20.219 -2.229  1.00 29.38 ? 60  LYS A NZ    1 
ATOM   458  N N     . ASN A 1 61 ? 1.102   -21.618 -1.612  1.00 13.10 ? 61  ASN A N     1 
ATOM   459  C CA    . ASN A 1 61 ? -0.098  -22.363 -1.965  1.00 15.95 ? 61  ASN A CA    1 
ATOM   460  C C     . ASN A 1 61 ? -1.209  -22.413 -0.946  1.00 15.94 ? 61  ASN A C     1 
ATOM   461  O O     . ASN A 1 61 ? -1.893  -23.415 -0.851  1.00 18.60 ? 61  ASN A O     1 
ATOM   462  C CB    . ASN A 1 61 ? 0.138   -23.779 -2.543  1.00 18.92 ? 61  ASN A CB    1 
ATOM   463  C CG    . ASN A 1 61 ? 1.341   -23.860 -3.481  1.00 21.24 ? 61  ASN A CG    1 
ATOM   464  O OD1   . ASN A 1 61 ? 1.340   -23.224 -4.571  1.00 19.87 ? 61  ASN A OD1   1 
ATOM   465  N ND2   . ASN A 1 61 ? 2.413   -24.589 -3.028  1.00 20.34 ? 61  ASN A ND2   1 
ATOM   466  N N     . VAL A 1 62 ? -1.464  -21.285 -0.284  1.00 15.13 ? 62  VAL A N     1 
ATOM   467  C CA    . VAL A 1 62 ? -2.530  -21.133 0.705   1.00 13.63 ? 62  VAL A CA    1 
ATOM   468  C C     . VAL A 1 62 ? -3.836  -20.893 0.011   1.00 11.48 ? 62  VAL A C     1 
ATOM   469  O O     . VAL A 1 62 ? -3.907  -20.029 -0.883  1.00 8.01  ? 62  VAL A O     1 
ATOM   470  C CB    . VAL A 1 62 ? -2.277  -19.954 1.682   1.00 12.21 ? 62  VAL A CB    1 
ATOM   471  C CG1   . VAL A 1 62 ? -3.370  -19.925 2.739   1.00 11.68 ? 62  VAL A CG1   1 
ATOM   472  C CG2   . VAL A 1 62 ? -0.973  -20.163 2.415   1.00 12.12 ? 62  VAL A CG2   1 
ATOM   473  N N     . GLU A 1 63 ? -4.868  -21.592 0.490   1.00 12.90 ? 63  GLU A N     1 
ATOM   474  C CA    . GLU A 1 63 ? -6.174  -21.395 -0.067  1.00 15.70 ? 63  GLU A CA    1 
ATOM   475  C C     . GLU A 1 63 ? -6.834  -20.163 0.557   1.00 14.60 ? 63  GLU A C     1 
ATOM   476  O O     . GLU A 1 63 ? -7.007  -20.067 1.773   1.00 14.21 ? 63  GLU A O     1 
ATOM   477  C CB    . GLU A 1 63 ? -7.049  -22.688 0.020   1.00 21.31 ? 63  GLU A CB    1 
ATOM   478  C CG    . GLU A 1 63 ? -6.155  -23.948 0.395   1.00 30.92 ? 63  GLU A CG    1 
ATOM   479  C CD    . GLU A 1 63 ? -5.840  -25.086 -0.622  1.00 33.44 ? 63  GLU A CD    1 
ATOM   480  O OE1   . GLU A 1 63 ? -6.702  -25.198 -1.638  1.00 33.98 ? 63  GLU A OE1   1 
ATOM   481  O OE2   . GLU A 1 63 ? -4.963  -25.935 -0.372  1.00 35.55 ? 63  GLU A OE2   1 
ATOM   482  N N     . ILE A 1 64 ? -7.199  -19.232 -0.318  1.00 13.62 ? 64  ILE A N     1 
ATOM   483  C CA    . ILE A 1 64 ? -7.811  -17.972 0.051   1.00 12.52 ? 64  ILE A CA    1 
ATOM   484  C C     . ILE A 1 64 ? -9.160  -17.810 -0.583  1.00 11.86 ? 64  ILE A C     1 
ATOM   485  O O     . ILE A 1 64 ? -9.318  -17.949 -1.775  1.00 11.34 ? 64  ILE A O     1 
ATOM   486  C CB    . ILE A 1 64 ? -6.901  -16.782 -0.335  1.00 13.23 ? 64  ILE A CB    1 
ATOM   487  C CG1   . ILE A 1 64 ? -5.648  -16.780 0.506   1.00 13.09 ? 64  ILE A CG1   1 
ATOM   488  C CG2   . ILE A 1 64 ? -7.620  -15.474 -0.071  1.00 13.88 ? 64  ILE A CG2   1 
ATOM   489  C CD1   . ILE A 1 64 ? -4.407  -16.435 -0.317  1.00 16.89 ? 64  ILE A CD1   1 
ATOM   490  N N     . GLU A 1 65 ? -10.116 -17.412 0.178   1.00 11.88 ? 65  GLU A N     1 
ATOM   491  C CA    . GLU A 1 65 ? -11.379 -17.110 -0.404  1.00 14.93 ? 65  GLU A CA    1 
ATOM   492  C C     . GLU A 1 65 ? -11.687 -15.641 -0.064  1.00 12.56 ? 65  GLU A C     1 
ATOM   493  O O     . GLU A 1 65 ? -11.775 -15.312 1.135   1.00 9.87  ? 65  GLU A O     1 
ATOM   494  C CB    . GLU A 1 65 ? -12.453 -18.128 0.103   1.00 20.29 ? 65  GLU A CB    1 
ATOM   495  C CG    . GLU A 1 65 ? -11.853 -19.561 0.373   1.00 27.44 ? 65  GLU A CG    1 
ATOM   496  C CD    . GLU A 1 65 ? -11.722 -20.088 1.823   1.00 30.95 ? 65  GLU A CD    1 
ATOM   497  O OE1   . GLU A 1 65 ? -12.915 -20.502 2.264   1.00 34.49 ? 65  GLU A OE1   1 
ATOM   498  O OE2   . GLU A 1 65 ? -10.621 -20.305 2.452   1.00 28.11 ? 65  GLU A OE2   1 
ATOM   499  N N     . VAL A 1 66 ? -11.864 -14.795 -1.090  1.00 10.15 ? 66  VAL A N     1 
ATOM   500  C CA    . VAL A 1 66 ? -12.134 -13.363 -0.919  1.00 11.98 ? 66  VAL A CA    1 
ATOM   501  C C     . VAL A 1 66 ? -12.954 -12.754 -2.074  1.00 13.11 ? 66  VAL A C     1 
ATOM   502  O O     . VAL A 1 66 ? -12.836 -13.154 -3.223  1.00 10.85 ? 66  VAL A O     1 
ATOM   503  C CB    . VAL A 1 66 ? -10.892 -12.562 -0.490  1.00 10.72 ? 66  VAL A CB    1 
ATOM   504  C CG1   . VAL A 1 66 ? -9.779  -12.706 -1.531  1.00 8.77  ? 66  VAL A CG1   1 
ATOM   505  C CG2   . VAL A 1 66 ? -11.218 -11.068 -0.257  1.00 8.40  ? 66  VAL A CG2   1 
ATOM   506  N N     . LEU A 1 67 ? -13.829 -11.795 -1.764  1.00 14.65 ? 67  LEU A N     1 
ATOM   507  C CA    . LEU A 1 67 ? -14.641 -11.169 -2.773  1.00 15.94 ? 67  LEU A CA    1 
ATOM   508  C C     . LEU A 1 67 ? -15.243 -12.212 -3.697  1.00 16.68 ? 67  LEU A C     1 
ATOM   509  O O     . LEU A 1 67 ? -15.262 -12.056 -4.923  1.00 19.18 ? 67  LEU A O     1 
ATOM   510  C CB    . LEU A 1 67 ? -13.859 -10.113 -3.554  1.00 14.45 ? 67  LEU A CB    1 
ATOM   511  C CG    . LEU A 1 67 ? -13.390 -9.002  -2.630  1.00 13.99 ? 67  LEU A CG    1 
ATOM   512  C CD1   . LEU A 1 67 ? -12.335 -8.160  -3.311  1.00 13.29 ? 67  LEU A CD1   1 
ATOM   513  C CD2   . LEU A 1 67 ? -14.596 -8.131  -2.325  1.00 13.67 ? 67  LEU A CD2   1 
ATOM   514  N N     . ASN A 1 68 ? -15.777 -13.290 -3.096  1.00 20.53 ? 68  ASN A N     1 
ATOM   515  C CA    . ASN A 1 68 ? -16.427 -14.363 -3.848  1.00 21.78 ? 68  ASN A CA    1 
ATOM   516  C C     . ASN A 1 68 ? -15.527 -15.116 -4.805  1.00 21.01 ? 68  ASN A C     1 
ATOM   517  O O     . ASN A 1 68 ? -16.043 -15.755 -5.718  1.00 23.38 ? 68  ASN A O     1 
ATOM   518  C CB    . ASN A 1 68 ? -17.716 -13.917 -4.534  1.00 27.57 ? 68  ASN A CB    1 
ATOM   519  C CG    . ASN A 1 68 ? -18.879 -13.768 -3.547  1.00 32.55 ? 68  ASN A CG    1 
ATOM   520  O OD1   . ASN A 1 68 ? -18.694 -13.618 -2.312  1.00 37.35 ? 68  ASN A OD1   1 
ATOM   521  N ND2   . ASN A 1 68 ? -20.099 -13.852 -4.072  1.00 34.94 ? 68  ASN A ND2   1 
ATOM   522  N N     . LYS A 1 69 ? -14.188 -14.996 -4.651  1.00 16.96 ? 69  LYS A N     1 
ATOM   523  C CA    . LYS A 1 69 ? -13.249 -15.749 -5.465  1.00 15.40 ? 69  LYS A CA    1 
ATOM   524  C C     . LYS A 1 69 ? -12.417 -16.636 -4.596  1.00 14.96 ? 69  LYS A C     1 
ATOM   525  O O     . LYS A 1 69 ? -12.259 -16.404 -3.411  1.00 15.56 ? 69  LYS A O     1 
ATOM   526  C CB    . LYS A 1 69 ? -12.338 -14.914 -6.334  1.00 13.92 ? 69  LYS A CB    1 
ATOM   527  C CG    . LYS A 1 69 ? -13.116 -14.154 -7.352  1.00 15.15 ? 69  LYS A CG    1 
ATOM   528  C CD    . LYS A 1 69 ? -12.128 -13.581 -8.317  1.00 19.41 ? 69  LYS A CD    1 
ATOM   529  C CE    . LYS A 1 69 ? -12.764 -13.000 -9.526  1.00 17.62 ? 69  LYS A CE    1 
ATOM   530  N NZ    . LYS A 1 69 ? -11.682 -12.734 -10.502 1.00 22.28 ? 69  LYS A NZ    1 
ATOM   531  N N     . LYS A 1 70 ? -11.894 -17.647 -5.220  1.00 14.40 ? 70  LYS A N     1 
ATOM   532  C CA    . LYS A 1 70 ? -11.044 -18.599 -4.570  1.00 15.30 ? 70  LYS A CA    1 
ATOM   533  C C     . LYS A 1 70 ? -9.728  -18.612 -5.313  1.00 15.68 ? 70  LYS A C     1 
ATOM   534  O O     . LYS A 1 70 ? -9.747  -18.699 -6.550  1.00 20.32 ? 70  LYS A O     1 
ATOM   535  C CB    . LYS A 1 70 ? -11.665 -19.943 -4.682  1.00 17.15 ? 70  LYS A CB    1 
ATOM   536  C CG    . LYS A 1 70 ? -10.948 -20.901 -3.797  1.00 20.85 ? 70  LYS A CG    1 
ATOM   537  C CD    . LYS A 1 70 ? -11.588 -22.273 -3.926  1.00 27.28 ? 70  LYS A CD    1 
ATOM   538  C CE    . LYS A 1 70 ? -12.870 -22.411 -3.109  1.00 27.63 ? 70  LYS A CE    1 
ATOM   539  N NZ    . LYS A 1 70 ? -12.556 -22.526 -1.659  1.00 32.08 ? 70  LYS A NZ    1 
ATOM   540  N N     . VAL A 1 71 ? -8.620  -18.439 -4.591  1.00 14.25 ? 71  VAL A N     1 
ATOM   541  C CA    . VAL A 1 71 ? -7.306  -18.412 -5.168  1.00 13.38 ? 71  VAL A CA    1 
ATOM   542  C C     . VAL A 1 71 ? -6.336  -19.151 -4.271  1.00 13.51 ? 71  VAL A C     1 
ATOM   543  O O     . VAL A 1 71 ? -6.662  -19.372 -3.101  1.00 9.98  ? 71  VAL A O     1 
ATOM   544  C CB    . VAL A 1 71 ? -6.779  -16.991 -5.501  1.00 13.76 ? 71  VAL A CB    1 
ATOM   545  C CG1   . VAL A 1 71 ? -7.660  -16.241 -6.499  1.00 13.50 ? 71  VAL A CG1   1 
ATOM   546  C CG2   . VAL A 1 71 ? -6.503  -16.148 -4.268  1.00 11.55 ? 71  VAL A CG2   1 
ATOM   547  N N     . ARG A 1 72 ? -5.125  -19.513 -4.805  1.00 14.76 ? 72  ARG A N     1 
ATOM   548  C CA    . ARG A 1 72 ? -4.044  -20.113 -3.995  1.00 15.72 ? 72  ARG A CA    1 
ATOM   549  C C     . ARG A 1 72 ? -2.873  -19.197 -4.181  1.00 14.87 ? 72  ARG A C     1 
ATOM   550  O O     . ARG A 1 72 ? -2.564  -18.808 -5.330  1.00 16.39 ? 72  ARG A O     1 
ATOM   551  C CB    . ARG A 1 72 ? -3.558  -21.511 -4.367  1.00 17.73 ? 72  ARG A CB    1 
ATOM   552  C CG    . ARG A 1 72 ? -4.693  -22.472 -4.554  1.00 23.32 ? 72  ARG A CG    1 
ATOM   553  C CD    . ARG A 1 72 ? -4.978  -23.211 -3.272  1.00 26.51 ? 72  ARG A CD    1 
ATOM   554  N NE    . ARG A 1 72 ? -3.805  -23.927 -2.808  1.00 31.99 ? 72  ARG A NE    1 
ATOM   555  C CZ    . ARG A 1 72 ? -3.751  -25.249 -2.725  1.00 33.23 ? 72  ARG A CZ    1 
ATOM   556  N NH1   . ARG A 1 72 ? -4.780  -26.020 -3.078  1.00 33.66 ? 72  ARG A NH1   1 
ATOM   557  N NH2   . ARG A 1 72 ? -2.635  -25.815 -2.253  1.00 36.12 ? 72  ARG A NH2   1 
ATOM   558  N N     . ALA A 1 73 ? -2.302  -18.778 -3.075  1.00 13.10 ? 73  ALA A N     1 
ATOM   559  C CA    . ALA A 1 73 ? -1.242  -17.803 -3.200  1.00 12.89 ? 73  ALA A CA    1 
ATOM   560  C C     . ALA A 1 73 ? -0.304  -17.927 -2.051  1.00 11.54 ? 73  ALA A C     1 
ATOM   561  O O     . ALA A 1 73 ? -0.597  -18.595 -1.098  1.00 12.24 ? 73  ALA A O     1 
ATOM   562  C CB    . ALA A 1 73 ? -1.817  -16.371 -3.308  1.00 11.75 ? 73  ALA A CB    1 
ATOM   563  N N     . THR A 1 74 ? 0.786   -17.218 -2.154  1.00 10.18 ? 74  THR A N     1 
ATOM   564  C CA    . THR A 1 74 ? 1.743   -17.158 -1.097  1.00 11.02 ? 74  THR A CA    1 
ATOM   565  C C     . THR A 1 74 ? 1.368   -16.125 -0.079  1.00 10.82 ? 74  THR A C     1 
ATOM   566  O O     . THR A 1 74 ? 1.071   -14.990 -0.420  1.00 14.00 ? 74  THR A O     1 
ATOM   567  C CB    . THR A 1 74 ? 3.166   -16.911 -1.648  1.00 11.57 ? 74  THR A CB    1 
ATOM   568  O OG1   . THR A 1 74 ? 3.466   -17.880 -2.647  1.00 13.94 ? 74  THR A OG1   1 
ATOM   569  C CG2   . THR A 1 74 ? 4.233   -16.846 -0.542  1.00 10.58 ? 74  THR A CG2   1 
ATOM   570  N N     . ILE A 1 75 ? 1.471   -16.510 1.170   1.00 11.79 ? 75  ILE A N     1 
ATOM   571  C CA    . ILE A 1 75 ? 1.153   -15.674 2.325   1.00 11.66 ? 75  ILE A CA    1 
ATOM   572  C C     . ILE A 1 75 ? 2.246   -15.748 3.369   1.00 10.87 ? 75  ILE A C     1 
ATOM   573  O O     . ILE A 1 75 ? 2.784   -16.795 3.671   1.00 11.41 ? 75  ILE A O     1 
ATOM   574  C CB    . ILE A 1 75 ? -0.207  -16.084 2.906   1.00 12.85 ? 75  ILE A CB    1 
ATOM   575  C CG1   . ILE A 1 75 ? -1.225  -15.243 2.140   1.00 16.91 ? 75  ILE A CG1   1 
ATOM   576  C CG2   . ILE A 1 75 ? -0.285  -15.812 4.415   1.00 18.52 ? 75  ILE A CG2   1 
ATOM   577  C CD1   . ILE A 1 75 ? -2.638  -15.299 2.680   1.00 20.29 ? 75  ILE A CD1   1 
ATOM   578  N N     . MET A 1 76 ? 2.582   -14.618 3.928   1.00 9.39  ? 76  MET A N     1 
ATOM   579  C CA    . MET A 1 76 ? 3.554   -14.590 4.994   1.00 11.94 ? 76  MET A CA    1 
ATOM   580  C C     . MET A 1 76 ? 2.816   -14.332 6.294   1.00 12.67 ? 76  MET A C     1 
ATOM   581  O O     . MET A 1 76 ? 1.756   -13.675 6.335   1.00 10.32 ? 76  MET A O     1 
ATOM   582  C CB    . MET A 1 76 ? 4.601   -13.488 4.816   1.00 12.90 ? 76  MET A CB    1 
ATOM   583  C CG    . MET A 1 76 ? 5.491   -13.647 3.607   1.00 16.70 ? 76  MET A CG    1 
ATOM   584  S SD    . MET A 1 76 ? 6.584   -12.234 3.676   1.00 25.31 ? 76  MET A SD    1 
ATOM   585  C CE    . MET A 1 76 ? 5.751   -10.981 2.706   1.00 23.83 ? 76  MET A CE    1 
ATOM   586  N N     . THR A 1 77 ? 3.421   -14.740 7.381   1.00 14.11 ? 77  THR A N     1 
ATOM   587  C CA    . THR A 1 77 ? 2.868   -14.518 8.698   1.00 15.70 ? 77  THR A CA    1 
ATOM   588  C C     . THR A 1 77 ? 3.874   -13.791 9.551   1.00 14.97 ? 77  THR A C     1 
ATOM   589  O O     . THR A 1 77 ? 5.059   -14.000 9.414   1.00 16.70 ? 77  THR A O     1 
ATOM   590  C CB    . THR A 1 77 ? 2.439   -15.896 9.204   1.00 18.70 ? 77  THR A CB    1 
ATOM   591  O OG1   . THR A 1 77 ? 1.127   -16.325 8.912   1.00 19.65 ? 77  THR A OG1   1 
ATOM   592  C CG2   . THR A 1 77 ? 3.224   -16.578 10.284  1.00 15.80 ? 77  THR A CG2   1 
ATOM   593  N N     . GLY A 1 78 ? 3.450   -12.809 10.312  1.00 14.70 ? 78  GLY A N     1 
ATOM   594  C CA    . GLY A 1 78 ? 4.411   -12.032 11.083  1.00 16.08 ? 78  GLY A CA    1 
ATOM   595  C C     . GLY A 1 78 ? 3.705   -10.901 11.848  1.00 17.71 ? 78  GLY A C     1 
ATOM   596  O O     . GLY A 1 78 ? 2.461   -10.834 11.841  1.00 15.98 ? 78  GLY A O     1 
ATOM   597  N N     . ASP A 1 79 ? 4.483   -10.003 12.516  1.00 19.16 ? 79  ASP A N     1 
ATOM   598  C CA    . ASP A 1 79 ? 3.800   -8.972  13.248  1.00 21.12 ? 79  ASP A CA    1 
ATOM   599  C C     . ASP A 1 79 ? 3.556   -7.762  12.450  1.00 19.29 ? 79  ASP A C     1 
ATOM   600  O O     . ASP A 1 79 ? 4.432   -6.927  12.256  1.00 20.58 ? 79  ASP A O     1 
ATOM   601  C CB    . ASP A 1 79 ? 4.062   -8.736  14.769  1.00 26.26 ? 79  ASP A CB    1 
ATOM   602  C CG    . ASP A 1 79 ? 5.505   -8.536  15.126  1.00 32.16 ? 79  ASP A CG    1 
ATOM   603  O OD1   . ASP A 1 79 ? 6.244   -8.186  14.078  1.00 33.19 ? 79  ASP A OD1   1 
ATOM   604  O OD2   . ASP A 1 79 ? 5.941   -8.636  16.286  1.00 33.80 ? 79  ASP A OD2   1 
ATOM   605  N N     . THR A 1 80 ? 2.345   -7.748  11.969  1.00 18.75 ? 80  THR A N     1 
ATOM   606  C CA    . THR A 1 80 ? 1.859   -6.643  11.190  1.00 16.68 ? 80  THR A CA    1 
ATOM   607  C C     . THR A 1 80 ? 0.654   -6.012  11.888  1.00 17.57 ? 80  THR A C     1 
ATOM   608  O O     . THR A 1 80 ? -0.248  -6.653  12.387  1.00 15.15 ? 80  THR A O     1 
ATOM   609  C CB    . THR A 1 80 ? 1.586   -7.067  9.745   1.00 16.83 ? 80  THR A CB    1 
ATOM   610  O OG1   . THR A 1 80 ? 1.112   -5.934  9.075   1.00 15.07 ? 80  THR A OG1   1 
ATOM   611  C CG2   . THR A 1 80 ? 0.590   -8.222  9.704   1.00 14.76 ? 80  THR A CG2   1 
ATOM   612  N N     . PRO A 1 81 ? 0.655   -4.721  11.999  1.00 17.05 ? 81  PRO A N     1 
ATOM   613  C CA    . PRO A 1 81 ? -0.456  -4.126  12.669  1.00 17.25 ? 81  PRO A CA    1 
ATOM   614  C C     . PRO A 1 81 ? -1.744  -4.351  11.942  1.00 16.41 ? 81  PRO A C     1 
ATOM   615  O O     . PRO A 1 81 ? -2.815  -4.289  12.567  1.00 19.12 ? 81  PRO A O     1 
ATOM   616  C CB    . PRO A 1 81 ? -0.210  -2.635  12.685  1.00 17.17 ? 81  PRO A CB    1 
ATOM   617  C CG    . PRO A 1 81 ? 0.973   -2.397  11.785  1.00 18.20 ? 81  PRO A CG    1 
ATOM   618  C CD    . PRO A 1 81 ? 1.609   -3.738  11.490  1.00 15.41 ? 81  PRO A CD    1 
ATOM   619  N N     . ILE A 1 82 ? -1.675  -4.533  10.618  1.00 16.20 ? 82  ILE A N     1 
ATOM   620  C CA    . ILE A 1 82 ? -2.894  -4.662  9.821   1.00 14.87 ? 82  ILE A CA    1 
ATOM   621  C C     . ILE A 1 82 ? -2.680  -5.787  8.840   1.00 13.24 ? 82  ILE A C     1 
ATOM   622  O O     . ILE A 1 82 ? -1.591  -5.876  8.301   1.00 13.50 ? 82  ILE A O     1 
ATOM   623  C CB    . ILE A 1 82 ? -3.181  -3.325  9.081   1.00 17.35 ? 82  ILE A CB    1 
ATOM   624  C CG1   . ILE A 1 82 ? -3.299  -2.173  10.073  1.00 18.23 ? 82  ILE A CG1   1 
ATOM   625  C CG2   . ILE A 1 82 ? -4.501  -3.379  8.335   1.00 18.93 ? 82  ILE A CG2   1 
ATOM   626  C CD1   . ILE A 1 82 ? -4.290  -1.129  9.561   1.00 22.10 ? 82  ILE A CD1   1 
ATOM   627  N N     . ASN A 1 83 ? -3.669  -6.639  8.626   1.00 13.22 ? 83  ASN A N     1 
ATOM   628  C CA    . ASN A 1 83 ? -3.435  -7.716  7.676   1.00 10.77 ? 83  ASN A CA    1 
ATOM   629  C C     . ASN A 1 83 ? -3.430  -7.186  6.252   1.00 8.45  ? 83  ASN A C     1 
ATOM   630  O O     . ASN A 1 83 ? -4.373  -6.522  5.885   1.00 7.34  ? 83  ASN A O     1 
ATOM   631  C CB    . ASN A 1 83 ? -4.500  -8.816  7.798   1.00 10.88 ? 83  ASN A CB    1 
ATOM   632  C CG    . ASN A 1 83 ? -4.437  -9.416  9.177   1.00 11.67 ? 83  ASN A CG    1 
ATOM   633  O OD1   . ASN A 1 83 ? -3.333  -9.562  9.763   1.00 12.62 ? 83  ASN A OD1   1 
ATOM   634  N ND2   . ASN A 1 83 ? -5.601  -9.863  9.621   1.00 14.14 ? 83  ASN A ND2   1 
ATOM   635  N N     . ILE A 1 84 ? -2.425  -7.525  5.451   1.00 8.07  ? 84  ILE A N     1 
ATOM   636  C CA    . ILE A 1 84 ? -2.437  -6.982  4.137   1.00 8.02  ? 84  ILE A CA    1 
ATOM   637  C C     . ILE A 1 84 ? -2.402  -7.991  2.978   1.00 8.44  ? 84  ILE A C     1 
ATOM   638  O O     . ILE A 1 84 ? -1.660  -8.955  3.012   1.00 7.11  ? 84  ILE A O     1 
ATOM   639  C CB    . ILE A 1 84 ? -1.428  -5.867  3.978   1.00 12.76 ? 84  ILE A CB    1 
ATOM   640  C CG1   . ILE A 1 84 ? -0.273  -6.402  3.266   1.00 15.53 ? 84  ILE A CG1   1 
ATOM   641  C CG2   . ILE A 1 84 ? -0.887  -5.132  5.203   1.00 9.24  ? 84  ILE A CG2   1 
ATOM   642  C CD1   . ILE A 1 84 ? -0.304  -5.681  1.983   1.00 18.15 ? 84  ILE A CD1   1 
ATOM   643  N N     . PHE A 1 85 ? -3.243  -7.765  1.979   1.00 6.26  ? 85  PHE A N     1 
ATOM   644  C CA    . PHE A 1 85 ? -3.241  -8.459  0.720   1.00 4.79  ? 85  PHE A CA    1 
ATOM   645  C C     . PHE A 1 85 ? -2.566  -7.599  -0.328  1.00 5.65  ? 85  PHE A C     1 
ATOM   646  O O     . PHE A 1 85 ? -3.076  -6.606  -0.756  1.00 5.46  ? 85  PHE A O     1 
ATOM   647  C CB    . PHE A 1 85 ? -4.622  -8.863  0.254   1.00 7.34  ? 85  PHE A CB    1 
ATOM   648  C CG    . PHE A 1 85 ? -5.192  -10.096 0.909   1.00 7.65  ? 85  PHE A CG    1 
ATOM   649  C CD1   . PHE A 1 85 ? -4.544  -10.791 1.931   1.00 9.03  ? 85  PHE A CD1   1 
ATOM   650  C CD2   . PHE A 1 85 ? -6.372  -10.652 0.424   1.00 8.87  ? 85  PHE A CD2   1 
ATOM   651  C CE1   . PHE A 1 85 ? -5.034  -11.985 2.471   1.00 10.46 ? 85  PHE A CE1   1 
ATOM   652  C CE2   . PHE A 1 85 ? -6.894  -11.819 0.987   1.00 10.48 ? 85  PHE A CE2   1 
ATOM   653  C CZ    . PHE A 1 85 ? -6.248  -12.494 2.027   1.00 10.77 ? 85  PHE A CZ    1 
ATOM   654  N N     . GLY A 1 86 ? -1.386  -7.978  -0.797  1.00 5.59  ? 86  GLY A N     1 
ATOM   655  C CA    . GLY A 1 86 ? -0.694  -7.187  -1.780  1.00 6.17  ? 86  GLY A CA    1 
ATOM   656  C C     . GLY A 1 86 ? -0.934  -7.651  -3.226  1.00 4.03  ? 86  GLY A C     1 
ATOM   657  O O     . GLY A 1 86 ? -1.885  -8.374  -3.547  1.00 6.86  ? 86  GLY A O     1 
ATOM   658  N N     . ARG A 1 87 ? -0.047  -7.193  -4.110  1.00 6.53  ? 87  ARG A N     1 
ATOM   659  C CA    . ARG A 1 87 ? -0.226  -7.421  -5.542  1.00 5.81  ? 87  ARG A CA    1 
ATOM   660  C C     . ARG A 1 87 ? -0.264  -8.883  -5.998  1.00 5.28  ? 87  ARG A C     1 
ATOM   661  O O     . ARG A 1 87 ? -0.914  -9.204  -6.984  1.00 6.93  ? 87  ARG A O     1 
ATOM   662  C CB    . ARG A 1 87 ? 0.771   -6.666  -6.394  1.00 6.32  ? 87  ARG A CB    1 
ATOM   663  C CG    . ARG A 1 87 ? 0.605   -5.147  -6.199  1.00 5.03  ? 87  ARG A CG    1 
ATOM   664  C CD    . ARG A 1 87 ? 1.566   -4.404  -7.080  1.00 4.93  ? 87  ARG A CD    1 
ATOM   665  N NE    . ARG A 1 87 ? 2.984   -4.726  -6.781  1.00 7.87  ? 87  ARG A NE    1 
ATOM   666  C CZ    . ARG A 1 87 ? 3.770   -5.517  -7.519  1.00 7.96  ? 87  ARG A CZ    1 
ATOM   667  N NH1   . ARG A 1 87 ? 3.329   -6.153  -8.600  1.00 6.78  ? 87  ARG A NH1   1 
ATOM   668  N NH2   . ARG A 1 87 ? 5.040   -5.693  -7.159  1.00 7.56  ? 87  ARG A NH2   1 
ATOM   669  N N     . ASN A 1 88 ? 0.387   -9.726  -5.226  1.00 6.41  ? 88  ASN A N     1 
ATOM   670  C CA    . ASN A 1 88 ? 0.380   -11.135 -5.616  1.00 7.02  ? 88  ASN A CA    1 
ATOM   671  C C     . ASN A 1 88 ? -1.033  -11.681 -5.616  1.00 6.30  ? 88  ASN A C     1 
ATOM   672  O O     . ASN A 1 88 ? -1.448  -12.361 -6.537  1.00 7.77  ? 88  ASN A O     1 
ATOM   673  C CB    . ASN A 1 88 ? 1.369   -11.997 -4.806  1.00 5.57  ? 88  ASN A CB    1 
ATOM   674  C CG    . ASN A 1 88 ? 0.958   -12.208 -3.355  1.00 9.36  ? 88  ASN A CG    1 
ATOM   675  O OD1   . ASN A 1 88 ? 0.626   -11.238 -2.646  1.00 8.49  ? 88  ASN A OD1   1 
ATOM   676  N ND2   . ASN A 1 88 ? 0.965   -13.485 -2.912  1.00 8.41  ? 88  ASN A ND2   1 
ATOM   677  N N     . ILE A 1 89 ? -1.815  -11.347 -4.623  1.00 3.69  ? 89  ILE A N     1 
ATOM   678  C CA    . ILE A 1 89 ? -3.211  -11.781 -4.527  1.00 6.31  ? 89  ILE A CA    1 
ATOM   679  C C     . ILE A 1 89 ? -4.130  -10.930 -5.400  1.00 6.58  ? 89  ILE A C     1 
ATOM   680  O O     . ILE A 1 89 ? -4.934  -11.475 -6.108  1.00 8.19  ? 89  ILE A O     1 
ATOM   681  C CB    . ILE A 1 89 ? -3.678  -11.813 -3.030  1.00 6.99  ? 89  ILE A CB    1 
ATOM   682  C CG1   . ILE A 1 89 ? -3.003  -12.981 -2.287  1.00 7.89  ? 89  ILE A CG1   1 
ATOM   683  C CG2   . ILE A 1 89 ? -5.210  -11.855 -2.877  1.00 6.41  ? 89  ILE A CG2   1 
ATOM   684  C CD1   . ILE A 1 89 ? -3.194  -12.970 -0.786  1.00 10.60 ? 89  ILE A CD1   1 
ATOM   685  N N     . LEU A 1 90 ? -3.985  -9.568  -5.360  1.00 7.31  ? 90  LEU A N     1 
ATOM   686  C CA    . LEU A 1 90 ? -4.787  -8.642  -6.133  1.00 7.38  ? 90  LEU A CA    1 
ATOM   687  C C     . LEU A 1 90 ? -4.742  -9.049  -7.610  1.00 8.27  ? 90  LEU A C     1 
ATOM   688  O O     . LEU A 1 90 ? -5.752  -9.004  -8.310  1.00 8.96  ? 90  LEU A O     1 
ATOM   689  C CB    . LEU A 1 90 ? -4.244  -7.205  -5.976  1.00 8.94  ? 90  LEU A CB    1 
ATOM   690  C CG    . LEU A 1 90 ? -4.863  -6.399  -4.844  1.00 11.04 ? 90  LEU A CG    1 
ATOM   691  C CD1   . LEU A 1 90 ? -5.520  -7.200  -3.740  1.00 7.48  ? 90  LEU A CD1   1 
ATOM   692  C CD2   . LEU A 1 90 ? -4.014  -5.219  -4.437  1.00 8.28  ? 90  LEU A CD2   1 
ATOM   693  N N     . THR A 1 91 ? -3.531  -9.420  -8.087  1.00 8.46  ? 91  THR A N     1 
ATOM   694  C CA    . THR A 1 91 ? -3.356  -9.872  -9.473  1.00 7.35  ? 91  THR A CA    1 
ATOM   695  C C     . THR A 1 91 ? -4.151  -11.141 -9.823  1.00 5.69  ? 91  THR A C     1 
ATOM   696  O O     . THR A 1 91 ? -4.900  -11.200 -10.759 1.00 4.30  ? 91  THR A O     1 
ATOM   697  C CB    . THR A 1 91 ? -1.868  -10.071 -9.824  1.00 5.41  ? 91  THR A CB    1 
ATOM   698  O OG1   . THR A 1 91 ? -1.276  -8.818  -9.795  1.00 8.23  ? 91  THR A OG1   1 
ATOM   699  C CG2   . THR A 1 91 ? -1.759  -10.617 -11.233 1.00 10.46 ? 91  THR A CG2   1 
ATOM   700  N N     . ALA A 1 92 ? -4.073  -12.138 -8.972  1.00 7.77  ? 92  ALA A N     1 
ATOM   701  C CA    . ALA A 1 92 ? -4.789  -13.377 -9.167  1.00 7.24  ? 92  ALA A CA    1 
ATOM   702  C C     . ALA A 1 92 ? -6.292  -13.191 -9.094  1.00 8.63  ? 92  ALA A C     1 
ATOM   703  O O     . ALA A 1 92 ? -7.033  -13.897 -9.746  1.00 10.14 ? 92  ALA A O     1 
ATOM   704  C CB    . ALA A 1 92 ? -4.302  -14.398 -8.169  1.00 6.97  ? 92  ALA A CB    1 
ATOM   705  N N     . LEU A 1 93 ? -6.760  -12.214 -8.323  1.00 10.71 ? 93  LEU A N     1 
ATOM   706  C CA    . LEU A 1 93 ? -8.185  -11.858 -8.187  1.00 10.99 ? 93  LEU A CA    1 
ATOM   707  C C     . LEU A 1 93 ? -8.662  -11.130 -9.426  1.00 11.23 ? 93  LEU A C     1 
ATOM   708  O O     . LEU A 1 93 ? -9.854  -10.983 -9.677  1.00 14.70 ? 93  LEU A O     1 
ATOM   709  C CB    . LEU A 1 93 ? -8.409  -10.827 -7.028  1.00 12.39 ? 93  LEU A CB    1 
ATOM   710  C CG    . LEU A 1 93 ? -8.972  -11.299 -5.707  1.00 16.85 ? 93  LEU A CG    1 
ATOM   711  C CD1   . LEU A 1 93 ? -8.872  -12.793 -5.520  1.00 15.84 ? 93  LEU A CD1   1 
ATOM   712  C CD2   . LEU A 1 93 ? -8.342  -10.556 -4.522  1.00 13.68 ? 93  LEU A CD2   1 
ATOM   713  N N     . GLY A 1 94 ? -7.734  -10.504 -10.118 1.00 9.68  ? 94  GLY A N     1 
ATOM   714  C CA    . GLY A 1 94 ? -8.054  -9.704  -11.277 1.00 9.40  ? 94  GLY A CA    1 
ATOM   715  C C     . GLY A 1 94 ? -8.508  -8.285  -10.935 1.00 11.27 ? 94  GLY A C     1 
ATOM   716  O O     . GLY A 1 94 ? -9.259  -7.706  -11.733 1.00 11.81 ? 94  GLY A O     1 
ATOM   717  N N     . MET A 1 95 ? -8.027  -7.702  -9.848  1.00 7.72  ? 95  MET A N     1 
ATOM   718  C CA    . MET A 1 95 ? -8.352  -6.312  -9.521  1.00 9.95  ? 95  MET A CA    1 
ATOM   719  C C     . MET A 1 95 ? -7.497  -5.348  -10.288 1.00 7.80  ? 95  MET A C     1 
ATOM   720  O O     . MET A 1 95 ? -6.387  -5.672  -10.714 1.00 11.80 ? 95  MET A O     1 
ATOM   721  C CB    . MET A 1 95 ? -8.054  -6.039  -8.059  1.00 11.58 ? 95  MET A CB    1 
ATOM   722  C CG    . MET A 1 95 ? -8.933  -6.910  -7.203  1.00 17.46 ? 95  MET A CG    1 
ATOM   723  S SD    . MET A 1 95 ? -9.133  -6.220  -5.514  1.00 21.55 ? 95  MET A SD    1 
ATOM   724  C CE    . MET A 1 95 ? -10.385 -4.945  -5.758  1.00 18.08 ? 95  MET A CE    1 
ATOM   725  N N     . SER A 1 96 ? -7.987  -4.171  -10.442 1.00 6.43  ? 96  SER A N     1 
ATOM   726  C CA    . SER A 1 96 ? -7.259  -3.084  -11.105 1.00 7.03  ? 96  SER A CA    1 
ATOM   727  C C     . SER A 1 96 ? -7.495  -1.735  -10.375 1.00 5.85  ? 96  SER A C     1 
ATOM   728  O O     . SER A 1 96 ? -8.493  -1.572  -9.688  1.00 6.45  ? 96  SER A O     1 
ATOM   729  C CB    . SER A 1 96 ? -7.638  -2.919  -12.575 1.00 6.25  ? 96  SER A CB    1 
ATOM   730  O OG    . SER A 1 96 ? -9.025  -2.604  -12.675 1.00 7.45  ? 96  SER A OG    1 
ATOM   731  N N     . LEU A 1 97 ? -6.556  -0.820  -10.593 1.00 8.24  ? 97  LEU A N     1 
ATOM   732  C CA    . LEU A 1 97 ? -6.567  0.527   -10.130 1.00 9.44  ? 97  LEU A CA    1 
ATOM   733  C C     . LEU A 1 97 ? -6.981  1.313   -11.360 1.00 12.26 ? 97  LEU A C     1 
ATOM   734  O O     . LEU A 1 97 ? -6.399  1.150   -12.450 1.00 15.08 ? 97  LEU A O     1 
ATOM   735  C CB    . LEU A 1 97 ? -5.151  0.948   -9.779  1.00 11.39 ? 97  LEU A CB    1 
ATOM   736  C CG    . LEU A 1 97 ? -4.855  1.273   -8.338  1.00 12.77 ? 97  LEU A CG    1 
ATOM   737  C CD1   . LEU A 1 97 ? -3.542  2.069   -8.337  1.00 10.23 ? 97  LEU A CD1   1 
ATOM   738  C CD2   . LEU A 1 97 ? -5.945  2.117   -7.687  1.00 13.10 ? 97  LEU A CD2   1 
ATOM   739  N N     . ASN A 1 98 ? -8.048  2.111   -11.217 1.00 11.22 ? 98  ASN A N     1 
ATOM   740  C CA    . ASN A 1 98 ? -8.595  2.816   -12.318 1.00 11.19 ? 98  ASN A CA    1 
ATOM   741  C C     . ASN A 1 98 ? -8.830  4.282   -12.007 1.00 14.00 ? 98  ASN A C     1 
ATOM   742  O O     . ASN A 1 98 ? -9.202  4.630   -10.893 1.00 12.87 ? 98  ASN A O     1 
ATOM   743  C CB    . ASN A 1 98 ? -9.954  2.175   -12.626 1.00 14.96 ? 98  ASN A CB    1 
ATOM   744  C CG    . ASN A 1 98 ? -9.845  0.688   -12.997 1.00 18.54 ? 98  ASN A CG    1 
ATOM   745  O OD1   . ASN A 1 98 ? -9.779  -0.199  -12.109 1.00 21.48 ? 98  ASN A OD1   1 
ATOM   746  N ND2   . ASN A 1 98 ? -9.794  0.428   -14.306 1.00 20.28 ? 98  ASN A ND2   1 
ATOM   747  N N     . LEU A 1 99 ? -8.704  5.099   -13.033 1.00 15.50 ? 99  LEU A N     1 
ATOM   748  C CA    . LEU A 1 99 ? -8.961  6.501   -12.936 1.00 18.21 ? 99  LEU A CA    1 
ATOM   749  C C     . LEU A 1 99 ? -9.715  6.968   -14.170 1.00 22.44 ? 99  LEU A C     1 
ATOM   750  O O     . LEU A 1 99 ? -10.801 7.600   -14.084 1.00 26.01 ? 99  LEU A O     1 
ATOM   751  C CB    . LEU A 1 99 ? -7.640  7.222   -12.790 1.00 17.62 ? 99  LEU A CB    1 
ATOM   752  C CG    . LEU A 1 99 ? -7.779  8.702   -13.017 1.00 16.21 ? 99  LEU A CG    1 
ATOM   753  C CD1   . LEU A 1 99 ? -8.531  9.208   -11.814 1.00 17.23 ? 99  LEU A CD1   1 
ATOM   754  C CD2   . LEU A 1 99 ? -6.390  9.329   -13.015 1.00 17.70 ? 99  LEU A CD2   1 
ATOM   755  O OXT   . LEU A 1 99 ? -9.323  6.638   -15.327 1.00 24.54 ? 99  LEU A OXT   1 
ATOM   756  N N     . PRO B 1 1  ? -7.361  5.900   -17.315 1.00 16.72 ? 1   PRO B N     1 
ATOM   757  C CA    . PRO B 1 1  ? -6.245  4.974   -17.116 1.00 18.17 ? 1   PRO B CA    1 
ATOM   758  C C     . PRO B 1 1  ? -6.582  3.831   -16.192 1.00 17.80 ? 1   PRO B C     1 
ATOM   759  O O     . PRO B 1 1  ? -7.365  4.016   -15.275 1.00 15.65 ? 1   PRO B O     1 
ATOM   760  C CB    . PRO B 1 1  ? -5.069  5.769   -16.553 1.00 18.54 ? 1   PRO B CB    1 
ATOM   761  C CG    . PRO B 1 1  ? -5.342  7.195   -16.957 1.00 16.62 ? 1   PRO B CG    1 
ATOM   762  C CD    . PRO B 1 1  ? -6.833  7.277   -17.337 1.00 17.52 ? 1   PRO B CD    1 
ATOM   763  N N     . GLN B 1 2  ? -6.051  2.629   -16.510 1.00 18.77 ? 2   GLN B N     1 
ATOM   764  C CA    . GLN B 1 2  ? -6.266  1.440   -15.718 1.00 17.51 ? 2   GLN B CA    1 
ATOM   765  C C     . GLN B 1 2  ? -4.916  0.815   -15.474 1.00 16.71 ? 2   GLN B C     1 
ATOM   766  O O     . GLN B 1 2  ? -4.043  0.932   -16.351 1.00 18.93 ? 2   GLN B O     1 
ATOM   767  C CB    . GLN B 1 2  ? -7.181  0.455   -16.416 1.00 18.60 ? 2   GLN B CB    1 
ATOM   768  C CG    . GLN B 1 2  ? -7.497  -0.658  -15.437 1.00 23.67 ? 2   GLN B CG    1 
ATOM   769  C CD    . GLN B 1 2  ? -8.384  -1.737  -16.024 1.00 26.97 ? 2   GLN B CD    1 
ATOM   770  O OE1   . GLN B 1 2  ? -9.459  -1.416  -16.576 1.00 29.09 ? 2   GLN B OE1   1 
ATOM   771  N NE2   . GLN B 1 2  ? -7.919  -3.020  -15.944 1.00 30.63 ? 2   GLN B NE2   1 
ATOM   772  N N     . PHE B 1 3  ? -4.698  0.244   -14.293 1.00 13.65 ? 3   PHE B N     1 
ATOM   773  C CA    . PHE B 1 3  ? -3.425  -0.363  -13.974 1.00 13.48 ? 3   PHE B CA    1 
ATOM   774  C C     . PHE B 1 3  ? -3.633  -1.790  -13.505 1.00 15.57 ? 3   PHE B C     1 
ATOM   775  O O     . PHE B 1 3  ? -4.334  -2.015  -12.512 1.00 13.32 ? 3   PHE B O     1 
ATOM   776  C CB    . PHE B 1 3  ? -2.706  0.371   -12.826 1.00 13.37 ? 3   PHE B CB    1 
ATOM   777  C CG    . PHE B 1 3  ? -2.300  1.781   -13.177 1.00 15.23 ? 3   PHE B CG    1 
ATOM   778  C CD1   . PHE B 1 3  ? -3.259  2.796   -13.285 1.00 15.70 ? 3   PHE B CD1   1 
ATOM   779  C CD2   . PHE B 1 3  ? -0.951  2.107   -13.337 1.00 15.71 ? 3   PHE B CD2   1 
ATOM   780  C CE1   . PHE B 1 3  ? -2.904  4.098   -13.636 1.00 16.04 ? 3   PHE B CE1   1 
ATOM   781  C CE2   . PHE B 1 3  ? -0.573  3.415   -13.660 1.00 16.33 ? 3   PHE B CE2   1 
ATOM   782  C CZ    . PHE B 1 3  ? -1.558  4.389   -13.853 1.00 15.78 ? 3   PHE B CZ    1 
ATOM   783  N N     . SER B 1 4  ? -3.081  -2.754  -14.250 1.00 14.04 ? 4   SER B N     1 
ATOM   784  C CA    . SER B 1 4  ? -3.168  -4.141  -13.845 1.00 15.47 ? 4   SER B CA    1 
ATOM   785  C C     . SER B 1 4  ? -2.165  -4.214  -12.739 1.00 12.82 ? 4   SER B C     1 
ATOM   786  O O     . SER B 1 4  ? -1.370  -3.291  -12.563 1.00 19.24 ? 4   SER B O     1 
ATOM   787  C CB    . SER B 1 4  ? -2.816  -5.076  -15.006 1.00 18.47 ? 4   SER B CB    1 
ATOM   788  O OG    . SER B 1 4  ? -1.460  -5.500  -14.943 1.00 22.47 ? 4   SER B OG    1 
ATOM   789  N N     . LEU B 1 5  ? -2.187  -5.188  -11.925 1.00 10.67 ? 5   LEU B N     1 
ATOM   790  C CA    . LEU B 1 5  ? -1.243  -5.020  -10.831 1.00 8.90  ? 5   LEU B CA    1 
ATOM   791  C C     . LEU B 1 5  ? -0.037  -5.961  -10.882 1.00 7.08  ? 5   LEU B C     1 
ATOM   792  O O     . LEU B 1 5  ? 0.627   -6.228  -9.878  1.00 7.46  ? 5   LEU B O     1 
ATOM   793  C CB    . LEU B 1 5  ? -2.038  -5.102  -9.505  1.00 7.03  ? 5   LEU B CB    1 
ATOM   794  C CG    . LEU B 1 5  ? -2.881  -3.847  -9.277  1.00 7.05  ? 5   LEU B CG    1 
ATOM   795  C CD1   . LEU B 1 5  ? -3.919  -4.159  -8.198  1.00 8.08  ? 5   LEU B CD1   1 
ATOM   796  C CD2   . LEU B 1 5  ? -1.982  -2.723  -8.763  1.00 8.16  ? 5   LEU B CD2   1 
ATOM   797  N N     . TRP B 1 6  ? 0.224   -6.491  -12.081 1.00 6.86  ? 6   TRP B N     1 
ATOM   798  C CA    . TRP B 1 6  ? 1.394   -7.372  -12.327 1.00 4.86  ? 6   TRP B CA    1 
ATOM   799  C C     . TRP B 1 6  ? 2.686   -6.702  -11.919 1.00 4.76  ? 6   TRP B C     1 
ATOM   800  O O     . TRP B 1 6  ? 3.543   -7.316  -11.323 1.00 7.40  ? 6   TRP B O     1 
ATOM   801  C CB    . TRP B 1 6  ? 1.416   -7.852  -13.814 1.00 6.21  ? 6   TRP B CB    1 
ATOM   802  C CG    . TRP B 1 6  ? 2.565   -8.760  -14.098 1.00 6.01  ? 6   TRP B CG    1 
ATOM   803  C CD1   . TRP B 1 6  ? 3.620   -8.458  -14.870 1.00 6.62  ? 6   TRP B CD1   1 
ATOM   804  C CD2   . TRP B 1 6  ? 2.780   -10.126 -13.609 1.00 7.86  ? 6   TRP B CD2   1 
ATOM   805  N NE1   . TRP B 1 6  ? 4.459   -9.555  -14.947 1.00 8.82  ? 6   TRP B NE1   1 
ATOM   806  C CE2   . TRP B 1 6  ? 3.989   -10.579 -14.173 1.00 8.30  ? 6   TRP B CE2   1 
ATOM   807  C CE3   . TRP B 1 6  ? 2.048   -11.020 -12.800 1.00 7.25  ? 6   TRP B CE3   1 
ATOM   808  C CZ2   . TRP B 1 6  ? 4.522   -11.863 -13.904 1.00 8.36  ? 6   TRP B CZ2   1 
ATOM   809  C CZ3   . TRP B 1 6  ? 2.635   -12.220 -12.466 1.00 7.28  ? 6   TRP B CZ3   1 
ATOM   810  C CH2   . TRP B 1 6  ? 3.816   -12.665 -13.043 1.00 6.23  ? 6   TRP B CH2   1 
ATOM   811  N N     . LYS B 1 7  ? 2.830   -5.473  -12.312 1.00 5.66  ? 7   LYS B N     1 
ATOM   812  C CA    . LYS B 1 7  ? 3.978   -4.692  -11.884 1.00 6.38  ? 7   LYS B CA    1 
ATOM   813  C C     . LYS B 1 7  ? 3.562   -3.620  -10.836 1.00 2.10  ? 7   LYS B C     1 
ATOM   814  O O     . LYS B 1 7  ? 2.377   -3.361  -10.658 1.00 5.21  ? 7   LYS B O     1 
ATOM   815  C CB    . LYS B 1 7  ? 4.590   -4.069  -13.103 1.00 11.72 ? 7   LYS B CB    1 
ATOM   816  C CG    . LYS B 1 7  ? 5.428   -5.146  -13.788 1.00 16.41 ? 7   LYS B CG    1 
ATOM   817  C CD    . LYS B 1 7  ? 5.780   -4.777  -15.217 1.00 19.75 ? 7   LYS B CD    1 
ATOM   818  C CE    . LYS B 1 7  ? 6.822   -5.736  -15.762 1.00 20.98 ? 7   LYS B CE    1 
ATOM   819  N NZ    . LYS B 1 7  ? 7.754   -6.070  -14.665 1.00 23.91 ? 7   LYS B NZ    1 
ATOM   820  N N     . ARG B 1 8  ? 4.477   -3.004  -10.167 1.00 3.12  ? 8   ARG B N     1 
ATOM   821  C CA    . ARG B 1 8  ? 4.130   -1.889  -9.263  1.00 5.39  ? 8   ARG B CA    1 
ATOM   822  C C     . ARG B 1 8  ? 3.505   -0.722  -10.047 1.00 4.96  ? 8   ARG B C     1 
ATOM   823  O O     . ARG B 1 8  ? 4.030   -0.308  -11.084 1.00 6.21  ? 8   ARG B O     1 
ATOM   824  C CB    . ARG B 1 8  ? 5.306   -1.308  -8.541  1.00 6.28  ? 8   ARG B CB    1 
ATOM   825  C CG    . ARG B 1 8  ? 6.014   -2.373  -7.735  1.00 7.82  ? 8   ARG B CG    1 
ATOM   826  C CD    . ARG B 1 8  ? 6.972   -1.736  -6.765  1.00 10.50 ? 8   ARG B CD    1 
ATOM   827  N NE    . ARG B 1 8  ? 7.743   -2.751  -6.066  1.00 12.91 ? 8   ARG B NE    1 
ATOM   828  C CZ    . ARG B 1 8  ? 8.975   -2.509  -5.710  1.00 16.39 ? 8   ARG B CZ    1 
ATOM   829  N NH1   . ARG B 1 8  ? 9.529   -1.300  -5.916  1.00 19.38 ? 8   ARG B NH1   1 
ATOM   830  N NH2   . ARG B 1 8  ? 9.660   -3.439  -5.053  1.00 17.44 ? 8   ARG B NH2   1 
ATOM   831  N N     . PRO B 1 9  ? 2.370   -0.234  -9.576  1.00 5.13  ? 9   PRO B N     1 
ATOM   832  C CA    . PRO B 1 9  ? 1.709   0.884   -10.218 1.00 6.67  ? 9   PRO B CA    1 
ATOM   833  C C     . PRO B 1 9  ? 2.491   2.199   -9.918  1.00 8.87  ? 9   PRO B C     1 
ATOM   834  O O     . PRO B 1 9  ? 2.162   2.996   -8.989  1.00 9.47  ? 9   PRO B O     1 
ATOM   835  C CB    . PRO B 1 9  ? 0.330   0.868   -9.559  1.00 5.50  ? 9   PRO B CB    1 
ATOM   836  C CG    . PRO B 1 9  ? 0.503   0.266   -8.191  1.00 5.47  ? 9   PRO B CG    1 
ATOM   837  C CD    . PRO B 1 9  ? 1.606   -0.742  -8.384  1.00 5.56  ? 9   PRO B CD    1 
ATOM   838  N N     . VAL B 1 10 ? 3.573   2.428   -10.671 1.00 10.10 ? 10  VAL B N     1 
ATOM   839  C CA    . VAL B 1 10 ? 4.445   3.584   -10.496 1.00 9.64  ? 10  VAL B CA    1 
ATOM   840  C C     . VAL B 1 10 ? 4.296   4.576   -11.642 1.00 9.18  ? 10  VAL B C     1 
ATOM   841  O O     . VAL B 1 10 ? 4.259   4.206   -12.810 1.00 11.95 ? 10  VAL B O     1 
ATOM   842  C CB    . VAL B 1 10 ? 5.888   3.131   -10.398 1.00 9.74  ? 10  VAL B CB    1 
ATOM   843  C CG1   . VAL B 1 10 ? 6.793   4.331   -10.414 1.00 9.01  ? 10  VAL B CG1   1 
ATOM   844  C CG2   . VAL B 1 10 ? 6.109   2.334   -9.114  1.00 11.96 ? 10  VAL B CG2   1 
ATOM   845  N N     . VAL B 1 11 ? 4.181   5.853   -11.320 1.00 11.56 ? 11  VAL B N     1 
ATOM   846  C CA    . VAL B 1 11 ? 3.979   6.892   -12.323 1.00 9.23  ? 11  VAL B CA    1 
ATOM   847  C C     . VAL B 1 11 ? 4.857   8.078   -12.011 1.00 8.06  ? 11  VAL B C     1 
ATOM   848  O O     . VAL B 1 11 ? 5.340   8.155   -10.930 1.00 4.94  ? 11  VAL B O     1 
ATOM   849  C CB    . VAL B 1 11 ? 2.512   7.332   -12.472 1.00 11.15 ? 11  VAL B CB    1 
ATOM   850  C CG1   . VAL B 1 11 ? 1.581   6.162   -12.882 1.00 14.02 ? 11  VAL B CG1   1 
ATOM   851  C CG2   . VAL B 1 11 ? 1.960   8.006   -11.223 1.00 8.61  ? 11  VAL B CG2   1 
ATOM   852  N N     . THR B 1 12 ? 4.981   8.995   -12.971 1.00 10.06 ? 12  THR B N     1 
ATOM   853  C CA    . THR B 1 12 ? 5.699   10.240  -12.787 1.00 11.72 ? 12  THR B CA    1 
ATOM   854  C C     . THR B 1 12 ? 4.693   11.315  -12.322 1.00 11.93 ? 12  THR B C     1 
ATOM   855  O O     . THR B 1 12 ? 3.620   11.424  -12.886 1.00 13.68 ? 12  THR B O     1 
ATOM   856  C CB    . THR B 1 12 ? 6.451   10.679  -14.056 1.00 11.47 ? 12  THR B CB    1 
ATOM   857  O OG1   . THR B 1 12 ? 7.347   9.661   -14.461 1.00 14.77 ? 12  THR B OG1   1 
ATOM   858  C CG2   . THR B 1 12 ? 7.219   12.006  -13.868 1.00 9.52  ? 12  THR B CG2   1 
ATOM   859  N N     . ALA B 1 13 ? 5.008   11.973  -11.196 1.00 11.13 ? 13  ALA B N     1 
ATOM   860  C CA    . ALA B 1 13 ? 4.252   13.074  -10.613 1.00 9.69  ? 13  ALA B CA    1 
ATOM   861  C C     . ALA B 1 13 ? 5.227   14.259  -10.499 1.00 10.40 ? 13  ALA B C     1 
ATOM   862  O O     . ALA B 1 13 ? 6.438   14.114  -10.367 1.00 12.83 ? 13  ALA B O     1 
ATOM   863  C CB    . ALA B 1 13 ? 3.789   12.764  -9.199  1.00 6.54  ? 13  ALA B CB    1 
ATOM   864  N N     . TYR B 1 14 ? 4.709   15.456  -10.552 1.00 11.33 ? 14  TYR B N     1 
ATOM   865  C CA    . TYR B 1 14 ? 5.550   16.647  -10.400 1.00 10.79 ? 14  TYR B CA    1 
ATOM   866  C C     . TYR B 1 14 ? 5.078   17.312  -9.122  1.00 10.81 ? 14  TYR B C     1 
ATOM   867  O O     . TYR B 1 14 ? 3.876   17.577  -8.994  1.00 9.20  ? 14  TYR B O     1 
ATOM   868  C CB    . TYR B 1 14 ? 5.383   17.582  -11.618 1.00 11.13 ? 14  TYR B CB    1 
ATOM   869  C CG    . TYR B 1 14 ? 5.792   16.951  -12.959 1.00 14.78 ? 14  TYR B CG    1 
ATOM   870  C CD1   . TYR B 1 14 ? 4.911   16.115  -13.650 1.00 14.44 ? 14  TYR B CD1   1 
ATOM   871  C CD2   . TYR B 1 14 ? 7.068   17.165  -13.483 1.00 15.54 ? 14  TYR B CD2   1 
ATOM   872  C CE1   . TYR B 1 14 ? 5.296   15.501  -14.849 1.00 16.30 ? 14  TYR B CE1   1 
ATOM   873  C CE2   . TYR B 1 14 ? 7.459   16.606  -14.703 1.00 16.27 ? 14  TYR B CE2   1 
ATOM   874  C CZ    . TYR B 1 14 ? 6.562   15.768  -15.379 1.00 18.54 ? 14  TYR B CZ    1 
ATOM   875  O OH    . TYR B 1 14 ? 6.899   15.220  -16.586 1.00 22.41 ? 14  TYR B OH    1 
ATOM   876  N N     . ILE B 1 15 ? 5.976   17.480  -8.158  1.00 10.34 ? 15  ILE B N     1 
ATOM   877  C CA    . ILE B 1 15 ? 5.632   18.089  -6.878  1.00 10.52 ? 15  ILE B CA    1 
ATOM   878  C C     . ILE B 1 15 ? 6.307   19.432  -6.802  1.00 9.97  ? 15  ILE B C     1 
ATOM   879  O O     . ILE B 1 15 ? 7.524   19.511  -6.830  1.00 11.39 ? 15  ILE B O     1 
ATOM   880  C CB    . ILE B 1 15 ? 6.113   17.171  -5.794  1.00 10.41 ? 15  ILE B CB    1 
ATOM   881  C CG1   . ILE B 1 15 ? 5.448   15.821  -6.073  1.00 13.41 ? 15  ILE B CG1   1 
ATOM   882  C CG2   . ILE B 1 15 ? 5.693   17.719  -4.427  1.00 10.21 ? 15  ILE B CG2   1 
ATOM   883  C CD1   . ILE B 1 15 ? 5.606   14.850  -4.918  1.00 16.14 ? 15  ILE B CD1   1 
ATOM   884  N N     . GLU B 1 16 ? 5.512   20.498  -6.880  1.00 12.46 ? 16  GLU B N     1 
ATOM   885  C CA    . GLU B 1 16 ? 6.075   21.834  -6.991  1.00 13.29 ? 16  GLU B CA    1 
ATOM   886  C C     . GLU B 1 16 ? 7.056   21.916  -8.169  1.00 11.34 ? 16  GLU B C     1 
ATOM   887  O O     . GLU B 1 16 ? 8.158   22.458  -8.024  1.00 11.42 ? 16  GLU B O     1 
ATOM   888  C CB    . GLU B 1 16 ? 6.662   22.386  -5.675  1.00 15.15 ? 16  GLU B CB    1 
ATOM   889  C CG    . GLU B 1 16 ? 5.642   22.382  -4.503  1.00 18.09 ? 16  GLU B CG    1 
ATOM   890  C CD    . GLU B 1 16 ? 4.607   23.484  -4.620  1.00 22.53 ? 16  GLU B CD    1 
ATOM   891  O OE1   . GLU B 1 16 ? 4.907   24.328  -5.616  1.00 23.42 ? 16  GLU B OE1   1 
ATOM   892  O OE2   . GLU B 1 16 ? 3.582   23.579  -3.897  1.00 20.05 ? 16  GLU B OE2   1 
ATOM   893  N N     . GLY B 1 17 ? 6.638   21.356  -9.296  1.00 9.39  ? 17  GLY B N     1 
ATOM   894  C CA    . GLY B 1 17 ? 7.398   21.366  -10.516 1.00 11.22 ? 17  GLY B CA    1 
ATOM   895  C C     . GLY B 1 17 ? 8.503   20.325  -10.673 1.00 14.65 ? 17  GLY B C     1 
ATOM   896  O O     . GLY B 1 17 ? 9.070   20.228  -11.765 1.00 17.35 ? 17  GLY B O     1 
ATOM   897  N N     . GLN B 1 18 ? 8.853   19.624  -9.601  1.00 13.18 ? 18  GLN B N     1 
ATOM   898  C CA    . GLN B 1 18 ? 9.878   18.577  -9.602  1.00 16.18 ? 18  GLN B CA    1 
ATOM   899  C C     . GLN B 1 18 ? 9.326   17.155  -9.871  1.00 15.04 ? 18  GLN B C     1 
ATOM   900  O O     . GLN B 1 18 ? 8.497   16.640  -9.118  1.00 14.24 ? 18  GLN B O     1 
ATOM   901  C CB    . GLN B 1 18 ? 10.681  18.560  -8.288  1.00 17.54 ? 18  GLN B CB    1 
ATOM   902  C CG    . GLN B 1 18 ? 10.846  19.966  -7.687  1.00 22.72 ? 18  GLN B CG    1 
ATOM   903  C CD    . GLN B 1 18 ? 11.176  19.929  -6.201  1.00 27.04 ? 18  GLN B CD    1 
ATOM   904  O OE1   . GLN B 1 18 ? 12.244  19.398  -5.766  1.00 28.25 ? 18  GLN B OE1   1 
ATOM   905  N NE2   . GLN B 1 18 ? 10.282  20.537  -5.391  1.00 30.83 ? 18  GLN B NE2   1 
ATOM   906  N N     . PRO B 1 19 ? 9.786   16.511  -10.944 1.00 16.53 ? 19  PRO B N     1 
ATOM   907  C CA    . PRO B 1 19 ? 9.295   15.173  -11.238 1.00 15.05 ? 19  PRO B CA    1 
ATOM   908  C C     . PRO B 1 19 ? 9.840   14.171  -10.247 1.00 13.65 ? 19  PRO B C     1 
ATOM   909  O O     . PRO B 1 19 ? 10.974  14.245  -9.817  1.00 14.26 ? 19  PRO B O     1 
ATOM   910  C CB    . PRO B 1 19 ? 9.812   14.796  -12.592 1.00 17.54 ? 19  PRO B CB    1 
ATOM   911  C CG    . PRO B 1 19 ? 10.914  15.792  -12.895 1.00 17.86 ? 19  PRO B CG    1 
ATOM   912  C CD    . PRO B 1 19 ? 10.660  16.999  -12.027 1.00 17.31 ? 19  PRO B CD    1 
ATOM   913  N N     . VAL B 1 20 ? 8.995   13.253  -9.846  1.00 13.25 ? 20  VAL B N     1 
ATOM   914  C CA    . VAL B 1 20 ? 9.387   12.164  -8.923  1.00 11.92 ? 20  VAL B CA    1 
ATOM   915  C C     . VAL B 1 20 ? 8.678   10.909  -9.363  1.00 11.12 ? 20  VAL B C     1 
ATOM   916  O O     . VAL B 1 20 ? 7.549   10.982  -9.835  1.00 9.11  ? 20  VAL B O     1 
ATOM   917  C CB    . VAL B 1 20 ? 9.030   12.296  -7.421  1.00 12.82 ? 20  VAL B CB    1 
ATOM   918  C CG1   . VAL B 1 20 ? 10.063  13.002  -6.575  1.00 14.01 ? 20  VAL B CG1   1 
ATOM   919  C CG2   . VAL B 1 20 ? 7.669   12.891  -7.168  1.00 13.52 ? 20  VAL B CG2   1 
ATOM   920  N N     . GLU B 1 21 ? 9.259   9.752   -9.117  1.00 10.54 ? 21  GLU B N     1 
ATOM   921  C CA    . GLU B 1 21 ? 8.458   8.601   -9.483  1.00 10.82 ? 21  GLU B CA    1 
ATOM   922  C C     . GLU B 1 21 ? 7.741   8.136   -8.233  1.00 8.36  ? 21  GLU B C     1 
ATOM   923  O O     . GLU B 1 21 ? 8.359   8.081   -7.178  1.00 8.33  ? 21  GLU B O     1 
ATOM   924  C CB    . GLU B 1 21 ? 9.293   7.456   -10.051 1.00 15.92 ? 21  GLU B CB    1 
ATOM   925  C CG    . GLU B 1 21 ? 10.045  7.830   -11.332 1.00 23.00 ? 21  GLU B CG    1 
ATOM   926  C CD    . GLU B 1 21 ? 9.097   7.933   -12.496 1.00 29.47 ? 21  GLU B CD    1 
ATOM   927  O OE1   . GLU B 1 21 ? 8.474   6.943   -12.942 1.00 31.16 ? 21  GLU B OE1   1 
ATOM   928  O OE2   . GLU B 1 21 ? 9.058   9.154   -13.037 1.00 31.20 ? 21  GLU B OE2   1 
ATOM   929  N N     . VAL B 1 22 ? 6.430   7.929   -8.325  1.00 7.36  ? 22  VAL B N     1 
ATOM   930  C CA    . VAL B 1 22 ? 5.683   7.531   -7.136  1.00 7.19  ? 22  VAL B CA    1 
ATOM   931  C C     . VAL B 1 22 ? 4.891   6.259   -7.369  1.00 4.98  ? 22  VAL B C     1 
ATOM   932  O O     . VAL B 1 22 ? 4.401   5.999   -8.473  1.00 5.97  ? 22  VAL B O     1 
ATOM   933  C CB    . VAL B 1 22 ? 4.671   8.609   -6.704  1.00 4.64  ? 22  VAL B CB    1 
ATOM   934  C CG1   . VAL B 1 22 ? 5.362   9.914   -6.309  1.00 8.01  ? 22  VAL B CG1   1 
ATOM   935  C CG2   . VAL B 1 22 ? 3.633   8.789   -7.826  1.00 6.64  ? 22  VAL B CG2   1 
ATOM   936  N N     . LEU B 1 23 ? 4.703   5.538   -6.239  1.00 4.29  ? 23  LEU B N     1 
ATOM   937  C CA    . LEU B 1 23 ? 3.871   4.357   -6.093  1.00 4.88  ? 23  LEU B CA    1 
ATOM   938  C C     . LEU B 1 23 ? 2.420   4.783   -5.721  1.00 6.85  ? 23  LEU B C     1 
ATOM   939  O O     . LEU B 1 23 ? 2.257   5.497   -4.713  1.00 4.26  ? 23  LEU B O     1 
ATOM   940  C CB    . LEU B 1 23 ? 4.504   3.515   -4.952  1.00 6.37  ? 23  LEU B CB    1 
ATOM   941  C CG    . LEU B 1 23 ? 3.847   2.152   -4.715  1.00 5.02  ? 23  LEU B CG    1 
ATOM   942  C CD1   . LEU B 1 23 ? 3.944   1.313   -6.016  1.00 6.55  ? 23  LEU B CD1   1 
ATOM   943  C CD2   . LEU B 1 23 ? 4.558   1.450   -3.518  1.00 3.85  ? 23  LEU B CD2   1 
ATOM   944  N N     . LEU B 1 24 ? 1.403   4.301   -6.504  1.00 5.69  ? 24  LEU B N     1 
ATOM   945  C CA    . LEU B 1 24 ? -0.026  4.522   -6.189  1.00 7.65  ? 24  LEU B CA    1 
ATOM   946  C C     . LEU B 1 24 ? -0.409  3.453   -5.188  1.00 8.43  ? 24  LEU B C     1 
ATOM   947  O O     . LEU B 1 24 ? -0.531  2.272   -5.522  1.00 6.77  ? 24  LEU B O     1 
ATOM   948  C CB    . LEU B 1 24 ? -0.914  4.470   -7.439  1.00 6.23  ? 24  LEU B CB    1 
ATOM   949  C CG    . LEU B 1 24 ? -0.365  5.407   -8.554  1.00 8.59  ? 24  LEU B CG    1 
ATOM   950  C CD1   . LEU B 1 24 ? -1.141  5.262   -9.900  1.00 9.78  ? 24  LEU B CD1   1 
ATOM   951  C CD2   . LEU B 1 24 ? -0.338  6.830   -8.040  1.00 5.82  ? 24  LEU B CD2   1 
ATOM   952  N N     . ASP B 1 25 ? -0.566  3.877   -3.944  1.00 6.11  ? 25  ASP B N     1 
ATOM   953  C CA    . ASP B 1 25 ? -0.668  2.954   -2.863  1.00 4.73  ? 25  ASP B CA    1 
ATOM   954  C C     . ASP B 1 25 ? -1.973  3.047   -2.071  1.00 5.36  ? 25  ASP B C     1 
ATOM   955  O O     . ASP B 1 25 ? -2.081  3.894   -1.209  1.00 5.69  ? 25  ASP B O     1 
ATOM   956  C CB    . ASP B 1 25 ? 0.559   3.242   -1.968  1.00 7.05  ? 25  ASP B CB    1 
ATOM   957  C CG    . ASP B 1 25 ? 0.815   2.263   -0.874  1.00 9.03  ? 25  ASP B CG    1 
ATOM   958  O OD1   . ASP B 1 25 ? 0.022   1.462   -0.497  1.00 8.02  ? 25  ASP B OD1   1 
ATOM   959  O OD2   . ASP B 1 25 ? 1.977   2.463   -0.329  1.00 13.10 ? 25  ASP B OD2   1 
ATOM   960  N N     . THR B 1 26 ? -2.886  2.077   -2.288  1.00 7.68  ? 26  THR B N     1 
ATOM   961  C CA    . THR B 1 26 ? -4.169  1.995   -1.572  1.00 5.00  ? 26  THR B CA    1 
ATOM   962  C C     . THR B 1 26 ? -4.039  1.623   -0.106  1.00 7.04  ? 26  THR B C     1 
ATOM   963  O O     . THR B 1 26 ? -4.959  1.805   0.676   1.00 7.61  ? 26  THR B O     1 
ATOM   964  C CB    . THR B 1 26 ? -5.184  1.041   -2.244  1.00 5.58  ? 26  THR B CB    1 
ATOM   965  O OG1   . THR B 1 26 ? -4.649  -0.253  -2.306  1.00 5.24  ? 26  THR B OG1   1 
ATOM   966  C CG2   . THR B 1 26 ? -5.597  1.496   -3.652  1.00 5.13  ? 26  THR B CG2   1 
ATOM   967  N N     . GLY B 1 27 ? -2.915  1.047   0.288   1.00 4.01  ? 27  GLY B N     1 
ATOM   968  C CA    . GLY B 1 27 ? -2.745  0.659   1.654   1.00 3.61  ? 27  GLY B CA    1 
ATOM   969  C C     . GLY B 1 27 ? -2.070  1.752   2.445   1.00 5.62  ? 27  GLY B C     1 
ATOM   970  O O     . GLY B 1 27 ? -1.674  1.511   3.557   1.00 9.06  ? 27  GLY B O     1 
ATOM   971  N N     . ALA B 1 28 ? -1.844  2.932   1.849   1.00 5.25  ? 28  ALA B N     1 
ATOM   972  C CA    . ALA B 1 28 ? -1.165  3.952   2.585   1.00 5.38  ? 28  ALA B CA    1 
ATOM   973  C C     . ALA B 1 28 ? -2.158  5.034   2.947   1.00 6.51  ? 28  ALA B C     1 
ATOM   974  O O     . ALA B 1 28 ? -2.902  5.518   2.086   1.00 7.86  ? 28  ALA B O     1 
ATOM   975  C CB    . ALA B 1 28 ? -0.052  4.517   1.735   1.00 3.76  ? 28  ALA B CB    1 
ATOM   976  N N     . ASP B 1 29 ? -2.214  5.414   4.233   1.00 8.57  ? 29  ASP B N     1 
ATOM   977  C CA    . ASP B 1 29 ? -3.137  6.450   4.685   1.00 7.49  ? 29  ASP B CA    1 
ATOM   978  C C     . ASP B 1 29 ? -2.683  7.871   4.276   1.00 10.06 ? 29  ASP B C     1 
ATOM   979  O O     . ASP B 1 29 ? -3.525  8.753   4.081   1.00 12.12 ? 29  ASP B O     1 
ATOM   980  C CB    . ASP B 1 29 ? -3.201  6.356   6.222   1.00 8.27  ? 29  ASP B CB    1 
ATOM   981  C CG    . ASP B 1 29 ? -4.075  5.332   6.818   1.00 5.50  ? 29  ASP B CG    1 
ATOM   982  O OD1   . ASP B 1 29 ? -4.866  4.756   5.992   1.00 5.33  ? 29  ASP B OD1   1 
ATOM   983  O OD2   . ASP B 1 29 ? -4.263  5.268   7.985   1.00 11.30 ? 29  ASP B OD2   1 
ATOM   984  N N     . ASP B 1 30 ? -1.344  8.073   4.151   1.00 8.80  ? 30  ASP B N     1 
ATOM   985  C CA    . ASP B 1 30 ? -0.692  9.357   3.890   1.00 8.96  ? 30  ASP B CA    1 
ATOM   986  C C     . ASP B 1 30 ? 0.206   9.260   2.701   1.00 9.14  ? 30  ASP B C     1 
ATOM   987  O O     . ASP B 1 30 ? 0.450   8.143   2.241   1.00 10.23 ? 30  ASP B O     1 
ATOM   988  C CB    . ASP B 1 30 ? 0.254   9.694   5.056   1.00 11.10 ? 30  ASP B CB    1 
ATOM   989  C CG    . ASP B 1 30 ? -0.483  9.909   6.321   1.00 15.43 ? 30  ASP B CG    1 
ATOM   990  O OD1   . ASP B 1 30 ? -1.400  10.658  6.373   1.00 17.19 ? 30  ASP B OD1   1 
ATOM   991  O OD2   . ASP B 1 30 ? -0.178  9.140   7.307   1.00 19.30 ? 30  ASP B OD2   1 
ATOM   992  N N     . SER B 1 31 ? 0.687   10.395  2.206   1.00 6.93  ? 31  SER B N     1 
ATOM   993  C CA    . SER B 1 31 ? 1.603   10.383  1.041   1.00 6.29  ? 31  SER B CA    1 
ATOM   994  C C     . SER B 1 31 ? 2.990   10.830  1.543   1.00 7.40  ? 31  SER B C     1 
ATOM   995  O O     . SER B 1 31 ? 3.080   11.743  2.393   1.00 7.89  ? 31  SER B O     1 
ATOM   996  C CB    . SER B 1 31 ? 1.085   11.285  -0.033  1.00 6.44  ? 31  SER B CB    1 
ATOM   997  O OG    . SER B 1 31 ? -0.163  10.785  -0.481  1.00 5.54  ? 31  SER B OG    1 
ATOM   998  N N     . ILE B 1 32 ? 4.048   10.134  1.135   1.00 7.64  ? 32  ILE B N     1 
ATOM   999  C CA    . ILE B 1 32 ? 5.395   10.437  1.609   1.00 9.23  ? 32  ILE B CA    1 
ATOM   1000 C C     . ILE B 1 32 ? 6.396   10.328  0.488   1.00 10.05 ? 32  ILE B C     1 
ATOM   1001 O O     . ILE B 1 32 ? 6.341   9.414   -0.315  1.00 8.60  ? 32  ILE B O     1 
ATOM   1002 C CB    . ILE B 1 32 ? 5.801   9.664   2.854   1.00 11.09 ? 32  ILE B CB    1 
ATOM   1003 C CG1   . ILE B 1 32 ? 7.247   10.025  3.217   1.00 9.48  ? 32  ILE B CG1   1 
ATOM   1004 C CG2   . ILE B 1 32 ? 5.522   8.153   2.724   1.00 10.71 ? 32  ILE B CG2   1 
ATOM   1005 C CD1   . ILE B 1 32 ? 7.639   9.260   4.440   1.00 12.58 ? 32  ILE B CD1   1 
ATOM   1006 N N     . VAL B 1 33 ? 7.227   11.354  0.356   1.00 9.86  ? 33  VAL B N     1 
ATOM   1007 C CA    . VAL B 1 33 ? 8.184   11.426  -0.756  1.00 12.16 ? 33  VAL B CA    1 
ATOM   1008 C C     . VAL B 1 33 ? 9.575   11.730  -0.243  1.00 10.50 ? 33  VAL B C     1 
ATOM   1009 O O     . VAL B 1 33 ? 9.720   12.390  0.756   1.00 9.06  ? 33  VAL B O     1 
ATOM   1010 C CB    . VAL B 1 33 ? 7.690   12.507  -1.722  1.00 13.45 ? 33  VAL B CB    1 
ATOM   1011 C CG1   . VAL B 1 33 ? 8.665   12.823  -2.803  1.00 19.30 ? 33  VAL B CG1   1 
ATOM   1012 C CG2   . VAL B 1 33 ? 6.425   12.015  -2.384  1.00 13.79 ? 33  VAL B CG2   1 
ATOM   1013 N N     . ALA B 1 34 ? 10.593  11.198  -0.868  1.00 11.31 ? 34  ALA B N     1 
ATOM   1014 C CA    . ALA B 1 34 ? 11.942  11.536  -0.494  1.00 12.98 ? 34  ALA B CA    1 
ATOM   1015 C C     . ALA B 1 34 ? 12.647  12.308  -1.606  1.00 15.14 ? 34  ALA B C     1 
ATOM   1016 O O     . ALA B 1 34 ? 12.190  12.371  -2.753  1.00 18.31 ? 34  ALA B O     1 
ATOM   1017 C CB    . ALA B 1 34 ? 12.710  10.291  -0.141  1.00 13.20 ? 34  ALA B CB    1 
ATOM   1018 N N     . GLY B 1 35 ? 13.751  12.956  -1.255  1.00 18.03 ? 35  GLY B N     1 
ATOM   1019 C CA    . GLY B 1 35 ? 14.578  13.680  -2.229  1.00 21.73 ? 35  GLY B CA    1 
ATOM   1020 C C     . GLY B 1 35 ? 14.047  15.020  -2.745  1.00 24.22 ? 35  GLY B C     1 
ATOM   1021 O O     . GLY B 1 35 ? 14.537  15.535  -3.753  1.00 26.02 ? 35  GLY B O     1 
ATOM   1022 N N     . ILE B 1 36 ? 13.016  15.543  -2.106  1.00 23.99 ? 36  ILE B N     1 
ATOM   1023 C CA    . ILE B 1 36 ? 12.460  16.795  -2.518  1.00 23.85 ? 36  ILE B CA    1 
ATOM   1024 C C     . ILE B 1 36 ? 12.605  17.738  -1.329  1.00 23.18 ? 36  ILE B C     1 
ATOM   1025 O O     . ILE B 1 36 ? 12.601  17.284  -0.185  1.00 23.92 ? 36  ILE B O     1 
ATOM   1026 C CB    . ILE B 1 36 ? 11.005  16.740  -3.047  1.00 23.54 ? 36  ILE B CB    1 
ATOM   1027 C CG1   . ILE B 1 36 ? 10.077  16.045  -2.074  1.00 24.59 ? 36  ILE B CG1   1 
ATOM   1028 C CG2   . ILE B 1 36 ? 10.852  16.140  -4.437  1.00 25.56 ? 36  ILE B CG2   1 
ATOM   1029 C CD1   . ILE B 1 36 ? 8.607   16.356  -2.327  1.00 25.27 ? 36  ILE B CD1   1 
ATOM   1030 N N     . GLU B 1 37 ? 12.826  19.020  -1.598  1.00 22.14 ? 37  GLU B N     1 
ATOM   1031 C CA    . GLU B 1 37 ? 12.986  19.991  -0.546  1.00 23.79 ? 37  GLU B CA    1 
ATOM   1032 C C     . GLU B 1 37 ? 11.782  20.814  -0.621  1.00 22.09 ? 37  GLU B C     1 
ATOM   1033 O O     . GLU B 1 37 ? 11.481  21.352  -1.696  1.00 23.67 ? 37  GLU B O     1 
ATOM   1034 C CB    . GLU B 1 37 ? 14.258  20.896  -0.655  1.00 28.53 ? 37  GLU B CB    1 
ATOM   1035 C CG    . GLU B 1 37 ? 14.865  21.319  0.717   1.00 32.66 ? 37  GLU B CG    1 
ATOM   1036 C CD    . GLU B 1 37 ? 13.939  22.139  1.597   1.00 36.80 ? 37  GLU B CD    1 
ATOM   1037 O OE1   . GLU B 1 37 ? 13.802  23.393  1.178   1.00 39.63 ? 37  GLU B OE1   1 
ATOM   1038 O OE2   . GLU B 1 37 ? 13.406  21.712  2.612   1.00 36.06 ? 37  GLU B OE2   1 
ATOM   1039 N N     . LEU B 1 38 ? 11.041  20.825  0.460   1.00 19.80 ? 38  LEU B N     1 
ATOM   1040 C CA    . LEU B 1 38 ? 9.831   21.575  0.322   1.00 20.06 ? 38  LEU B CA    1 
ATOM   1041 C C     . LEU B 1 38 ? 9.859   22.897  1.030   1.00 19.86 ? 38  LEU B C     1 
ATOM   1042 O O     . LEU B 1 38 ? 8.889   23.638  0.953   1.00 20.98 ? 38  LEU B O     1 
ATOM   1043 C CB    . LEU B 1 38 ? 8.487   20.799  0.444   1.00 18.33 ? 38  LEU B CB    1 
ATOM   1044 C CG    . LEU B 1 38 ? 8.171   19.881  -0.745  1.00 15.05 ? 38  LEU B CG    1 
ATOM   1045 C CD1   . LEU B 1 38 ? 7.152   18.812  -0.330  1.00 11.05 ? 38  LEU B CD1   1 
ATOM   1046 C CD2   . LEU B 1 38 ? 7.728   20.685  -1.960  1.00 13.38 ? 38  LEU B CD2   1 
ATOM   1047 N N     . GLY B 1 39 ? 10.948  23.193  1.711   1.00 19.36 ? 39  GLY B N     1 
ATOM   1048 C CA    . GLY B 1 39 ? 10.946  24.501  2.359   1.00 19.26 ? 39  GLY B CA    1 
ATOM   1049 C C     . GLY B 1 39 ? 10.725  24.449  3.856   1.00 22.24 ? 39  GLY B C     1 
ATOM   1050 O O     . GLY B 1 39 ? 10.727  23.390  4.488   1.00 23.43 ? 39  GLY B O     1 
ATOM   1051 N N     . ASN B 1 40 ? 10.514  25.637  4.422   1.00 22.15 ? 40  ASN B N     1 
ATOM   1052 C CA    . ASN B 1 40 ? 10.396  25.853  5.855   1.00 22.65 ? 40  ASN B CA    1 
ATOM   1053 C C     . ASN B 1 40 ? 9.007   25.725  6.468   1.00 20.05 ? 40  ASN B C     1 
ATOM   1054 O O     . ASN B 1 40 ? 8.846   25.764  7.670   1.00 21.46 ? 40  ASN B O     1 
ATOM   1055 C CB    . ASN B 1 40 ? 10.833  27.307  6.105   1.00 26.86 ? 40  ASN B CB    1 
ATOM   1056 C CG    . ASN B 1 40 ? 11.099  28.057  4.779   1.00 29.95 ? 40  ASN B CG    1 
ATOM   1057 O OD1   . ASN B 1 40 ? 12.289  28.294  4.449   1.00 32.62 ? 40  ASN B OD1   1 
ATOM   1058 N ND2   . ASN B 1 40 ? 10.051  28.332  3.953   1.00 29.20 ? 40  ASN B ND2   1 
ATOM   1059 N N     . ASN B 1 41 ? 7.993   25.670  5.703   1.00 18.23 ? 41  ASN B N     1 
ATOM   1060 C CA    . ASN B 1 41 ? 6.733   25.665  6.359   1.00 21.24 ? 41  ASN B CA    1 
ATOM   1061 C C     . ASN B 1 41 ? 6.155   24.294  6.599   1.00 20.24 ? 41  ASN B C     1 
ATOM   1062 O O     . ASN B 1 41 ? 5.213   23.908  5.906   1.00 19.77 ? 41  ASN B O     1 
ATOM   1063 C CB    . ASN B 1 41 ? 5.779   26.399  5.416   1.00 24.48 ? 41  ASN B CB    1 
ATOM   1064 C CG    . ASN B 1 41 ? 5.423   27.715  6.002   1.00 30.77 ? 41  ASN B CG    1 
ATOM   1065 O OD1   . ASN B 1 41 ? 6.294   28.639  6.088   1.00 33.23 ? 41  ASN B OD1   1 
ATOM   1066 N ND2   . ASN B 1 41 ? 4.150   27.792  6.434   1.00 33.04 ? 41  ASN B ND2   1 
ATOM   1067 N N     . TYR B 1 42 ? 6.635   23.573  7.607   1.00 17.61 ? 42  TYR B N     1 
ATOM   1068 C CA    . TYR B 1 42 ? 6.089   22.257  7.826   1.00 17.50 ? 42  TYR B CA    1 
ATOM   1069 C C     . TYR B 1 42 ? 5.848   22.002  9.277   1.00 16.74 ? 42  TYR B C     1 
ATOM   1070 O O     . TYR B 1 42 ? 6.239   22.811  10.088  1.00 16.99 ? 42  TYR B O     1 
ATOM   1071 C CB    . TYR B 1 42 ? 7.093   21.223  7.287   1.00 17.16 ? 42  TYR B CB    1 
ATOM   1072 C CG    . TYR B 1 42 ? 8.412   21.295  8.033   1.00 17.93 ? 42  TYR B CG    1 
ATOM   1073 C CD1   . TYR B 1 42 ? 8.618   20.591  9.220   1.00 19.22 ? 42  TYR B CD1   1 
ATOM   1074 C CD2   . TYR B 1 42 ? 9.433   22.116  7.558   1.00 18.91 ? 42  TYR B CD2   1 
ATOM   1075 C CE1   . TYR B 1 42 ? 9.840   20.663  9.890   1.00 20.43 ? 42  TYR B CE1   1 
ATOM   1076 C CE2   . TYR B 1 42 ? 10.661  22.197  8.216   1.00 19.85 ? 42  TYR B CE2   1 
ATOM   1077 C CZ    . TYR B 1 42 ? 10.857  21.478  9.390   1.00 21.33 ? 42  TYR B CZ    1 
ATOM   1078 O OH    . TYR B 1 42 ? 12.063  21.565  10.036  1.00 24.58 ? 42  TYR B OH    1 
ATOM   1079 N N     . SER B 1 43 ? 5.221   20.875  9.599   1.00 14.80 ? 43  SER B N     1 
ATOM   1080 C CA    . SER B 1 43 ? 5.065   20.408  10.948  1.00 14.90 ? 43  SER B CA    1 
ATOM   1081 C C     . SER B 1 43 ? 5.739   19.068  11.049  1.00 15.89 ? 43  SER B C     1 
ATOM   1082 O O     . SER B 1 43 ? 5.507   18.204  10.173  1.00 15.15 ? 43  SER B O     1 
ATOM   1083 C CB    . SER B 1 43 ? 3.677   20.158  11.391  1.00 15.73 ? 43  SER B CB    1 
ATOM   1084 O OG    . SER B 1 43 ? 2.843   20.990  10.666  1.00 24.30 ? 43  SER B OG    1 
ATOM   1085 N N     . PRO B 1 44 ? 6.491   18.900  12.164  1.00 16.66 ? 44  PRO B N     1 
ATOM   1086 C CA    . PRO B 1 44 ? 7.205   17.654  12.404  1.00 15.38 ? 44  PRO B CA    1 
ATOM   1087 C C     . PRO B 1 44 ? 6.171   16.663  12.828  1.00 16.83 ? 44  PRO B C     1 
ATOM   1088 O O     . PRO B 1 44 ? 5.326   16.980  13.655  1.00 16.98 ? 44  PRO B O     1 
ATOM   1089 C CB    . PRO B 1 44 ? 8.170   17.918  13.542  1.00 15.79 ? 44  PRO B CB    1 
ATOM   1090 C CG    . PRO B 1 44 ? 7.661   19.168  14.237  1.00 16.53 ? 44  PRO B CG    1 
ATOM   1091 C CD    . PRO B 1 44 ? 6.762   19.886  13.250  1.00 15.40 ? 44  PRO B CD    1 
ATOM   1092 N N     . LYS B 1 45 ? 6.186   15.515  12.162  1.00 15.59 ? 45  LYS B N     1 
ATOM   1093 C CA    . LYS B 1 45 ? 5.253   14.449  12.403  1.00 14.26 ? 45  LYS B CA    1 
ATOM   1094 C C     . LYS B 1 45 ? 6.028   13.133  12.382  1.00 13.17 ? 45  LYS B C     1 
ATOM   1095 O O     . LYS B 1 45 ? 7.237   13.093  12.203  1.00 13.15 ? 45  LYS B O     1 
ATOM   1096 C CB    . LYS B 1 45 ? 4.199   14.486  11.310  1.00 18.24 ? 45  LYS B CB    1 
ATOM   1097 C CG    . LYS B 1 45 ? 3.292   15.687  11.476  1.00 24.41 ? 45  LYS B CG    1 
ATOM   1098 C CD    . LYS B 1 45 ? 1.795   15.375  11.428  1.00 30.04 ? 45  LYS B CD    1 
ATOM   1099 C CE    . LYS B 1 45 ? 1.432   14.200  10.501  1.00 34.85 ? 45  LYS B CE    1 
ATOM   1100 N NZ    . LYS B 1 45 ? -0.001  13.746  10.549  1.00 36.58 ? 45  LYS B NZ    1 
ATOM   1101 N N     . ILE B 1 46 ? 5.312   12.074  12.525  1.00 12.42 ? 46  ILE B N     1 
ATOM   1102 C CA    . ILE B 1 46 ? 5.842   10.766  12.425  1.00 13.69 ? 46  ILE B CA    1 
ATOM   1103 C C     . ILE B 1 46 ? 4.956   9.971   11.493  1.00 15.43 ? 46  ILE B C     1 
ATOM   1104 O O     . ILE B 1 46 ? 3.748   10.206  11.380  1.00 16.25 ? 46  ILE B O     1 
ATOM   1105 C CB    . ILE B 1 46 ? 5.950   10.206  13.832  1.00 16.64 ? 46  ILE B CB    1 
ATOM   1106 C CG1   . ILE B 1 46 ? 7.377   10.211  14.293  1.00 18.53 ? 46  ILE B CG1   1 
ATOM   1107 C CG2   . ILE B 1 46 ? 5.116   9.023   14.338  1.00 15.33 ? 46  ILE B CG2   1 
ATOM   1108 C CD1   . ILE B 1 46 ? 8.096   8.983   13.748  1.00 23.84 ? 46  ILE B CD1   1 
ATOM   1109 N N     . VAL B 1 47 ? 5.518   9.002   10.817  1.00 15.59 ? 47  VAL B N     1 
ATOM   1110 C CA    . VAL B 1 47 ? 4.718   8.064   10.050  1.00 15.73 ? 47  VAL B CA    1 
ATOM   1111 C C     . VAL B 1 47 ? 5.243   6.638   10.284  1.00 14.43 ? 47  VAL B C     1 
ATOM   1112 O O     . VAL B 1 47 ? 6.460   6.436   10.489  1.00 13.97 ? 47  VAL B O     1 
ATOM   1113 C CB    . VAL B 1 47 ? 4.617   8.540   8.605   1.00 16.07 ? 47  VAL B CB    1 
ATOM   1114 C CG1   . VAL B 1 47 ? 5.509   7.781   7.660   1.00 14.83 ? 47  VAL B CG1   1 
ATOM   1115 C CG2   . VAL B 1 47 ? 3.179   8.674   8.157   1.00 17.92 ? 47  VAL B CG2   1 
ATOM   1116 N N     . GLY B 1 48 ? 4.363   5.671   10.320  1.00 11.51 ? 48  GLY B N     1 
ATOM   1117 C CA    . GLY B 1 48 ? 4.845   4.305   10.547  1.00 12.24 ? 48  GLY B CA    1 
ATOM   1118 C C     . GLY B 1 48 ? 4.337   3.254   9.578   1.00 11.93 ? 48  GLY B C     1 
ATOM   1119 O O     . GLY B 1 48 ? 3.382   3.437   8.819   1.00 11.43 ? 48  GLY B O     1 
ATOM   1120 N N     . GLY B 1 49 ? 4.819   2.063   9.714   1.00 13.66 ? 49  GLY B N     1 
ATOM   1121 C CA    . GLY B 1 49 ? 4.350   0.984   8.859   1.00 12.51 ? 49  GLY B CA    1 
ATOM   1122 C C     . GLY B 1 49 ? 4.934   -0.307  9.379   1.00 12.77 ? 49  GLY B C     1 
ATOM   1123 O O     . GLY B 1 49 ? 5.202   -0.417  10.569  1.00 15.28 ? 49  GLY B O     1 
ATOM   1124 N N     . ILE B 1 50 ? 5.217   -1.251  8.490   1.00 11.13 ? 50  ILE B N     1 
ATOM   1125 C CA    . ILE B 1 50 ? 5.888   -2.465  8.905   1.00 11.32 ? 50  ILE B CA    1 
ATOM   1126 C C     . ILE B 1 50 ? 7.300   -2.099  9.314   1.00 10.49 ? 50  ILE B C     1 
ATOM   1127 O O     . ILE B 1 50 ? 7.989   -1.323  8.651   1.00 12.87 ? 50  ILE B O     1 
ATOM   1128 C CB    . ILE B 1 50 ? 5.807   -3.552  7.783   1.00 11.55 ? 50  ILE B CB    1 
ATOM   1129 C CG1   . ILE B 1 50 ? 4.634   -4.449  8.152   1.00 14.69 ? 50  ILE B CG1   1 
ATOM   1130 C CG2   . ILE B 1 50 ? 7.096   -4.374  7.668   1.00 10.97 ? 50  ILE B CG2   1 
ATOM   1131 C CD1   . ILE B 1 50 ? 4.045   -5.197  6.973   1.00 20.12 ? 50  ILE B CD1   1 
ATOM   1132 N N     . GLY B 1 51 ? 7.768   -2.666  10.412  1.00 11.41 ? 51  GLY B N     1 
ATOM   1133 C CA    . GLY B 1 51 ? 9.133   -2.381  10.805  1.00 8.58  ? 51  GLY B CA    1 
ATOM   1134 C C     . GLY B 1 51 ? 9.298   -1.178  11.745  1.00 11.74 ? 51  GLY B C     1 
ATOM   1135 O O     . GLY B 1 51 ? 10.410  -0.961  12.219  1.00 13.39 ? 51  GLY B O     1 
ATOM   1136 N N     . GLY B 1 52 ? 8.245   -0.385  12.032  1.00 9.96  ? 52  GLY B N     1 
ATOM   1137 C CA    . GLY B 1 52 ? 8.375   0.776   12.889  1.00 9.56  ? 52  GLY B CA    1 
ATOM   1138 C C     . GLY B 1 52 ? 7.996   2.109   12.223  1.00 10.12 ? 52  GLY B C     1 
ATOM   1139 O O     . GLY B 1 52 ? 7.198   2.185   11.282  1.00 11.44 ? 52  GLY B O     1 
ATOM   1140 N N     . PHE B 1 53 ? 8.628   3.166   12.718  1.00 11.32 ? 53  PHE B N     1 
ATOM   1141 C CA    . PHE B 1 53 ? 8.376   4.566   12.353  1.00 12.20 ? 53  PHE B CA    1 
ATOM   1142 C C     . PHE B 1 53 ? 9.545   5.370   11.877  1.00 10.67 ? 53  PHE B C     1 
ATOM   1143 O O     . PHE B 1 53 ? 10.712  5.091   12.109  1.00 12.04 ? 53  PHE B O     1 
ATOM   1144 C CB    . PHE B 1 53 ? 7.740   5.281   13.597  1.00 9.75  ? 53  PHE B CB    1 
ATOM   1145 C CG    . PHE B 1 53 ? 6.584   4.464   14.102  1.00 10.24 ? 53  PHE B CG    1 
ATOM   1146 C CD1   . PHE B 1 53 ? 6.787   3.362   14.941  1.00 10.28 ? 53  PHE B CD1   1 
ATOM   1147 C CD2   . PHE B 1 53 ? 5.275   4.789   13.725  1.00 11.77 ? 53  PHE B CD2   1 
ATOM   1148 C CE1   . PHE B 1 53 ? 5.708   2.610   15.398  1.00 11.38 ? 53  PHE B CE1   1 
ATOM   1149 C CE2   . PHE B 1 53 ? 4.182   4.036   14.173  1.00 12.29 ? 53  PHE B CE2   1 
ATOM   1150 C CZ    . PHE B 1 53 ? 4.415   2.934   14.993  1.00 9.82  ? 53  PHE B CZ    1 
ATOM   1151 N N     . ILE B 1 54 ? 9.187   6.491   11.234  1.00 12.86 ? 54  ILE B N     1 
ATOM   1152 C CA    . ILE B 1 54 ? 10.164  7.431   10.775  1.00 10.68 ? 54  ILE B CA    1 
ATOM   1153 C C     . ILE B 1 54 ? 9.666   8.841   11.004  1.00 12.28 ? 54  ILE B C     1 
ATOM   1154 O O     . ILE B 1 54 ? 8.467   9.115   11.014  1.00 11.57 ? 54  ILE B O     1 
ATOM   1155 C CB    . ILE B 1 54 ? 10.620  7.217   9.331   1.00 12.16 ? 54  ILE B CB    1 
ATOM   1156 C CG1   . ILE B 1 54 ? 9.452   7.338   8.316   1.00 12.40 ? 54  ILE B CG1   1 
ATOM   1157 C CG2   . ILE B 1 54 ? 11.273  5.851   9.228   1.00 14.02 ? 54  ILE B CG2   1 
ATOM   1158 C CD1   . ILE B 1 54 ? 10.024  7.592   6.911   1.00 15.35 ? 54  ILE B CD1   1 
ATOM   1159 N N     . ASN B 1 55 ? 10.626  9.705   11.214  1.00 10.24 ? 55  ASN B N     1 
ATOM   1160 C CA    . ASN B 1 55 ? 10.359  11.121  11.327  1.00 11.56 ? 55  ASN B CA    1 
ATOM   1161 C C     . ASN B 1 55 ? 10.047  11.683  9.970   1.00 9.67  ? 55  ASN B C     1 
ATOM   1162 O O     . ASN B 1 55 ? 10.753  11.410  8.996   1.00 12.51 ? 55  ASN B O     1 
ATOM   1163 C CB    . ASN B 1 55 ? 11.563  11.893  11.883  1.00 11.04 ? 55  ASN B CB    1 
ATOM   1164 C CG    . ASN B 1 55 ? 11.767  11.671  13.360  1.00 11.66 ? 55  ASN B CG    1 
ATOM   1165 O OD1   . ASN B 1 55 ? 12.752  11.064  13.765  1.00 14.35 ? 55  ASN B OD1   1 
ATOM   1166 N ND2   . ASN B 1 55 ? 10.786  12.073  14.129  1.00 13.57 ? 55  ASN B ND2   1 
ATOM   1167 N N     . THR B 1 56 ? 9.092   12.574  9.930   1.00 8.87  ? 56  THR B N     1 
ATOM   1168 C CA    . THR B 1 56 ? 8.709   13.260  8.733   1.00 9.24  ? 56  THR B CA    1 
ATOM   1169 C C     . THR B 1 56 ? 8.463   14.765  8.894   1.00 10.46 ? 56  THR B C     1 
ATOM   1170 O O     . THR B 1 56 ? 8.291   15.296  9.987   1.00 9.81  ? 56  THR B O     1 
ATOM   1171 C CB    . THR B 1 56 ? 7.431   12.620  8.165   1.00 9.30  ? 56  THR B CB    1 
ATOM   1172 O OG1   . THR B 1 56 ? 6.322   12.862  8.995   1.00 11.22 ? 56  THR B OG1   1 
ATOM   1173 C CG2   . THR B 1 56 ? 7.583   11.110  8.047   1.00 10.99 ? 56  THR B CG2   1 
ATOM   1174 N N     . LYS B 1 57 ? 8.344   15.409  7.773   1.00 9.95  ? 57  LYS B N     1 
ATOM   1175 C CA    . LYS B 1 57 ? 7.964   16.809  7.742   1.00 11.36 ? 57  LYS B CA    1 
ATOM   1176 C C     . LYS B 1 57 ? 6.701   16.877  6.910   1.00 11.68 ? 57  LYS B C     1 
ATOM   1177 O O     . LYS B 1 57 ? 6.728   16.498  5.712   1.00 9.63  ? 57  LYS B O     1 
ATOM   1178 C CB    . LYS B 1 57 ? 9.006   17.711  7.104   1.00 12.62 ? 57  LYS B CB    1 
ATOM   1179 C CG    . LYS B 1 57 ? 10.311  17.754  7.866   1.00 11.47 ? 57  LYS B CG    1 
ATOM   1180 C CD    . LYS B 1 57 ? 11.262  18.705  7.204   1.00 13.58 ? 57  LYS B CD    1 
ATOM   1181 C CE    . LYS B 1 57 ? 12.654  18.685  7.813   1.00 16.55 ? 57  LYS B CE    1 
ATOM   1182 N NZ    . LYS B 1 57 ? 13.627  19.197  6.809   1.00 20.62 ? 57  LYS B NZ    1 
ATOM   1183 N N     . GLU B 1 58 ? 5.633   17.338  7.560   1.00 9.00  ? 58  GLU B N     1 
ATOM   1184 C CA    . GLU B 1 58 ? 4.361   17.465  6.888   1.00 11.21 ? 58  GLU B CA    1 
ATOM   1185 C C     . GLU B 1 58 ? 4.122   18.848  6.237   1.00 11.96 ? 58  GLU B C     1 
ATOM   1186 O O     . GLU B 1 58 ? 4.115   19.844  6.957   1.00 9.66  ? 58  GLU B O     1 
ATOM   1187 C CB    . GLU B 1 58 ? 3.232   17.263  7.907   1.00 11.83 ? 58  GLU B CB    1 
ATOM   1188 C CG    . GLU B 1 58 ? 1.902   17.074  7.168   1.00 14.36 ? 58  GLU B CG    1 
ATOM   1189 C CD    . GLU B 1 58 ? 0.766   17.025  8.152   1.00 17.80 ? 58  GLU B CD    1 
ATOM   1190 O OE1   . GLU B 1 58 ? 0.541   17.934  8.921   1.00 20.85 ? 58  GLU B OE1   1 
ATOM   1191 O OE2   . GLU B 1 58 ? 0.084   15.891  8.125   1.00 21.37 ? 58  GLU B OE2   1 
ATOM   1192 N N     . TYR B 1 59 ? 3.853   18.870  4.913   1.00 9.41  ? 59  TYR B N     1 
ATOM   1193 C CA    . TYR B 1 59 ? 3.553   20.096  4.150   1.00 10.09 ? 59  TYR B CA    1 
ATOM   1194 C C     . TYR B 1 59 ? 2.123   20.080  3.677   1.00 9.49  ? 59  TYR B C     1 
ATOM   1195 O O     . TYR B 1 59 ? 1.623   19.103  3.147   1.00 8.97  ? 59  TYR B O     1 
ATOM   1196 C CB    . TYR B 1 59 ? 4.431   20.227  2.940   1.00 9.42  ? 59  TYR B CB    1 
ATOM   1197 C CG    . TYR B 1 59 ? 5.881   20.340  3.291   1.00 10.63 ? 59  TYR B CG    1 
ATOM   1198 C CD1   . TYR B 1 59 ? 6.658   19.227  3.627   1.00 11.24 ? 59  TYR B CD1   1 
ATOM   1199 C CD2   . TYR B 1 59 ? 6.483   21.593  3.318   1.00 10.45 ? 59  TYR B CD2   1 
ATOM   1200 C CE1   . TYR B 1 59 ? 8.026   19.368  3.893   1.00 11.55 ? 59  TYR B CE1   1 
ATOM   1201 C CE2   . TYR B 1 59 ? 7.826   21.744  3.670   1.00 12.49 ? 59  TYR B CE2   1 
ATOM   1202 C CZ    . TYR B 1 59 ? 8.606   20.639  3.993   1.00 10.88 ? 59  TYR B CZ    1 
ATOM   1203 O OH    . TYR B 1 59 ? 9.929   20.808  4.232   1.00 10.75 ? 59  TYR B OH    1 
ATOM   1204 N N     . LYS B 1 60 ? 1.448   21.194  3.813   1.00 11.29 ? 60  LYS B N     1 
ATOM   1205 C CA    . LYS B 1 60 ? 0.033   21.314  3.375   1.00 12.56 ? 60  LYS B CA    1 
ATOM   1206 C C     . LYS B 1 60 ? -0.124  22.065  2.058   1.00 11.70 ? 60  LYS B C     1 
ATOM   1207 O O     . LYS B 1 60 ? 0.724   22.874  1.713   1.00 13.18 ? 60  LYS B O     1 
ATOM   1208 C CB    . LYS B 1 60 ? -0.853  21.906  4.475   1.00 10.78 ? 60  LYS B CB    1 
ATOM   1209 C CG    . LYS B 1 60 ? -0.810  20.941  5.646   1.00 17.90 ? 60  LYS B CG    1 
ATOM   1210 C CD    . LYS B 1 60 ? -1.682  21.251  6.841   1.00 21.15 ? 60  LYS B CD    1 
ATOM   1211 C CE    . LYS B 1 60 ? -1.885  20.022  7.705   1.00 24.20 ? 60  LYS B CE    1 
ATOM   1212 N NZ    . LYS B 1 60 ? -2.449  18.896  6.890   1.00 26.12 ? 60  LYS B NZ    1 
ATOM   1213 N N     . ASN B 1 61 ? -1.181  21.744  1.305   1.00 11.21 ? 61  ASN B N     1 
ATOM   1214 C CA    . ASN B 1 61 ? -1.537  22.459  0.043   1.00 11.81 ? 61  ASN B CA    1 
ATOM   1215 C C     . ASN B 1 61 ? -0.446  22.465  -1.013  1.00 10.65 ? 61  ASN B C     1 
ATOM   1216 O O     . ASN B 1 61 ? -0.184  23.484  -1.644  1.00 9.85  ? 61  ASN B O     1 
ATOM   1217 C CB    . ASN B 1 61 ? -1.966  23.946  0.325   1.00 14.88 ? 61  ASN B CB    1 
ATOM   1218 C CG    . ASN B 1 61 ? -2.994  23.987  1.438   1.00 18.18 ? 61  ASN B CG    1 
ATOM   1219 O OD1   . ASN B 1 61 ? -4.059  23.355  1.310   1.00 19.92 ? 61  ASN B OD1   1 
ATOM   1220 N ND2   . ASN B 1 61 ? -2.567  24.514  2.614   1.00 18.94 ? 61  ASN B ND2   1 
ATOM   1221 N N     . VAL B 1 62 ? 0.226   21.339  -1.154  1.00 7.14  ? 62  VAL B N     1 
ATOM   1222 C CA    . VAL B 1 62 ? 1.335   21.217  -2.091  1.00 6.78  ? 62  VAL B CA    1 
ATOM   1223 C C     . VAL B 1 62 ? 0.785   21.015  -3.503  1.00 6.44  ? 62  VAL B C     1 
ATOM   1224 O O     . VAL B 1 62 ? -0.119  20.243  -3.681  1.00 5.00  ? 62  VAL B O     1 
ATOM   1225 C CB    . VAL B 1 62 ? 2.250   20.057  -1.695  1.00 5.18  ? 62  VAL B CB    1 
ATOM   1226 C CG1   . VAL B 1 62 ? 3.333   19.922  -2.765  1.00 6.14  ? 62  VAL B CG1   1 
ATOM   1227 C CG2   . VAL B 1 62 ? 2.898   20.289  -0.316  1.00 6.09  ? 62  VAL B CG2   1 
ATOM   1228 N N     . GLU B 1 63 ? 1.361   21.692  -4.501  1.00 7.09  ? 63  GLU B N     1 
ATOM   1229 C CA    . GLU B 1 63 ? 0.927   21.556  -5.860  1.00 8.30  ? 63  GLU B CA    1 
ATOM   1230 C C     . GLU B 1 63 ? 1.504   20.283  -6.475  1.00 6.46  ? 63  GLU B C     1 
ATOM   1231 O O     . GLU B 1 63 ? 2.728   20.059  -6.422  1.00 7.03  ? 63  GLU B O     1 
ATOM   1232 C CB    . GLU B 1 63 ? 1.320   22.738  -6.710  1.00 10.15 ? 63  GLU B CB    1 
ATOM   1233 C CG    . GLU B 1 63 ? 0.797   22.598  -8.146  1.00 8.92  ? 63  GLU B CG    1 
ATOM   1234 C CD    . GLU B 1 63 ? 1.269   23.734  -9.001  1.00 11.83 ? 63  GLU B CD    1 
ATOM   1235 O OE1   . GLU B 1 63 ? 1.610   24.812  -8.517  1.00 13.52 ? 63  GLU B OE1   1 
ATOM   1236 O OE2   . GLU B 1 63 ? 1.236   23.486  -10.269 1.00 11.23 ? 63  GLU B OE2   1 
ATOM   1237 N N     . ILE B 1 64 ? 0.584   19.504  -7.042  1.00 7.31  ? 64  ILE B N     1 
ATOM   1238 C CA    . ILE B 1 64 ? 0.863   18.204  -7.664  1.00 7.18  ? 64  ILE B CA    1 
ATOM   1239 C C     . ILE B 1 64 ? 0.198   18.064  -8.993  1.00 7.09  ? 64  ILE B C     1 
ATOM   1240 O O     . ILE B 1 64 ? -1.025  18.219  -9.054  1.00 7.18  ? 64  ILE B O     1 
ATOM   1241 C CB    . ILE B 1 64 ? 0.357   17.054  -6.795  1.00 9.17  ? 64  ILE B CB    1 
ATOM   1242 C CG1   . ILE B 1 64 ? 1.075   17.167  -5.441  1.00 10.24 ? 64  ILE B CG1   1 
ATOM   1243 C CG2   . ILE B 1 64 ? 0.714   15.730  -7.428  1.00 7.95  ? 64  ILE B CG2   1 
ATOM   1244 C CD1   . ILE B 1 64 ? 0.360   16.480  -4.300  1.00 14.84 ? 64  ILE B CD1   1 
ATOM   1245 N N     . GLU B 1 65 ? 0.985   17.644  -10.006 1.00 7.58  ? 65  GLU B N     1 
ATOM   1246 C CA    . GLU B 1 65 ? 0.496   17.255  -11.339 1.00 7.24  ? 65  GLU B CA    1 
ATOM   1247 C C     . GLU B 1 65 ? 0.821   15.779  -11.501 1.00 8.87  ? 65  GLU B C     1 
ATOM   1248 O O     . GLU B 1 65 ? 1.964   15.400  -11.340 1.00 8.39  ? 65  GLU B O     1 
ATOM   1249 C CB    . GLU B 1 65 ? 1.045   18.080  -12.533 1.00 8.80  ? 65  GLU B CB    1 
ATOM   1250 C CG    . GLU B 1 65 ? 0.458   19.528  -12.612 1.00 7.06  ? 65  GLU B CG    1 
ATOM   1251 C CD    . GLU B 1 65 ? 1.150   20.545  -11.730 1.00 10.57 ? 65  GLU B CD    1 
ATOM   1252 O OE1   . GLU B 1 65 ? 2.305   20.483  -11.415 1.00 13.19 ? 65  GLU B OE1   1 
ATOM   1253 O OE2   . GLU B 1 65 ? 0.384   21.483  -11.313 1.00 10.09 ? 65  GLU B OE2   1 
ATOM   1254 N N     . VAL B 1 66 ? -0.194  14.979  -11.804 1.00 10.60 ? 66  VAL B N     1 
ATOM   1255 C CA    . VAL B 1 66 ? -0.065  13.533  -11.911 1.00 12.78 ? 66  VAL B CA    1 
ATOM   1256 C C     . VAL B 1 66 ? -1.276  12.979  -12.684 1.00 12.50 ? 66  VAL B C     1 
ATOM   1257 O O     . VAL B 1 66 ? -2.385  13.521  -12.582 1.00 13.78 ? 66  VAL B O     1 
ATOM   1258 C CB    . VAL B 1 66 ? 0.170   12.870  -10.503 1.00 15.25 ? 66  VAL B CB    1 
ATOM   1259 C CG1   . VAL B 1 66 ? -1.136  12.845  -9.740  1.00 12.89 ? 66  VAL B CG1   1 
ATOM   1260 C CG2   . VAL B 1 66 ? 0.470   11.405  -10.813 1.00 15.46 ? 66  VAL B CG2   1 
ATOM   1261 N N     . LEU B 1 67 ? -1.007  12.004  -13.570 1.00 13.74 ? 67  LEU B N     1 
ATOM   1262 C CA    . LEU B 1 67 ? -2.050  11.414  -14.394 1.00 11.10 ? 67  LEU B CA    1 
ATOM   1263 C C     . LEU B 1 67 ? -2.900  12.474  -15.096 1.00 10.71 ? 67  LEU B C     1 
ATOM   1264 O O     . LEU B 1 67 ? -4.117  12.373  -15.231 1.00 13.53 ? 67  LEU B O     1 
ATOM   1265 C CB    . LEU B 1 67 ? -2.881  10.465  -13.489 1.00 13.26 ? 67  LEU B CB    1 
ATOM   1266 C CG    . LEU B 1 67 ? -2.034  9.287   -12.943 1.00 15.76 ? 67  LEU B CG    1 
ATOM   1267 C CD1   . LEU B 1 67 ? -2.829  8.521   -11.918 1.00 17.21 ? 67  LEU B CD1   1 
ATOM   1268 C CD2   . LEU B 1 67 ? -1.690  8.338   -14.094 1.00 14.58 ? 67  LEU B CD2   1 
ATOM   1269 N N     . ASN B 1 68 ? -2.277  13.501  -15.582 1.00 9.14  ? 68  ASN B N     1 
ATOM   1270 C CA    . ASN B 1 68 ? -2.986  14.563  -16.267 1.00 11.21 ? 68  ASN B CA    1 
ATOM   1271 C C     . ASN B 1 68 ? -3.962  15.311  -15.407 1.00 9.24  ? 68  ASN B C     1 
ATOM   1272 O O     . ASN B 1 68 ? -4.907  15.917  -15.922 1.00 15.39 ? 68  ASN B O     1 
ATOM   1273 C CB    . ASN B 1 68 ? -3.617  14.136  -17.571 1.00 14.89 ? 68  ASN B CB    1 
ATOM   1274 C CG    . ASN B 1 68 ? -3.989  15.331  -18.449 1.00 21.72 ? 68  ASN B CG    1 
ATOM   1275 O OD1   . ASN B 1 68 ? -3.174  16.276  -18.635 1.00 26.24 ? 68  ASN B OD1   1 
ATOM   1276 N ND2   . ASN B 1 68 ? -5.249  15.358  -18.941 1.00 23.65 ? 68  ASN B ND2   1 
ATOM   1277 N N     . LYS B 1 69 ? -3.753  15.356  -14.102 1.00 6.14  ? 69  LYS B N     1 
ATOM   1278 C CA    . LYS B 1 69 ? -4.593  16.158  -13.225 1.00 7.65  ? 69  LYS B CA    1 
ATOM   1279 C C     . LYS B 1 69 ? -3.747  17.110  -12.413 1.00 7.06  ? 69  LYS B C     1 
ATOM   1280 O O     . LYS B 1 69 ? -2.544  16.944  -12.316 1.00 6.56  ? 69  LYS B O     1 
ATOM   1281 C CB    . LYS B 1 69 ? -5.467  15.360  -12.305 1.00 10.10 ? 69  LYS B CB    1 
ATOM   1282 C CG    . LYS B 1 69 ? -6.448  14.479  -13.074 1.00 12.29 ? 69  LYS B CG    1 
ATOM   1283 C CD    . LYS B 1 69 ? -7.556  13.861  -12.234 1.00 15.91 ? 69  LYS B CD    1 
ATOM   1284 C CE    . LYS B 1 69 ? -8.772  13.459  -13.076 1.00 18.61 ? 69  LYS B CE    1 
ATOM   1285 N NZ    . LYS B 1 69 ? -10.037 13.352  -12.272 1.00 20.40 ? 69  LYS B NZ    1 
ATOM   1286 N N     . LYS B 1 70 ? -4.378  18.149  -11.859 1.00 8.19  ? 70  LYS B N     1 
ATOM   1287 C CA    . LYS B 1 70 ? -3.672  19.101  -11.021 1.00 7.86  ? 70  LYS B CA    1 
ATOM   1288 C C     . LYS B 1 70 ? -4.401  19.174  -9.728  1.00 8.57  ? 70  LYS B C     1 
ATOM   1289 O O     . LYS B 1 70 ? -5.615  19.487  -9.753  1.00 8.96  ? 70  LYS B O     1 
ATOM   1290 C CB    . LYS B 1 70 ? -3.554  20.455  -11.705 1.00 7.50  ? 70  LYS B CB    1 
ATOM   1291 C CG    . LYS B 1 70 ? -2.923  21.562  -10.870 1.00 8.62  ? 70  LYS B CG    1 
ATOM   1292 C CD    . LYS B 1 70 ? -2.496  22.807  -11.677 1.00 12.67 ? 70  LYS B CD    1 
ATOM   1293 C CE    . LYS B 1 70 ? -2.317  24.071  -10.817 1.00 14.22 ? 70  LYS B CE    1 
ATOM   1294 N NZ    . LYS B 1 70 ? -1.542  25.163  -11.452 1.00 14.56 ? 70  LYS B NZ    1 
ATOM   1295 N N     . VAL B 1 71 ? -3.718  18.901  -8.624  1.00 8.98  ? 71  VAL B N     1 
ATOM   1296 C CA    . VAL B 1 71 ? -4.361  18.880  -7.299  1.00 7.96  ? 71  VAL B CA    1 
ATOM   1297 C C     . VAL B 1 71 ? -3.441  19.524  -6.275  1.00 9.39  ? 71  VAL B C     1 
ATOM   1298 O O     . VAL B 1 71 ? -2.291  19.827  -6.556  1.00 8.06  ? 71  VAL B O     1 
ATOM   1299 C CB    . VAL B 1 71 ? -4.569  17.427  -6.928  1.00 11.81 ? 71  VAL B CB    1 
ATOM   1300 C CG1   . VAL B 1 71 ? -3.721  16.819  -5.799  1.00 10.46 ? 71  VAL B CG1   1 
ATOM   1301 C CG2   . VAL B 1 71 ? -5.827  16.736  -7.415  1.00 10.21 ? 71  VAL B CG2   1 
ATOM   1302 N N     . ARG B 1 72 ? -3.981  19.868  -5.096  1.00 10.15 ? 72  ARG B N     1 
ATOM   1303 C CA    . ARG B 1 72 ? -3.172  20.359  -3.987  1.00 10.84 ? 72  ARG B CA    1 
ATOM   1304 C C     . ARG B 1 72 ? -3.454  19.444  -2.805  1.00 10.72 ? 72  ARG B C     1 
ATOM   1305 O O     . ARG B 1 72 ? -4.606  19.225  -2.533  1.00 9.40  ? 72  ARG B O     1 
ATOM   1306 C CB    . ARG B 1 72 ? -3.507  21.752  -3.618  1.00 12.53 ? 72  ARG B CB    1 
ATOM   1307 C CG    . ARG B 1 72 ? -3.039  22.626  -4.758  1.00 18.99 ? 72  ARG B CG    1 
ATOM   1308 C CD    . ARG B 1 72 ? -2.592  23.944  -4.227  1.00 21.56 ? 72  ARG B CD    1 
ATOM   1309 N NE    . ARG B 1 72 ? -2.143  24.880  -5.246  1.00 25.00 ? 72  ARG B NE    1 
ATOM   1310 C CZ    . ARG B 1 72 ? -0.973  25.464  -5.028  1.00 26.72 ? 72  ARG B CZ    1 
ATOM   1311 N NH1   . ARG B 1 72 ? -0.278  25.122  -3.936  1.00 26.29 ? 72  ARG B NH1   1 
ATOM   1312 N NH2   . ARG B 1 72 ? -0.488  26.385  -5.894  1.00 27.50 ? 72  ARG B NH2   1 
ATOM   1313 N N     . ALA B 1 73 ? -2.448  18.900  -2.167  1.00 8.84  ? 73  ALA B N     1 
ATOM   1314 C CA    . ALA B 1 73 ? -2.635  17.944  -1.128  1.00 8.50  ? 73  ALA B CA    1 
ATOM   1315 C C     . ALA B 1 73 ? -1.516  18.017  -0.132  1.00 7.15  ? 73  ALA B C     1 
ATOM   1316 O O     . ALA B 1 73 ? -0.504  18.688  -0.357  1.00 7.60  ? 73  ALA B O     1 
ATOM   1317 C CB    . ALA B 1 73 ? -2.734  16.531  -1.735  1.00 7.56  ? 73  ALA B CB    1 
ATOM   1318 N N     . THR B 1 74 ? -1.717  17.269  0.941   1.00 7.75  ? 74  THR B N     1 
ATOM   1319 C CA    . THR B 1 74 ? -0.758  17.196  2.027   1.00 7.60  ? 74  THR B CA    1 
ATOM   1320 C C     . THR B 1 74 ? 0.261   16.166  1.724   1.00 8.57  ? 74  THR B C     1 
ATOM   1321 O O     . THR B 1 74 ? -0.103  15.037  1.495   1.00 8.20  ? 74  THR B O     1 
ATOM   1322 C CB    . THR B 1 74 ? -1.441  16.953  3.404   1.00 7.38  ? 74  THR B CB    1 
ATOM   1323 O OG1   . THR B 1 74 ? -2.327  18.046  3.674   1.00 8.36  ? 74  THR B OG1   1 
ATOM   1324 C CG2   . THR B 1 74 ? -0.420  16.856  4.517   1.00 5.81  ? 74  THR B CG2   1 
ATOM   1325 N N     . ILE B 1 75 ? 1.513   16.524  1.753   1.00 8.12  ? 75  ILE B N     1 
ATOM   1326 C CA    . ILE B 1 75 ? 2.567   15.567  1.498   1.00 10.55 ? 75  ILE B CA    1 
ATOM   1327 C C     . ILE B 1 75 ? 3.639   15.599  2.605   1.00 11.14 ? 75  ILE B C     1 
ATOM   1328 O O     . ILE B 1 75 ? 4.063   16.656  3.072   1.00 10.76 ? 75  ILE B O     1 
ATOM   1329 C CB    . ILE B 1 75 ? 3.178   15.821  0.117   1.00 11.28 ? 75  ILE B CB    1 
ATOM   1330 C CG1   . ILE B 1 75 ? 2.449   14.992  -0.894  1.00 12.53 ? 75  ILE B CG1   1 
ATOM   1331 C CG2   . ILE B 1 75 ? 4.671   15.522  0.047   1.00 14.43 ? 75  ILE B CG2   1 
ATOM   1332 C CD1   . ILE B 1 75 ? 2.812   15.436  -2.309  1.00 12.35 ? 75  ILE B CD1   1 
ATOM   1333 N N     . MET B 1 76 ? 4.115   14.421  3.006   1.00 9.32  ? 76  MET B N     1 
ATOM   1334 C CA    . MET B 1 76 ? 5.210   14.358  3.957   1.00 10.89 ? 76  MET B CA    1 
ATOM   1335 C C     . MET B 1 76 ? 6.510   14.089  3.260   1.00 8.72  ? 76  MET B C     1 
ATOM   1336 O O     . MET B 1 76 ? 6.527   13.507  2.182   1.00 7.96  ? 76  MET B O     1 
ATOM   1337 C CB    . MET B 1 76 ? 4.969   13.242  4.981   1.00 12.00 ? 76  MET B CB    1 
ATOM   1338 C CG    . MET B 1 76 ? 3.723   13.491  5.823   1.00 16.03 ? 76  MET B CG    1 
ATOM   1339 S SD    . MET B 1 76 ? 3.528   12.267  7.118   1.00 21.37 ? 76  MET B SD    1 
ATOM   1340 C CE    . MET B 1 76 ? 1.986   12.942  7.754   1.00 25.58 ? 76  MET B CE    1 
ATOM   1341 N N     . THR B 1 77 ? 7.597   14.613  3.800   1.00 8.03  ? 77  THR B N     1 
ATOM   1342 C CA    . THR B 1 77 ? 8.906   14.302  3.248   1.00 9.07  ? 77  THR B CA    1 
ATOM   1343 C C     . THR B 1 77 ? 9.621   13.540  4.378   1.00 9.06  ? 77  THR B C     1 
ATOM   1344 O O     . THR B 1 77 ? 9.403   13.822  5.520   1.00 11.58 ? 77  THR B O     1 
ATOM   1345 C CB    . THR B 1 77 ? 9.704   15.525  2.718   1.00 11.78 ? 77  THR B CB    1 
ATOM   1346 O OG1   . THR B 1 77 ? 9.946   16.379  3.834   1.00 11.28 ? 77  THR B OG1   1 
ATOM   1347 C CG2   . THR B 1 77 ? 8.990   16.266  1.536   1.00 11.35 ? 77  THR B CG2   1 
ATOM   1348 N N     . GLY B 1 78 ? 10.386  12.524  4.072   1.00 9.03  ? 78  GLY B N     1 
ATOM   1349 C CA    . GLY B 1 78 ? 11.049  11.729  5.060   1.00 11.91 ? 78  GLY B CA    1 
ATOM   1350 C C     . GLY B 1 78 ? 11.842  10.623  4.390   1.00 13.31 ? 78  GLY B C     1 
ATOM   1351 O O     . GLY B 1 78 ? 11.797  10.492  3.159   1.00 10.90 ? 78  GLY B O     1 
ATOM   1352 N N     . ASP B 1 79 ? 12.594  9.897   5.199   1.00 14.18 ? 79  ASP B N     1 
ATOM   1353 C CA    . ASP B 1 79 ? 13.438  8.853   4.671   1.00 18.99 ? 79  ASP B CA    1 
ATOM   1354 C C     . ASP B 1 79 ? 12.746  7.573   4.244   1.00 18.08 ? 79  ASP B C     1 
ATOM   1355 O O     . ASP B 1 79 ? 12.989  6.484   4.768   1.00 18.43 ? 79  ASP B O     1 
ATOM   1356 C CB    . ASP B 1 79 ? 14.755  8.652   5.444   1.00 24.14 ? 79  ASP B CB    1 
ATOM   1357 C CG    . ASP B 1 79 ? 15.648  9.874   5.297   1.00 30.30 ? 79  ASP B CG    1 
ATOM   1358 O OD1   . ASP B 1 79 ? 15.905  10.169  4.024   1.00 33.43 ? 79  ASP B OD1   1 
ATOM   1359 O OD2   . ASP B 1 79 ? 15.959  10.627  6.239   1.00 35.40 ? 79  ASP B OD2   1 
ATOM   1360 N N     . THR B 1 80 ? 11.866  7.699   3.262   1.00 16.72 ? 80  THR B N     1 
ATOM   1361 C CA    . THR B 1 80 ? 11.152  6.543   2.711   1.00 13.87 ? 80  THR B CA    1 
ATOM   1362 C C     . THR B 1 80 ? 11.956  5.878   1.584   1.00 13.23 ? 80  THR B C     1 
ATOM   1363 O O     . THR B 1 80 ? 12.615  6.497   0.706   1.00 10.93 ? 80  THR B O     1 
ATOM   1364 C CB    . THR B 1 80 ? 9.691   6.857   2.277   1.00 13.36 ? 80  THR B CB    1 
ATOM   1365 O OG1   . THR B 1 80 ? 9.101   5.677   1.786   1.00 13.84 ? 80  THR B OG1   1 
ATOM   1366 C CG2   . THR B 1 80 ? 9.703   7.989   1.223   1.00 11.00 ? 80  THR B CG2   1 
ATOM   1367 N N     . PRO B 1 81 ? 11.957  4.541   1.631   1.00 15.75 ? 81  PRO B N     1 
ATOM   1368 C CA    . PRO B 1 81 ? 12.661  3.795   0.605   1.00 14.47 ? 81  PRO B CA    1 
ATOM   1369 C C     . PRO B 1 81 ? 12.009  3.893   -0.731  1.00 13.93 ? 81  PRO B C     1 
ATOM   1370 O O     . PRO B 1 81 ? 12.702  3.781   -1.715  1.00 13.41 ? 81  PRO B O     1 
ATOM   1371 C CB    . PRO B 1 81 ? 12.704  2.345   1.060   1.00 16.72 ? 81  PRO B CB    1 
ATOM   1372 C CG    . PRO B 1 81 ? 11.845  2.247   2.323   1.00 17.60 ? 81  PRO B CG    1 
ATOM   1373 C CD    . PRO B 1 81 ? 11.328  3.641   2.649   1.00 17.94 ? 81  PRO B CD    1 
ATOM   1374 N N     . ILE B 1 82 ? 10.691  4.116   -0.810  1.00 12.41 ? 82  ILE B N     1 
ATOM   1375 C CA    . ILE B 1 82 ? 9.981   4.261   -2.081  1.00 12.16 ? 82  ILE B CA    1 
ATOM   1376 C C     . ILE B 1 82 ? 9.026   5.450   -1.987  1.00 11.21 ? 82  ILE B C     1 
ATOM   1377 O O     . ILE B 1 82 ? 8.548   5.707   -0.902  1.00 11.86 ? 82  ILE B O     1 
ATOM   1378 C CB    . ILE B 1 82 ? 9.188   3.005   -2.441  1.00 13.93 ? 82  ILE B CB    1 
ATOM   1379 C CG1   . ILE B 1 82 ? 8.370   3.296   -3.670  1.00 16.12 ? 82  ILE B CG1   1 
ATOM   1380 C CG2   . ILE B 1 82 ? 8.165   2.713   -1.351  1.00 15.72 ? 82  ILE B CG2   1 
ATOM   1381 C CD1   . ILE B 1 82 ? 8.486   2.212   -4.742  1.00 20.31 ? 82  ILE B CD1   1 
ATOM   1382 N N     . ASN B 1 83 ? 8.773   6.235   -3.070  1.00 10.14 ? 83  ASN B N     1 
ATOM   1383 C CA    . ASN B 1 83 ? 7.877   7.370   -2.868  1.00 9.08  ? 83  ASN B CA    1 
ATOM   1384 C C     . ASN B 1 83 ? 6.451   6.872   -2.972  1.00 9.90  ? 83  ASN B C     1 
ATOM   1385 O O     . ASN B 1 83 ? 6.142   6.130   -3.923  1.00 10.58 ? 83  ASN B O     1 
ATOM   1386 C CB    . ASN B 1 83 ? 8.086   8.526   -3.850  1.00 9.23  ? 83  ASN B CB    1 
ATOM   1387 C CG    . ASN B 1 83 ? 9.483   9.050   -3.854  1.00 10.36 ? 83  ASN B CG    1 
ATOM   1388 O OD1   . ASN B 1 83 ? 9.988   9.385   -4.928  1.00 14.30 ? 83  ASN B OD1   1 
ATOM   1389 N ND2   . ASN B 1 83 ? 10.058  9.173   -2.665  1.00 6.96  ? 83  ASN B ND2   1 
ATOM   1390 N N     . ILE B 1 84 ? 5.610   7.348   -2.043  1.00 8.16  ? 84  ILE B N     1 
ATOM   1391 C CA    . ILE B 1 84 ? 4.242   6.885   -1.941  1.00 7.88  ? 84  ILE B CA    1 
ATOM   1392 C C     . ILE B 1 84 ? 3.194   7.986   -2.099  1.00 8.24  ? 84  ILE B C     1 
ATOM   1393 O O     . ILE B 1 84 ? 3.314   9.018   -1.465  1.00 6.78  ? 84  ILE B O     1 
ATOM   1394 C CB    . ILE B 1 84 ? 4.079   6.198   -0.569  1.00 10.06 ? 84  ILE B CB    1 
ATOM   1395 C CG1   . ILE B 1 84 ? 5.030   5.016   -0.408  1.00 11.02 ? 84  ILE B CG1   1 
ATOM   1396 C CG2   . ILE B 1 84 ? 2.639   5.742   -0.256  1.00 10.02 ? 84  ILE B CG2   1 
ATOM   1397 C CD1   . ILE B 1 84 ? 5.365   4.734   1.056   1.00 13.19 ? 84  ILE B CD1   1 
ATOM   1398 N N     . PHE B 1 85 ? 2.177   7.723   -2.961  1.00 6.44  ? 85  PHE B N     1 
ATOM   1399 C CA    . PHE B 1 85 ? 0.946   8.513   -3.068  1.00 4.75  ? 85  PHE B CA    1 
ATOM   1400 C C     . PHE B 1 85 ? -0.152  7.675   -2.500  1.00 6.85  ? 85  PHE B C     1 
ATOM   1401 O O     . PHE B 1 85 ? -0.620  6.675   -3.122  1.00 7.49  ? 85  PHE B O     1 
ATOM   1402 C CB    . PHE B 1 85 ? 0.616   8.944   -4.488  1.00 5.19  ? 85  PHE B CB    1 
ATOM   1403 C CG    . PHE B 1 85 ? 1.320   10.221  -4.909  1.00 4.47  ? 85  PHE B CG    1 
ATOM   1404 C CD1   . PHE B 1 85 ? 2.337   10.756  -4.120  1.00 4.57  ? 85  PHE B CD1   1 
ATOM   1405 C CD2   . PHE B 1 85 ? 0.941   10.858  -6.093  1.00 5.05  ? 85  PHE B CD2   1 
ATOM   1406 C CE1   . PHE B 1 85 ? 2.991   11.919  -4.522  1.00 2.90  ? 85  PHE B CE1   1 
ATOM   1407 C CE2   . PHE B 1 85 ? 1.569   12.039  -6.497  1.00 2.58  ? 85  PHE B CE2   1 
ATOM   1408 C CZ    . PHE B 1 85 ? 2.585   12.560  -5.695  1.00 4.01  ? 85  PHE B CZ    1 
ATOM   1409 N N     . GLY B 1 86 ? -0.515  7.989   -1.254  1.00 4.87  ? 86  GLY B N     1 
ATOM   1410 C CA    . GLY B 1 86 ? -1.540  7.279   -0.519  1.00 4.12  ? 86  GLY B CA    1 
ATOM   1411 C C     . GLY B 1 86 ? -2.962  7.721   -0.824  1.00 5.76  ? 86  GLY B C     1 
ATOM   1412 O O     . GLY B 1 86 ? -3.210  8.540   -1.731  1.00 6.86  ? 86  GLY B O     1 
ATOM   1413 N N     . ARG B 1 87 ? -3.898  7.249   -0.008  1.00 3.83  ? 87  ARG B N     1 
ATOM   1414 C CA    . ARG B 1 87 ? -5.320  7.510   -0.218  1.00 5.62  ? 87  ARG B CA    1 
ATOM   1415 C C     . ARG B 1 87 ? -5.694  8.988   -0.312  1.00 5.38  ? 87  ARG B C     1 
ATOM   1416 O O     . ARG B 1 87 ? -6.638  9.340   -1.009  1.00 3.82  ? 87  ARG B O     1 
ATOM   1417 C CB    . ARG B 1 87 ? -6.218  6.719   0.721   1.00 4.60  ? 87  ARG B CB    1 
ATOM   1418 C CG    . ARG B 1 87 ? -6.148  5.184   0.495   1.00 4.70  ? 87  ARG B CG    1 
ATOM   1419 C CD    . ARG B 1 87 ? -7.112  4.441   1.425   1.00 4.41  ? 87  ARG B CD    1 
ATOM   1420 N NE    . ARG B 1 87 ? -6.851  4.670   2.888   1.00 7.64  ? 87  ARG B NE    1 
ATOM   1421 C CZ    . ARG B 1 87 ? -7.518  5.532   3.683   1.00 9.90  ? 87  ARG B CZ    1 
ATOM   1422 N NH1   . ARG B 1 87 ? -8.564  6.246   3.231   1.00 10.46 ? 87  ARG B NH1   1 
ATOM   1423 N NH2   . ARG B 1 87 ? -7.158  5.678   4.944   1.00 9.72  ? 87  ARG B NH2   1 
ATOM   1424 N N     . ASN B 1 88 ? -4.978  9.830   0.411   1.00 4.22  ? 88  ASN B N     1 
ATOM   1425 C CA    . ASN B 1 88 ? -5.286  11.242  0.362   1.00 5.94  ? 88  ASN B CA    1 
ATOM   1426 C C     . ASN B 1 88 ? -5.255  11.827  -1.051  1.00 6.63  ? 88  ASN B C     1 
ATOM   1427 O O     . ASN B 1 88 ? -6.108  12.600  -1.459  1.00 8.19  ? 88  ASN B O     1 
ATOM   1428 C CB    . ASN B 1 88 ? -4.515  12.044  1.424   1.00 6.78  ? 88  ASN B CB    1 
ATOM   1429 C CG    . ASN B 1 88 ? -3.104  12.316  1.054   1.00 9.95  ? 88  ASN B CG    1 
ATOM   1430 O OD1   . ASN B 1 88 ? -2.652  13.509  1.029   1.00 11.52 ? 88  ASN B OD1   1 
ATOM   1431 N ND2   . ASN B 1 88 ? -2.344  11.256  0.885   1.00 5.36  ? 88  ASN B ND2   1 
ATOM   1432 N N     . ILE B 1 89 ? -4.254  11.448  -1.806  1.00 6.25  ? 89  ILE B N     1 
ATOM   1433 C CA    . ILE B 1 89 ? -4.128  11.907  -3.120  1.00 6.57  ? 89  ILE B CA    1 
ATOM   1434 C C     . ILE B 1 89 ? -4.995  11.092  -4.043  1.00 4.94  ? 89  ILE B C     1 
ATOM   1435 O O     . ILE B 1 89 ? -5.574  11.642  -4.953  1.00 6.54  ? 89  ILE B O     1 
ATOM   1436 C CB    . ILE B 1 89 ? -2.662  11.881  -3.547  1.00 6.69  ? 89  ILE B CB    1 
ATOM   1437 C CG1   . ILE B 1 89 ? -1.921  12.976  -2.793  1.00 9.04  ? 89  ILE B CG1   1 
ATOM   1438 C CG2   . ILE B 1 89 ? -2.601  12.148  -5.075  1.00 5.88  ? 89  ILE B CG2   1 
ATOM   1439 C CD1   . ILE B 1 89 ? -0.420  13.010  -3.055  1.00 6.89  ? 89  ILE B CD1   1 
ATOM   1440 N N     . LEU B 1 90 ? -5.043  9.742   -3.891  1.00 4.33  ? 90  LEU B N     1 
ATOM   1441 C CA    . LEU B 1 90 ? -5.832  8.941   -4.786  1.00 5.25  ? 90  LEU B CA    1 
ATOM   1442 C C     . LEU B 1 90 ? -7.294  9.393   -4.839  1.00 5.87  ? 90  LEU B C     1 
ATOM   1443 O O     . LEU B 1 90 ? -7.958  9.336   -5.866  1.00 5.33  ? 90  LEU B O     1 
ATOM   1444 C CB    . LEU B 1 90 ? -5.718  7.426   -4.498  1.00 5.11  ? 90  LEU B CB    1 
ATOM   1445 C CG    . LEU B 1 90 ? -4.262  6.906   -4.483  1.00 4.01  ? 90  LEU B CG    1 
ATOM   1446 C CD1   . LEU B 1 90 ? -4.207  5.398   -4.259  1.00 6.30  ? 90  LEU B CD1   1 
ATOM   1447 C CD2   . LEU B 1 90 ? -3.548  7.245   -5.754  1.00 4.95  ? 90  LEU B CD2   1 
ATOM   1448 N N     . THR B 1 91 ? -7.797  9.773   -3.662  1.00 6.08  ? 91  THR B N     1 
ATOM   1449 C CA    . THR B 1 91 ? -9.189  10.193  -3.546  1.00 7.21  ? 91  THR B CA    1 
ATOM   1450 C C     . THR B 1 91 ? -9.445  11.494  -4.294  1.00 7.54  ? 91  THR B C     1 
ATOM   1451 O O     . THR B 1 91 ? -10.457 11.646  -5.023  1.00 10.70 ? 91  THR B O     1 
ATOM   1452 C CB    . THR B 1 91 ? -9.571  10.293  -2.060  1.00 6.69  ? 91  THR B CB    1 
ATOM   1453 O OG1   . THR B 1 91 ? -9.481  9.028   -1.497  1.00 9.89  ? 91  THR B OG1   1 
ATOM   1454 C CG2   . THR B 1 91 ? -11.025 10.675  -1.993  1.00 9.53  ? 91  THR B CG2   1 
ATOM   1455 N N     . ALA B 1 92 ? -8.521  12.410  -4.136  1.00 9.91  ? 92  ALA B N     1 
ATOM   1456 C CA    . ALA B 1 92 ? -8.547  13.699  -4.807  1.00 8.96  ? 92  ALA B CA    1 
ATOM   1457 C C     . ALA B 1 92 ? -8.550  13.514  -6.325  1.00 11.59 ? 92  ALA B C     1 
ATOM   1458 O O     . ALA B 1 92 ? -9.197  14.269  -7.030  1.00 11.24 ? 92  ALA B O     1 
ATOM   1459 C CB    . ALA B 1 92 ? -7.427  14.567  -4.363  1.00 9.54  ? 92  ALA B CB    1 
ATOM   1460 N N     . LEU B 1 93 ? -7.841  12.465  -6.818  1.00 9.74  ? 93  LEU B N     1 
ATOM   1461 C CA    . LEU B 1 93 ? -7.760  12.224  -8.238  1.00 9.27  ? 93  LEU B CA    1 
ATOM   1462 C C     . LEU B 1 93 ? -8.995  11.497  -8.802  1.00 10.25 ? 93  LEU B C     1 
ATOM   1463 O O     . LEU B 1 93 ? -9.160  11.397  -10.007 1.00 10.07 ? 93  LEU B O     1 
ATOM   1464 C CB    . LEU B 1 93 ? -6.516  11.396  -8.651  1.00 8.44  ? 93  LEU B CB    1 
ATOM   1465 C CG    . LEU B 1 93 ? -5.171  11.924  -8.240  1.00 8.16  ? 93  LEU B CG    1 
ATOM   1466 C CD1   . LEU B 1 93 ? -4.123  10.854  -8.497  1.00 11.63 ? 93  LEU B CD1   1 
ATOM   1467 C CD2   . LEU B 1 93 ? -4.805  13.130  -9.075  1.00 8.00  ? 93  LEU B CD2   1 
ATOM   1468 N N     . GLY B 1 94 ? -9.813  10.901  -7.902  1.00 9.46  ? 94  GLY B N     1 
ATOM   1469 C CA    . GLY B 1 94 ? -10.954 10.157  -8.268  1.00 5.61  ? 94  GLY B CA    1 
ATOM   1470 C C     . GLY B 1 94 ? -10.557 8.735   -8.664  1.00 8.22  ? 94  GLY B C     1 
ATOM   1471 O O     . GLY B 1 94 ? -11.197 8.128   -9.494  1.00 7.28  ? 94  GLY B O     1 
ATOM   1472 N N     . MET B 1 95 ? -9.481  8.196   -8.108  1.00 5.81  ? 95  MET B N     1 
ATOM   1473 C CA    . MET B 1 95 ? -9.075  6.856   -8.461  1.00 10.68 ? 95  MET B CA    1 
ATOM   1474 C C     . MET B 1 95 ? -9.879  5.814   -7.672  1.00 11.32 ? 95  MET B C     1 
ATOM   1475 O O     . MET B 1 95 ? -10.337 6.113   -6.568  1.00 12.94 ? 95  MET B O     1 
ATOM   1476 C CB    . MET B 1 95 ? -7.556  6.875   -8.162  1.00 12.89 ? 95  MET B CB    1 
ATOM   1477 C CG    . MET B 1 95 ? -6.748  5.727   -8.719  1.00 18.81 ? 95  MET B CG    1 
ATOM   1478 S SD    . MET B 1 95 ? -5.082  6.302   -9.058  1.00 20.64 ? 95  MET B SD    1 
ATOM   1479 C CE    . MET B 1 95 ? -4.795  5.272   -10.487 1.00 21.42 ? 95  MET B CE    1 
ATOM   1480 N N     . SER B 1 96 ? -10.137 4.605   -8.215  1.00 6.48  ? 96  SER B N     1 
ATOM   1481 C CA    . SER B 1 96 ? -10.837 3.574   -7.448  1.00 6.56  ? 96  SER B CA    1 
ATOM   1482 C C     . SER B 1 96 ? -10.170 2.204   -7.682  1.00 8.52  ? 96  SER B C     1 
ATOM   1483 O O     . SER B 1 96 ? -9.434  2.021   -8.663  1.00 8.60  ? 96  SER B O     1 
ATOM   1484 C CB    . SER B 1 96 ? -12.307 3.470   -7.814  1.00 8.27  ? 96  SER B CB    1 
ATOM   1485 O OG    . SER B 1 96 ? -12.373 3.197   -9.198  1.00 11.35 ? 96  SER B OG    1 
ATOM   1486 N N     . LEU B 1 97 ? -10.429 1.267   -6.787  1.00 8.31  ? 97  LEU B N     1 
ATOM   1487 C CA    . LEU B 1 97 ? -9.930  -0.134  -6.899  1.00 12.60 ? 97  LEU B CA    1 
ATOM   1488 C C     . LEU B 1 97 ? -11.140 -0.934  -7.345  1.00 13.39 ? 97  LEU B C     1 
ATOM   1489 O O     . LEU B 1 97 ? -12.152 -0.862  -6.684  1.00 13.84 ? 97  LEU B O     1 
ATOM   1490 C CB    . LEU B 1 97 ? -9.658  -0.720  -5.485  1.00 15.01 ? 97  LEU B CB    1 
ATOM   1491 C CG    . LEU B 1 97 ? -8.246  -1.047  -5.110  1.00 16.51 ? 97  LEU B CG    1 
ATOM   1492 C CD1   . LEU B 1 97 ? -8.239  -1.968  -3.910  1.00 15.94 ? 97  LEU B CD1   1 
ATOM   1493 C CD2   . LEU B 1 97 ? -7.411  -1.626  -6.275  1.00 15.58 ? 97  LEU B CD2   1 
ATOM   1494 N N     . ASN B 1 98 ? -11.032 -1.724  -8.382  1.00 11.74 ? 98  ASN B N     1 
ATOM   1495 C CA    . ASN B 1 98 ? -12.161 -2.434  -8.902  1.00 12.74 ? 98  ASN B CA    1 
ATOM   1496 C C     . ASN B 1 98 ? -11.841 -3.886  -9.190  1.00 14.04 ? 98  ASN B C     1 
ATOM   1497 O O     . ASN B 1 98 ? -10.733 -4.226  -9.514  1.00 13.97 ? 98  ASN B O     1 
ATOM   1498 C CB    . ASN B 1 98 ? -12.388 -1.824  -10.270 1.00 14.74 ? 98  ASN B CB    1 
ATOM   1499 C CG    . ASN B 1 98 ? -12.796 -0.375  -10.196 1.00 18.76 ? 98  ASN B CG    1 
ATOM   1500 O OD1   . ASN B 1 98 ? -13.924 -0.078  -10.523 1.00 23.25 ? 98  ASN B OD1   1 
ATOM   1501 N ND2   . ASN B 1 98 ? -11.908 0.520   -9.816  1.00 21.48 ? 98  ASN B ND2   1 
ATOM   1502 N N     . LEU B 1 99 ? -12.875 -4.672  -9.218  1.00 14.64 ? 99  LEU B N     1 
ATOM   1503 C CA    . LEU B 1 99 ? -12.852 -6.097  -9.548  1.00 18.03 ? 99  LEU B CA    1 
ATOM   1504 C C     . LEU B 1 99 ? -14.125 -6.356  -10.342 1.00 20.74 ? 99  LEU B C     1 
ATOM   1505 O O     . LEU B 1 99 ? -15.255 -6.131  -9.795  1.00 21.98 ? 99  LEU B O     1 
ATOM   1506 C CB    . LEU B 1 99 ? -12.885 -6.862  -8.215  1.00 18.32 ? 99  LEU B CB    1 
ATOM   1507 C CG    . LEU B 1 99 ? -13.151 -8.369  -8.249  1.00 20.77 ? 99  LEU B CG    1 
ATOM   1508 C CD1   . LEU B 1 99 ? -11.863 -9.133  -8.545  1.00 22.12 ? 99  LEU B CD1   1 
ATOM   1509 C CD2   . LEU B 1 99 ? -13.577 -8.804  -6.854  1.00 21.20 ? 99  LEU B CD2   1 
ATOM   1510 O OXT   . LEU B 1 99 ? -14.038 -6.656  -11.548 1.00 21.66 ? 99  LEU B OXT   1 
HETATM 1511 C C     . 0PO C 2 .  ? -0.282  3.304   7.046   1.00 13.64 ? 100 0PO B C     1 
HETATM 1512 O O1    . 0PO C 2 .  ? -1.110  3.768   6.218   1.00 10.49 ? 100 0PO B O1    1 
HETATM 1513 N N1    . 0PO C 2 .  ? 0.334   2.487   9.268   1.00 16.23 ? 100 0PO B N1    1 
HETATM 1514 C C2    . 0PO C 2 .  ? -0.612  2.872   8.379   1.00 15.60 ? 100 0PO B C2    1 
HETATM 1515 C C3    . 0PO C 2 .  ? -1.923  2.706   8.804   1.00 17.57 ? 100 0PO B C3    1 
HETATM 1516 C C4    . 0PO C 2 .  ? -2.195  2.224   10.085  1.00 16.88 ? 100 0PO B C4    1 
HETATM 1517 C C5    . 0PO C 2 .  ? -1.396  1.358   12.228  1.00 19.50 ? 100 0PO B C5    1 
HETATM 1518 C C6    . 0PO C 2 .  ? -0.356  1.024   13.070  1.00 16.80 ? 100 0PO B C6    1 
HETATM 1519 C C7    . 0PO C 2 .  ? 0.927   1.187   12.618  1.00 18.87 ? 100 0PO B C7    1 
HETATM 1520 C C8    . 0PO C 2 .  ? 1.179   1.638   11.315  1.00 17.31 ? 100 0PO B C8    1 
HETATM 1521 C C9    . 0PO C 2 .  ? -1.152  1.851   10.931  1.00 17.75 ? 100 0PO B C9    1 
HETATM 1522 C C10   . 0PO C 2 .  ? 0.124   1.997   10.495  1.00 17.54 ? 100 0PO B C10   1 
HETATM 1523 N N     . 0PO C 2 .  ? 1.021   3.132   6.715   1.00 12.65 ? 100 0PO B N     1 
HETATM 1524 C CA    . 0PO C 2 .  ? 1.615   3.420   5.419   1.00 11.67 ? 100 0PO B CA    1 
HETATM 1525 C C1    . 0PO C 2 .  ? 2.228   2.127   4.956   1.00 10.99 ? 100 0PO B C1    1 
HETATM 1526 O O     . 0PO C 2 .  ? 3.347   1.777   5.320   1.00 9.36  ? 100 0PO B O     1 
HETATM 1527 C CB    . 0PO C 2 .  ? 2.558   4.625   5.384   1.00 13.65 ? 100 0PO B CB    1 
HETATM 1528 C CG1   . 0PO C 2 .  ? 3.246   4.730   4.031   1.00 13.76 ? 100 0PO B CG1   1 
HETATM 1529 C CG2   . 0PO C 2 .  ? 1.774   5.911   5.703   1.00 14.10 ? 100 0PO B CG2   1 
HETATM 1530 N N2    . 0PO C 2 .  ? 1.455   1.341   4.214   1.00 11.00 ? 100 0PO B N2    1 
HETATM 1531 C CA1   . 0PO C 2 .  ? 1.973   0.063   3.728   1.00 8.39  ? 100 0PO B CA1   1 
HETATM 1532 C CC    . 0PO C 2 .  ? 2.198   0.157   2.235   1.00 10.79 ? 100 0PO B CC    1 
HETATM 1533 O OXT   . 0PO C 2 .  ? 0.955   0.153   1.520   1.00 10.22 ? 100 0PO B OXT   1 
HETATM 1534 C CB1   . 0PO C 2 .  ? 1.031   -1.072  4.182   1.00 12.03 ? 100 0PO B CB1   1 
HETATM 1535 C CG    . 0PO C 2 .  ? 0.752   -1.017  5.663   1.00 11.83 ? 100 0PO B CG    1 
HETATM 1536 C CD1   . 0PO C 2 .  ? -0.487  -0.634  6.176   1.00 12.98 ? 100 0PO B CD1   1 
HETATM 1537 C CD2   . 0PO C 2 .  ? 1.750   -1.347  6.578   1.00 13.34 ? 100 0PO B CD2   1 
HETATM 1538 C CE1   . 0PO C 2 .  ? -0.714  -0.574  7.557   1.00 14.04 ? 100 0PO B CE1   1 
HETATM 1539 C CE2   . 0PO C 2 .  ? 1.536   -1.303  7.963   1.00 14.85 ? 100 0PO B CE2   1 
HETATM 1540 C CZ    . 0PO C 2 .  ? 0.314   -0.854  8.458   1.00 11.70 ? 100 0PO B CZ    1 
HETATM 1541 C CM    . 0PO C 2 .  ? 3.053   -0.925  1.627   1.00 12.61 ? 100 0PO B CM    1 
HETATM 1542 N N11   . 0PO C 2 .  ? 4.434   -0.520  1.725   1.00 14.82 ? 100 0PO B N11   1 
HETATM 1543 C C21   . 0PO C 2 .  ? 5.339   -1.704  1.687   1.00 16.53 ? 100 0PO B C21   1 
HETATM 1544 C C31   . 0PO C 2 .  ? 6.769   -1.237  1.806   1.00 19.39 ? 100 0PO B C31   1 
HETATM 1545 C C41   . 0PO C 2 .  ? 7.196   0.048   1.096   1.00 19.89 ? 100 0PO B C41   1 
HETATM 1546 C C51   . 0PO C 2 .  ? 6.203   1.134   1.334   1.00 15.43 ? 100 0PO B C51   1 
HETATM 1547 C C61   . 0PO C 2 .  ? 4.869   0.593   0.845   1.00 13.07 ? 100 0PO B C61   1 
HETATM 1548 C CD    . 0PO C 2 .  ? 5.010   -2.752  2.732   1.00 15.73 ? 100 0PO B CD    1 
HETATM 1549 O O2    . 0PO C 2 .  ? 4.781   -2.347  3.902   1.00 17.57 ? 100 0PO B O2    1 
HETATM 1550 N N12   . 0PO C 2 .  ? 11.808  -1.063  -0.988  1.00 32.86 ? 100 0PO B N12   1 
HETATM 1551 C C22   . 0PO C 2 .  ? 10.721  -1.168  -0.187  1.00 32.08 ? 100 0PO B C22   1 
HETATM 1552 C C32   . 0PO C 2 .  ? 10.869  -1.338  1.206   1.00 30.53 ? 100 0PO B C32   1 
HETATM 1553 C C42   . 0PO C 2 .  ? 12.133  -1.371  1.780   1.00 32.67 ? 100 0PO B C42   1 
HETATM 1554 C C52   . 0PO C 2 .  ? 13.239  -1.262  0.927   1.00 34.32 ? 100 0PO B C52   1 
HETATM 1555 C C62   . 0PO C 2 .  ? 13.033  -1.127  -0.460  1.00 33.54 ? 100 0PO B C62   1 
HETATM 1556 C CE    . 0PO C 2 .  ? 9.637   -1.302  2.025   1.00 27.64 ? 100 0PO B CE    1 
HETATM 1557 S S     . 0PO C 2 .  ? 8.897   0.338   1.657   1.00 21.35 ? 100 0PO B S     1 
HETATM 1558 N N3    . 0PO C 2 .  ? 5.050   -4.041  2.186   1.00 14.53 ? 100 0PO B N3    1 
HETATM 1559 C "C1'" . 0PO C 2 .  ? 4.804   -5.234  2.909   1.00 12.94 ? 100 0PO B "C1'" 1 
HETATM 1560 C "C2'" . 0PO C 2 .  ? 4.860   -6.405  1.940   1.00 13.54 ? 100 0PO B "C2'" 1 
HETATM 1561 C "C3'" . 0PO C 2 .  ? 3.442   -5.175  3.543   1.00 8.48  ? 100 0PO B "C3'" 1 
HETATM 1562 C "C4'" . 0PO C 2 .  ? 5.875   -5.491  3.977   1.00 14.33 ? 100 0PO B "C4'" 1 
HETATM 1563 O O     . HOH D 3 .  ? 6.249   -4.184  -0.738  1.00 7.18  ? 302 HOH A O     1 
HETATM 1564 O O     . HOH D 3 .  ? 1.708   -15.809 -4.725  1.00 9.95  ? 308 HOH A O     1 
HETATM 1565 O O     . HOH D 3 .  ? -16.632 2.484   -2.360  1.00 21.85 ? 309 HOH A O     1 
HETATM 1566 O O     . HOH D 3 .  ? 2.092   -19.985 -3.435  1.00 14.59 ? 310 HOH A O     1 
HETATM 1567 O O     . HOH D 3 .  ? 3.564   -2.398  -5.095  1.00 12.49 ? 313 HOH A O     1 
HETATM 1568 O O     . HOH D 3 .  ? -4.382  -6.931  -12.088 1.00 20.96 ? 316 HOH A O     1 
HETATM 1569 O O     . HOH D 3 .  ? 3.116   -12.799 -0.200  1.00 13.33 ? 317 HOH A O     1 
HETATM 1570 O O     . HOH D 3 .  ? -6.367  -6.222  9.460   1.00 14.03 ? 321 HOH A O     1 
HETATM 1571 O O     . HOH D 3 .  ? -12.158 2.099   0.186   1.00 18.73 ? 323 HOH A O     1 
HETATM 1572 O O     . HOH D 3 .  ? 4.803   -16.348 -4.761  1.00 18.15 ? 326 HOH A O     1 
HETATM 1573 O O     . HOH D 3 .  ? -16.053 -8.093  3.302   1.00 25.46 ? 327 HOH A O     1 
HETATM 1574 O O     . HOH D 3 .  ? -10.837 4.014   6.976   1.00 19.30 ? 331 HOH A O     1 
HETATM 1575 O O     . HOH D 3 .  ? -8.815  -9.509  11.389  1.00 20.92 ? 332 HOH A O     1 
HETATM 1576 O O     . HOH D 3 .  ? -0.020  -15.007 -7.025  1.00 27.59 ? 333 HOH A O     1 
HETATM 1577 O O     . HOH D 3 .  ? -14.627 -10.742 0.767   1.00 24.07 ? 335 HOH A O     1 
HETATM 1578 O O     . HOH D 3 .  ? -14.599 4.471   0.524   1.00 18.71 ? 336 HOH A O     1 
HETATM 1579 O O     . HOH D 3 .  ? 9.576   -5.398  1.313   1.00 26.83 ? 339 HOH A O     1 
HETATM 1580 O O     . HOH D 3 .  ? -7.490  -12.742 -12.873 1.00 25.29 ? 342 HOH A O     1 
HETATM 1581 O O     . HOH D 3 .  ? -5.087  -18.616 -8.181  1.00 27.20 ? 343 HOH A O     1 
HETATM 1582 O O     . HOH D 3 .  ? -5.735  -11.390 12.339  1.00 27.81 ? 346 HOH A O     1 
HETATM 1583 O O     . HOH D 3 .  ? 5.976   -2.212  -2.762  1.00 27.81 ? 347 HOH A O     1 
HETATM 1584 O O     . HOH D 3 .  ? -10.695 9.983   4.717   1.00 34.48 ? 348 HOH A O     1 
HETATM 1585 O O     . HOH D 3 .  ? -8.392  -0.975  9.223   1.00 19.79 ? 356 HOH A O     1 
HETATM 1586 O O     . HOH D 3 .  ? -2.654  -7.399  12.118  1.00 32.32 ? 358 HOH A O     1 
HETATM 1587 O O     . HOH D 3 .  ? -7.539  -23.704 8.904   1.00 38.26 ? 359 HOH A O     1 
HETATM 1588 O O     . HOH D 3 .  ? 8.428   -7.381  0.055   1.00 43.54 ? 360 HOH A O     1 
HETATM 1589 O O     . HOH D 3 .  ? -5.175  -9.757  -13.151 1.00 20.16 ? 363 HOH A O     1 
HETATM 1590 O O     . HOH D 3 .  ? 7.049   -10.746 13.012  1.00 28.52 ? 365 HOH A O     1 
HETATM 1591 O O     . HOH D 3 .  ? 1.930   -25.304 6.895   1.00 28.47 ? 366 HOH A O     1 
HETATM 1592 O O     . HOH D 3 .  ? -6.228  -16.358 -10.680 1.00 23.62 ? 367 HOH A O     1 
HETATM 1593 O O     . HOH D 3 .  ? -10.425 -5.001  -12.915 1.00 26.99 ? 371 HOH A O     1 
HETATM 1594 O O     . HOH D 3 .  ? 12.798  -0.715  4.990   1.00 32.43 ? 374 HOH A O     1 
HETATM 1595 O O     . HOH D 3 .  ? 1.270   -23.819 3.259   1.00 36.81 ? 375 HOH A O     1 
HETATM 1596 O O     . HOH D 3 .  ? 6.535   -7.512  -9.194  1.00 26.88 ? 376 HOH A O     1 
HETATM 1597 O O     . HOH D 3 .  ? -12.894 -18.111 -8.032  1.00 29.01 ? 379 HOH A O     1 
HETATM 1598 O O     . HOH D 3 .  ? 5.292   -15.657 11.978  1.00 30.59 ? 381 HOH A O     1 
HETATM 1599 O O     . HOH D 3 .  ? -0.139  -7.762  14.897  1.00 35.14 ? 384 HOH A O     1 
HETATM 1600 O O     . HOH D 3 .  ? 14.916  0.168   11.389  1.00 33.37 ? 385 HOH A O     1 
HETATM 1601 O O     . HOH D 3 .  ? 6.111   -4.537  12.299  1.00 32.94 ? 387 HOH A O     1 
HETATM 1602 O O     . HOH D 3 .  ? 2.560   -10.770 15.915  1.00 45.83 ? 390 HOH A O     1 
HETATM 1603 O O     . HOH D 3 .  ? -7.843  -3.856  9.521   1.00 26.97 ? 394 HOH A O     1 
HETATM 1604 O O     . HOH D 3 .  ? 15.240  -2.983  10.701  1.00 44.67 ? 395 HOH A O     1 
HETATM 1605 O O     . HOH D 3 .  ? 13.397  4.031   7.121   1.00 31.88 ? 398 HOH A O     1 
HETATM 1606 O O     . HOH D 3 .  ? 5.020   -23.845 2.589   1.00 30.17 ? 401 HOH A O     1 
HETATM 1607 O O     . HOH D 3 .  ? -13.157 0.768   5.602   1.00 37.65 ? 408 HOH A O     1 
HETATM 1608 O O     . HOH D 3 .  ? -15.818 -14.551 -0.823  1.00 42.01 ? 410 HOH A O     1 
HETATM 1609 O O     . HOH D 3 .  ? -10.058 -15.557 -9.845  1.00 38.51 ? 412 HOH A O     1 
HETATM 1610 O O     . HOH D 3 .  ? 6.314   -10.145 -4.830  1.00 27.31 ? 415 HOH A O     1 
HETATM 1611 O O     . HOH E 3 .  ? 5.185   -0.376  5.717   1.00 7.70  ? 301 HOH B O     1 
HETATM 1612 O O     . HOH E 3 .  ? -4.478  15.901  1.422   1.00 8.80  ? 303 HOH B O     1 
HETATM 1613 O O     . HOH E 3 .  ? -5.270  2.560   3.361   1.00 6.68  ? 304 HOH B O     1 
HETATM 1614 O O     . HOH E 3 .  ? 3.874   20.717  -9.537  1.00 11.42 ? 305 HOH B O     1 
HETATM 1615 O O     . HOH E 3 .  ? 0.029   12.856  3.310   1.00 13.98 ? 306 HOH B O     1 
HETATM 1616 O O     . HOH E 3 .  ? -6.318  15.261  -0.431  1.00 15.66 ? 307 HOH B O     1 
HETATM 1617 O O     . HOH E 3 .  ? -3.497  1.939   5.606   1.00 9.68  ? 311 HOH B O     1 
HETATM 1618 O O     . HOH E 3 .  ? -4.816  21.697  4.272   1.00 16.83 ? 312 HOH B O     1 
HETATM 1619 O O     . HOH E 3 .  ? -3.180  20.005  2.266   1.00 13.81 ? 314 HOH B O     1 
HETATM 1620 O O     . HOH E 3 .  ? 12.259  7.168   -2.067  1.00 19.32 ? 315 HOH B O     1 
HETATM 1621 O O     . HOH E 3 .  ? -0.773  26.506  -9.253  1.00 17.51 ? 318 HOH B O     1 
HETATM 1622 O O     . HOH E 3 .  ? -11.740 7.376   -4.761  1.00 16.18 ? 319 HOH B O     1 
HETATM 1623 O O     . HOH E 3 .  ? 12.994  10.418  7.759   1.00 15.25 ? 320 HOH B O     1 
HETATM 1624 O O     . HOH E 3 .  ? 7.329   -3.779  -10.734 1.00 15.58 ? 322 HOH B O     1 
HETATM 1625 O O     . HOH E 3 .  ? 11.500  19.020  2.725   1.00 18.45 ? 324 HOH B O     1 
HETATM 1626 O O     . HOH E 3 .  ? -4.550  16.078  4.901   1.00 16.62 ? 325 HOH B O     1 
HETATM 1627 O O     . HOH E 3 .  ? 12.077  9.488   -8.324  1.00 18.16 ? 328 HOH B O     1 
HETATM 1628 O O     . HOH E 3 .  ? 6.753   -0.578  -12.379 1.00 26.81 ? 329 HOH B O     1 
HETATM 1629 O O     . HOH E 3 .  ? 1.007   -4.202  -14.499 1.00 17.69 ? 330 HOH B O     1 
HETATM 1630 O O     . HOH E 3 .  ? 3.409   23.554  1.623   1.00 32.18 ? 334 HOH B O     1 
HETATM 1631 O O     . HOH E 3 .  ? 1.383   5.509   9.973   1.00 14.78 ? 337 HOH B O     1 
HETATM 1632 O O     . HOH E 3 .  ? 4.173   8.411   -15.732 1.00 29.85 ? 338 HOH B O     1 
HETATM 1633 O O     . HOH E 3 .  ? 3.010   23.264  4.915   1.00 29.23 ? 340 HOH B O     1 
HETATM 1634 O O     . HOH E 3 .  ? 9.651   5.834   -5.724  1.00 18.58 ? 341 HOH B O     1 
HETATM 1635 O O     . HOH E 3 .  ? 13.539  8.662   10.904  1.00 19.93 ? 344 HOH B O     1 
HETATM 1636 O O     . HOH E 3 .  ? 0.524   -1.640  -12.224 1.00 15.63 ? 345 HOH B O     1 
HETATM 1637 O O     . HOH E 3 .  ? 12.988  10.657  -4.788  1.00 17.41 ? 349 HOH B O     1 
HETATM 1638 O O     . HOH E 3 .  ? 4.332   23.856  -1.397  1.00 31.09 ? 350 HOH B O     1 
HETATM 1639 O O     . HOH E 3 .  ? -3.202  26.249  -2.818  1.00 28.70 ? 351 HOH B O     1 
HETATM 1640 O O     . HOH E 3 .  ? -7.232  18.512  -12.751 1.00 26.10 ? 352 HOH B O     1 
HETATM 1641 O O     . HOH E 3 .  ? 7.293   -9.470  -16.318 1.00 26.26 ? 353 HOH B O     1 
HETATM 1642 O O     . HOH E 3 .  ? -2.461  6.273   9.639   1.00 19.31 ? 354 HOH B O     1 
HETATM 1643 O O     . HOH E 3 .  ? -6.908  17.361  -1.634  1.00 32.49 ? 355 HOH B O     1 
HETATM 1644 O O     . HOH E 3 .  ? 3.583   25.775  -7.215  1.00 23.13 ? 357 HOH B O     1 
HETATM 1645 O O     . HOH E 3 .  ? -3.676  25.908  -12.956 1.00 31.30 ? 361 HOH B O     1 
HETATM 1646 O O     . HOH E 3 .  ? -14.254 6.956   -6.849  1.00 29.23 ? 362 HOH B O     1 
HETATM 1647 O O     . HOH E 3 .  ? -12.417 5.586   -10.852 1.00 32.00 ? 364 HOH B O     1 
HETATM 1648 O O     . HOH E 3 .  ? 12.488  15.249  5.123   1.00 38.67 ? 368 HOH B O     1 
HETATM 1649 O O     . HOH E 3 .  ? -3.009  12.421  4.721   1.00 35.20 ? 369 HOH B O     1 
HETATM 1650 O O     . HOH E 3 .  ? -6.982  19.814  -5.083  1.00 26.87 ? 370 HOH B O     1 
HETATM 1651 O O     . HOH E 3 .  ? 2.840   12.285  14.110  1.00 31.31 ? 372 HOH B O     1 
HETATM 1652 O O     . HOH E 3 .  ? 12.917  21.737  5.196   1.00 27.03 ? 373 HOH B O     1 
HETATM 1653 O O     . HOH E 3 .  ? 1.963   21.360  8.079   1.00 40.90 ? 377 HOH B O     1 
HETATM 1654 O O     . HOH E 3 .  ? 12.718  -2.373  -5.303  1.00 36.44 ? 378 HOH B O     1 
HETATM 1655 O O     . HOH E 3 .  ? 12.183  -3.083  12.818  1.00 27.04 ? 380 HOH B O     1 
HETATM 1656 O O     . HOH E 3 .  ? 1.445   10.646  -14.320 1.00 30.03 ? 382 HOH B O     1 
HETATM 1657 O O     . HOH E 3 .  ? -3.100  17.425  -20.859 1.00 29.60 ? 383 HOH B O     1 
HETATM 1658 O O     . HOH E 3 .  ? -5.360  10.520  -16.735 1.00 29.53 ? 386 HOH B O     1 
HETATM 1659 O O     . HOH E 3 .  ? 7.641   25.280  2.687   1.00 30.77 ? 388 HOH B O     1 
HETATM 1660 O O     . HOH E 3 .  ? -0.962  16.047  -19.892 1.00 40.84 ? 389 HOH B O     1 
HETATM 1661 O O     . HOH E 3 .  ? -8.947  15.702  -10.067 1.00 44.01 ? 391 HOH B O     1 
HETATM 1662 O O     . HOH E 3 .  ? -2.529  26.487  5.309   1.00 41.71 ? 392 HOH B O     1 
HETATM 1663 O O     . HOH E 3 .  ? 12.295  14.908  0.225   1.00 40.34 ? 393 HOH B O     1 
HETATM 1664 O O     . HOH E 3 .  ? 5.550   15.511  16.535  1.00 37.06 ? 396 HOH B O     1 
HETATM 1665 O O     . HOH E 3 .  ? 13.710  19.026  3.707   1.00 29.47 ? 399 HOH B O     1 
HETATM 1666 O O     . HOH E 3 .  ? 2.507   25.584  -3.509  1.00 41.46 ? 402 HOH B O     1 
HETATM 1667 O O     . HOH E 3 .  ? 10.646  20.915  -13.866 1.00 31.45 ? 403 HOH B O     1 
HETATM 1668 O O     . HOH E 3 .  ? -12.604 10.001  -5.431  1.00 30.63 ? 404 HOH B O     1 
HETATM 1669 O O     . HOH E 3 .  ? 10.862  13.405  16.634  1.00 34.23 ? 405 HOH B O     1 
HETATM 1670 O O     . HOH E 3 .  ? 3.530   1.352   -13.778 1.00 42.75 ? 406 HOH B O     1 
HETATM 1671 O O     . HOH E 3 .  ? 0.583   -1.791  -15.450 1.00 34.08 ? 407 HOH B O     1 
HETATM 1672 O O     . HOH E 3 .  ? -12.239 9.396   -12.003 1.00 38.78 ? 409 HOH B O     1 
HETATM 1673 O O     . HOH E 3 .  ? 6.869   7.029   -15.053 1.00 46.43 ? 411 HOH B O     1 
HETATM 1674 O O     . HOH E 3 .  ? -9.036  7.601   5.944   1.00 31.03 ? 413 HOH B O     1 
HETATM 1675 O O     . HOH E 3 .  ? -6.950  6.924   8.593   1.00 42.25 ? 414 HOH B O     1 
# 
